data_9BHA
#
_entry.id   9BHA
#
_cell.length_a   1.00
_cell.length_b   1.00
_cell.length_c   1.00
_cell.angle_alpha   90.00
_cell.angle_beta   90.00
_cell.angle_gamma   90.00
#
_symmetry.space_group_name_H-M   'P 1'
#
loop_
_entity.id
_entity.type
_entity.pdbx_description
1 polymer 'DNA polymerase theta'
2 polymer "Stem-loop DNA with microhomology in the 3' overhang"
#
loop_
_entity_poly.entity_id
_entity_poly.type
_entity_poly.pdbx_seq_one_letter_code
_entity_poly.pdbx_strand_id
1 'polypeptide(L)'
;NLLRRSGKRRRSESGSDSFSGSGGDSSASPQFLSGSVLSPPPGLGRCLKAAAAGECKPTVPDYERDKLLLANWGLPKAVL
EKYHSFGVKKMFEWQAECLLLGQVLEGKNLVYSAPTSAGKTLVAELLILKRVLEMRKKALFILPFVSVAKEKKYYLQSLF
QEVGIKVDGYMGSTSPSRHFSSLDIAVCTIERANGLINRLIEENKMDLLGMVVVDELHMLGDSHRGYLLELLLTKICYIT
RKSASCQADLASSLSNAVQIVGMSATLPNLELVASWLNAELYHTDFRPVPLLESVKVGNSIYDSSMKLVREFEPMLQVKG
DEDHVVSLCYETICDNHSVLLFCPSKKWCEKLADIIAREFYNLHHQAEGLVKPSECPPVILEQKELLEVMDQLRRLPSGL
DSVLQKTVPWGVAFHHAGLTFEERDIIEGAFRQGLIRVLAATSTLSSGVNLPARRVIIRTPIFGGRPLDILTYKQMVGRA
GRKGVDTVGESILICKNSEKSKGIALLQGSLKPVRSCLQRREGEEVTGSMIRAILEIIVGGVASTSQDMHTYAACTFLAA
SMKEGKQGIQRNQESVQLGAIEACVMWLLENEFIQSTEASDGTEGKVYHPTHLGSATLSSSLSPADTLDIFADLQRAMKG
FVLENDLHILYLVTPMFEDWTTIDWYRFFCLWEKLPTSMKRVAELVGVEEGFLARCVKGKVVARTERQHRQMAIHKRFFT
SLVLLDLISEVPLREINQKYGCNRGQIQSLQQSAAVYAGMITVFSNRLGWHNMELLLSQFQKRLTFGIQRELCDLVRVSL
LNAQRARVLYASGFHTVADLARANIVEVEVILKNAVPFKSARKAVDEEEEAVEERRNMRTIWVTGRKGLTEREAAALIVE
EARMILQQDLVEM
;
A,B
2 'polydeoxyribonucleotide'
;(DT)(DT)(DT)(DT)(DT)(DT)(DT)(DT)(DT)(DT)(DT)(DT)(DT)(DT)(DT)(DT)(DC)(DA)(DC)(DT)
(DG)(DT)(DG)(DA)(DG)(DC)(DT)(DT)(DA)(DG)(DC)(DG)(DT)(DT)(DA)(DG)(DA)(DG)(DT)(DA)
(DG)(DG)(DT)(DT)(DT)(DT)(DT)(DT)(DT)(DG)(DC)(DC)(DC)(DG)(DG)(DG)
;
X,Y
#
loop_
_chem_comp.id
_chem_comp.type
_chem_comp.name
_chem_comp.formula
DA DNA linking 2'-DEOXYADENOSINE-5'-MONOPHOSPHATE 'C10 H14 N5 O6 P'
DC DNA linking 2'-DEOXYCYTIDINE-5'-MONOPHOSPHATE 'C9 H14 N3 O7 P'
DG DNA linking 2'-DEOXYGUANOSINE-5'-MONOPHOSPHATE 'C10 H14 N5 O7 P'
DT DNA linking THYMIDINE-5'-MONOPHOSPHATE 'C10 H15 N2 O8 P'
#
# COMPACT_ATOMS: atom_id res chain seq x y z
N ASP A 66 3.02 27.46 -62.59
CA ASP A 66 3.83 26.92 -61.51
C ASP A 66 3.16 27.11 -60.17
N LYS A 67 1.84 27.38 -60.21
CA LYS A 67 1.02 27.38 -59.00
C LYS A 67 1.16 26.08 -58.22
N LEU A 68 1.46 24.97 -58.90
CA LEU A 68 1.63 23.69 -58.23
C LEU A 68 3.01 23.55 -57.57
N LEU A 69 3.97 24.38 -57.95
CA LEU A 69 5.30 24.29 -57.35
C LEU A 69 5.27 24.76 -55.91
N LEU A 70 5.67 23.86 -55.00
CA LEU A 70 5.36 24.04 -53.58
C LEU A 70 6.04 25.27 -53.00
N ALA A 71 7.15 25.70 -53.59
CA ALA A 71 7.86 26.90 -53.14
C ALA A 71 6.99 28.15 -53.14
N ASN A 72 5.96 28.19 -53.97
CA ASN A 72 5.10 29.36 -54.04
C ASN A 72 4.16 29.49 -52.84
N TRP A 73 3.92 28.43 -52.09
CA TRP A 73 2.88 28.41 -51.08
C TRP A 73 3.32 28.97 -49.73
N GLY A 74 4.49 29.58 -49.65
CA GLY A 74 4.92 30.20 -48.41
C GLY A 74 5.44 29.25 -47.35
N LEU A 75 5.83 28.04 -47.73
CA LEU A 75 6.46 27.15 -46.78
C LEU A 75 7.80 27.74 -46.31
N PRO A 76 8.19 27.49 -45.07
CA PRO A 76 9.57 27.75 -44.67
C PRO A 76 10.55 26.81 -45.37
N LYS A 77 11.70 27.38 -45.77
CA LYS A 77 12.64 26.70 -46.65
C LYS A 77 13.03 25.33 -46.11
N ALA A 78 13.20 25.21 -44.79
CA ALA A 78 13.51 23.93 -44.18
C ALA A 78 12.46 22.87 -44.54
N VAL A 79 11.18 23.21 -44.37
CA VAL A 79 10.11 22.26 -44.64
C VAL A 79 10.01 21.96 -46.13
N LEU A 80 10.21 22.98 -46.97
CA LEU A 80 10.23 22.77 -48.42
C LEU A 80 11.30 21.76 -48.82
N GLU A 81 12.53 21.94 -48.32
CA GLU A 81 13.60 20.98 -48.58
C GLU A 81 13.31 19.62 -47.94
N LYS A 82 12.64 19.60 -46.78
CA LYS A 82 12.24 18.33 -46.21
C LYS A 82 11.19 17.64 -47.07
N TYR A 83 10.26 18.39 -47.68
CA TYR A 83 9.39 17.80 -48.68
C TYR A 83 10.17 17.39 -49.93
N HIS A 84 11.14 18.20 -50.34
CA HIS A 84 12.03 17.78 -51.42
C HIS A 84 12.78 16.50 -51.06
N SER A 85 13.20 16.38 -49.80
CA SER A 85 13.86 15.16 -49.34
C SER A 85 12.90 13.98 -49.30
N PHE A 86 11.79 14.13 -48.58
CA PHE A 86 10.91 13.01 -48.29
C PHE A 86 9.90 12.72 -49.40
N GLY A 87 9.61 13.68 -50.27
CA GLY A 87 8.48 13.52 -51.16
C GLY A 87 8.70 13.97 -52.59
N VAL A 88 7.90 14.94 -53.04
CA VAL A 88 7.93 15.41 -54.41
C VAL A 88 7.71 16.92 -54.40
N LYS A 89 8.25 17.60 -55.41
CA LYS A 89 8.37 19.04 -55.38
C LYS A 89 7.09 19.78 -55.71
N LYS A 90 6.15 19.15 -56.41
CA LYS A 90 4.91 19.80 -56.80
C LYS A 90 3.71 19.04 -56.27
N MET A 91 2.67 19.78 -55.89
CA MET A 91 1.42 19.18 -55.47
C MET A 91 0.64 18.66 -56.66
N PHE A 92 -0.20 17.65 -56.40
CA PHE A 92 -1.21 17.27 -57.37
C PHE A 92 -2.30 18.33 -57.46
N GLU A 93 -2.94 18.39 -58.63
CA GLU A 93 -3.93 19.44 -58.91
C GLU A 93 -5.11 19.38 -57.94
N TRP A 94 -5.52 18.19 -57.54
CA TRP A 94 -6.59 18.05 -56.55
C TRP A 94 -6.21 18.67 -55.21
N GLN A 95 -4.94 18.60 -54.83
CA GLN A 95 -4.49 19.23 -53.59
C GLN A 95 -4.55 20.75 -53.67
N ALA A 96 -4.20 21.30 -54.83
CA ALA A 96 -4.27 22.74 -55.05
C ALA A 96 -5.71 23.26 -55.02
N GLU A 97 -6.66 22.46 -55.50
CA GLU A 97 -8.08 22.80 -55.32
C GLU A 97 -8.49 22.71 -53.86
N CYS A 98 -8.16 21.62 -53.18
CA CYS A 98 -8.66 21.39 -51.83
C CYS A 98 -8.21 22.47 -50.85
N LEU A 99 -6.98 22.95 -50.98
CA LEU A 99 -6.50 24.07 -50.17
C LEU A 99 -7.16 25.41 -50.49
N LEU A 100 -7.86 25.54 -51.62
CA LEU A 100 -8.35 26.83 -52.09
C LEU A 100 -9.86 26.92 -52.14
N LEU A 101 -10.58 26.02 -51.47
CA LEU A 101 -11.96 26.29 -51.15
C LEU A 101 -12.07 27.56 -50.30
N GLY A 102 -13.06 28.39 -50.65
CA GLY A 102 -12.96 29.83 -50.41
C GLY A 102 -12.59 30.23 -48.98
N GLN A 103 -13.08 29.47 -48.00
CA GLN A 103 -12.87 29.84 -46.60
C GLN A 103 -11.92 28.93 -45.83
N VAL A 104 -11.36 27.90 -46.46
CA VAL A 104 -10.52 26.96 -45.72
C VAL A 104 -9.27 27.66 -45.18
N LEU A 105 -8.63 28.49 -46.02
CA LEU A 105 -7.51 29.30 -45.56
C LEU A 105 -7.94 30.45 -44.66
N GLU A 106 -9.23 30.73 -44.55
CA GLU A 106 -9.76 31.66 -43.56
C GLU A 106 -10.10 30.98 -42.24
N GLY A 107 -9.93 29.67 -42.13
CA GLY A 107 -10.19 28.95 -40.90
C GLY A 107 -11.53 28.26 -40.84
N LYS A 108 -12.23 28.12 -41.97
CA LYS A 108 -13.44 27.33 -42.03
C LYS A 108 -13.10 25.86 -41.75
N ASN A 109 -14.04 25.15 -41.14
CA ASN A 109 -13.86 23.72 -41.03
C ASN A 109 -13.82 23.10 -42.42
N LEU A 110 -13.15 21.97 -42.54
CA LEU A 110 -13.09 21.29 -43.83
C LEU A 110 -13.26 19.78 -43.66
N VAL A 111 -14.04 19.18 -44.55
CA VAL A 111 -13.99 17.74 -44.79
C VAL A 111 -13.59 17.54 -46.25
N TYR A 112 -12.69 16.60 -46.49
CA TYR A 112 -12.28 16.26 -47.84
C TYR A 112 -12.09 14.75 -47.94
N SER A 113 -12.06 14.26 -49.18
CA SER A 113 -11.80 12.84 -49.41
C SER A 113 -11.01 12.66 -50.69
N ALA A 114 -9.96 11.85 -50.62
CA ALA A 114 -9.16 11.47 -51.77
C ALA A 114 -8.57 10.09 -51.52
N PRO A 115 -8.27 9.33 -52.57
CA PRO A 115 -7.57 8.05 -52.37
C PRO A 115 -6.29 8.18 -51.57
N THR A 116 -6.00 7.14 -50.79
CA THR A 116 -4.86 7.11 -49.89
C THR A 116 -3.53 7.06 -50.62
N SER A 117 -3.52 6.74 -51.91
CA SER A 117 -2.30 6.79 -52.70
C SER A 117 -1.93 8.20 -53.14
N ALA A 118 -2.89 9.12 -53.17
CA ALA A 118 -2.57 10.52 -53.35
C ALA A 118 -1.86 11.05 -52.10
N GLY A 119 -1.40 12.30 -52.19
CA GLY A 119 -0.83 12.97 -51.02
C GLY A 119 -1.90 13.38 -50.03
N LYS A 120 -2.63 12.39 -49.52
CA LYS A 120 -3.82 12.62 -48.71
C LYS A 120 -3.57 13.61 -47.57
N THR A 121 -2.51 13.38 -46.79
CA THR A 121 -2.27 14.17 -45.60
C THR A 121 -1.55 15.48 -45.86
N LEU A 122 -1.08 15.73 -47.08
CA LEU A 122 -0.32 16.96 -47.35
C LEU A 122 -1.18 18.20 -47.13
N VAL A 123 -2.45 18.14 -47.52
CA VAL A 123 -3.38 19.23 -47.27
C VAL A 123 -3.50 19.52 -45.78
N ALA A 124 -3.79 18.48 -44.99
CA ALA A 124 -3.86 18.61 -43.54
C ALA A 124 -2.55 19.13 -42.94
N GLU A 125 -1.41 18.59 -43.39
CA GLU A 125 -0.13 19.02 -42.84
C GLU A 125 0.14 20.50 -43.12
N LEU A 126 -0.19 20.98 -44.32
CA LEU A 126 -0.07 22.41 -44.60
C LEU A 126 -1.03 23.23 -43.75
N LEU A 127 -2.25 22.73 -43.54
CA LEU A 127 -3.21 23.42 -42.69
C LEU A 127 -2.79 23.40 -41.22
N ILE A 128 -2.22 22.29 -40.76
CA ILE A 128 -1.63 22.23 -39.43
C ILE A 128 -0.56 23.31 -39.28
N LEU A 129 0.43 23.30 -40.18
CA LEU A 129 1.56 24.22 -40.05
C LEU A 129 1.11 25.67 -40.12
N LYS A 130 0.21 26.00 -41.06
CA LYS A 130 -0.31 27.35 -41.18
C LYS A 130 -0.92 27.85 -39.88
N ARG A 131 -1.85 27.09 -39.30
CA ARG A 131 -2.52 27.54 -38.08
C ARG A 131 -1.54 27.66 -36.91
N VAL A 132 -0.62 26.71 -36.78
CA VAL A 132 0.29 26.74 -35.63
C VAL A 132 1.38 27.80 -35.81
N LEU A 133 1.77 28.11 -37.05
CA LEU A 133 2.63 29.27 -37.28
C LEU A 133 1.89 30.58 -37.04
N GLU A 134 0.66 30.69 -37.53
CA GLU A 134 -0.04 31.98 -37.53
C GLU A 134 -0.84 32.20 -36.24
N MET A 135 -1.65 31.23 -35.84
CA MET A 135 -2.48 31.37 -34.64
C MET A 135 -1.75 30.92 -33.39
N ARG A 136 -0.76 30.04 -33.53
CA ARG A 136 0.15 29.66 -32.45
C ARG A 136 -0.61 29.06 -31.28
N LYS A 137 -1.45 28.07 -31.58
CA LYS A 137 -2.24 27.38 -30.59
C LYS A 137 -2.09 25.87 -30.77
N LYS A 138 -2.39 25.14 -29.70
CA LYS A 138 -2.20 23.69 -29.70
C LYS A 138 -3.05 23.05 -30.79
N ALA A 139 -2.48 22.05 -31.47
CA ALA A 139 -3.22 21.28 -32.46
C ALA A 139 -3.25 19.82 -32.05
N LEU A 140 -4.34 19.15 -32.42
CA LEU A 140 -4.56 17.74 -32.12
C LEU A 140 -4.72 16.95 -33.41
N PHE A 141 -3.91 15.92 -33.58
CA PHE A 141 -3.93 15.06 -34.77
C PHE A 141 -4.38 13.68 -34.34
N ILE A 142 -5.51 13.22 -34.85
CA ILE A 142 -6.19 12.04 -34.36
C ILE A 142 -6.14 10.96 -35.44
N LEU A 143 -5.57 9.81 -35.09
CA LEU A 143 -5.26 8.75 -36.03
C LEU A 143 -5.85 7.43 -35.57
N PRO A 144 -6.22 6.54 -36.49
CA PRO A 144 -6.99 5.35 -36.11
C PRO A 144 -6.18 4.30 -35.37
N PHE A 145 -4.84 4.30 -35.45
CA PHE A 145 -4.05 3.24 -34.86
C PHE A 145 -2.74 3.80 -34.29
N VAL A 146 -2.20 3.07 -33.31
CA VAL A 146 -0.94 3.44 -32.66
C VAL A 146 0.22 3.41 -33.64
N SER A 147 0.28 2.40 -34.49
CA SER A 147 1.36 2.31 -35.48
C SER A 147 1.33 3.47 -36.47
N VAL A 148 0.15 3.82 -36.95
CA VAL A 148 0.02 5.02 -37.78
C VAL A 148 0.37 6.28 -36.99
N ALA A 149 -0.07 6.34 -35.73
CA ALA A 149 0.27 7.48 -34.88
C ALA A 149 1.77 7.64 -34.66
N LYS A 150 2.49 6.53 -34.47
CA LYS A 150 3.95 6.61 -34.36
C LYS A 150 4.60 7.01 -35.69
N GLU A 151 4.24 6.31 -36.77
CA GLU A 151 4.76 6.65 -38.10
C GLU A 151 4.53 8.12 -38.46
N LYS A 152 3.33 8.63 -38.19
CA LYS A 152 3.04 10.03 -38.48
C LYS A 152 3.73 10.99 -37.52
N LYS A 153 3.96 10.58 -36.26
CA LYS A 153 4.68 11.43 -35.33
C LYS A 153 6.12 11.67 -35.80
N TYR A 154 6.82 10.62 -36.22
CA TYR A 154 8.18 10.79 -36.74
C TYR A 154 8.19 11.63 -38.00
N TYR A 155 7.24 11.39 -38.90
CA TYR A 155 7.10 12.24 -40.08
C TYR A 155 6.92 13.71 -39.70
N LEU A 156 5.95 14.00 -38.85
CA LEU A 156 5.68 15.38 -38.45
C LEU A 156 6.86 16.00 -37.70
N GLN A 157 7.52 15.22 -36.83
CA GLN A 157 8.74 15.70 -36.21
C GLN A 157 9.83 15.97 -37.24
N SER A 158 10.10 15.00 -38.11
CA SER A 158 11.13 15.17 -39.13
C SER A 158 10.82 16.36 -40.04
N LEU A 159 9.53 16.66 -40.23
CA LEU A 159 9.12 17.75 -41.11
C LEU A 159 9.19 19.10 -40.41
N PHE A 160 8.74 19.18 -39.15
CA PHE A 160 8.57 20.45 -38.46
C PHE A 160 9.64 20.79 -37.43
N GLN A 161 10.40 19.80 -36.95
CA GLN A 161 11.26 20.04 -35.78
C GLN A 161 12.24 21.18 -36.02
N GLU A 162 12.71 21.35 -37.26
CA GLU A 162 13.61 22.45 -37.58
C GLU A 162 12.94 23.81 -37.43
N VAL A 163 11.60 23.84 -37.47
CA VAL A 163 10.87 25.06 -37.16
C VAL A 163 10.66 25.22 -35.65
N GLY A 164 10.85 24.15 -34.88
CA GLY A 164 10.65 24.20 -33.45
C GLY A 164 9.26 23.85 -32.99
N ILE A 165 8.41 23.33 -33.88
CA ILE A 165 7.09 22.87 -33.48
C ILE A 165 7.25 21.70 -32.53
N LYS A 166 6.77 21.87 -31.30
CA LYS A 166 6.95 20.88 -30.23
C LYS A 166 6.00 19.71 -30.42
N VAL A 167 6.33 18.89 -31.42
CA VAL A 167 5.54 17.70 -31.73
C VAL A 167 5.80 16.63 -30.68
N ASP A 168 4.71 16.10 -30.11
CA ASP A 168 4.73 14.82 -29.41
C ASP A 168 3.35 14.21 -29.53
N GLY A 169 3.07 13.17 -28.73
CA GLY A 169 1.81 12.50 -28.93
C GLY A 169 1.50 11.49 -27.85
N TYR A 170 0.29 10.96 -27.93
CA TYR A 170 -0.29 10.06 -26.94
C TYR A 170 -0.78 8.82 -27.67
N MET A 171 -0.11 7.69 -27.47
CA MET A 171 -0.42 6.51 -28.26
C MET A 171 0.19 5.28 -27.58
N GLY A 172 -0.62 4.23 -27.44
CA GLY A 172 -0.18 3.08 -26.68
C GLY A 172 0.24 3.47 -25.27
N SER A 173 1.42 2.97 -24.86
CA SER A 173 2.08 3.38 -23.63
C SER A 173 2.90 4.65 -23.77
N THR A 174 3.09 5.15 -24.99
CA THR A 174 3.87 6.36 -25.19
C THR A 174 3.13 7.58 -24.65
N SER A 175 3.89 8.52 -24.07
CA SER A 175 3.37 9.76 -23.54
C SER A 175 4.43 10.82 -23.73
N PRO A 176 4.04 12.10 -23.84
CA PRO A 176 5.04 13.15 -24.13
C PRO A 176 6.09 13.34 -23.06
N SER A 177 5.92 12.79 -21.85
CA SER A 177 6.76 13.12 -20.70
C SER A 177 6.80 14.63 -20.46
N ARG A 178 5.72 15.31 -20.85
CA ARG A 178 5.57 16.75 -20.69
C ARG A 178 4.09 17.04 -20.49
N HIS A 179 3.79 18.14 -19.80
CA HIS A 179 2.41 18.61 -19.73
C HIS A 179 1.96 19.20 -21.05
N PHE A 180 0.69 18.93 -21.39
CA PHE A 180 0.14 19.21 -22.71
C PHE A 180 0.34 20.67 -23.12
N SER A 181 0.17 21.59 -22.18
CA SER A 181 0.24 23.02 -22.48
C SER A 181 1.61 23.48 -22.98
N SER A 182 2.59 22.58 -23.03
CA SER A 182 3.86 22.91 -23.64
C SER A 182 4.03 22.37 -25.07
N LEU A 183 3.21 21.42 -25.50
CA LEU A 183 3.31 20.93 -26.86
C LEU A 183 2.64 21.89 -27.85
N ASP A 184 2.96 21.70 -29.13
CA ASP A 184 2.23 22.33 -30.22
C ASP A 184 1.38 21.36 -31.02
N ILE A 185 1.89 20.18 -31.34
CA ILE A 185 1.12 19.13 -32.00
C ILE A 185 1.03 17.95 -31.05
N ALA A 186 -0.18 17.52 -30.73
CA ALA A 186 -0.40 16.22 -30.09
C ALA A 186 -0.94 15.23 -31.11
N VAL A 187 -0.21 14.16 -31.35
CA VAL A 187 -0.66 13.09 -32.23
C VAL A 187 -1.26 11.99 -31.36
N CYS A 188 -2.46 11.54 -31.70
CA CYS A 188 -3.20 10.68 -30.79
C CYS A 188 -3.88 9.55 -31.55
N THR A 189 -4.11 8.46 -30.83
CA THR A 189 -5.16 7.51 -31.18
C THR A 189 -6.52 8.09 -30.77
N ILE A 190 -7.58 7.51 -31.35
CA ILE A 190 -8.93 7.96 -31.03
C ILE A 190 -9.19 7.87 -29.52
N GLU A 191 -8.83 6.73 -28.93
CA GLU A 191 -9.05 6.52 -27.50
C GLU A 191 -8.39 7.58 -26.65
N ARG A 192 -7.12 7.90 -26.92
CA ARG A 192 -6.41 8.90 -26.13
C ARG A 192 -6.69 10.35 -26.55
N ALA A 193 -7.22 10.57 -27.75
CA ALA A 193 -7.65 11.91 -28.13
C ALA A 193 -8.94 12.31 -27.40
N ASN A 194 -9.89 11.38 -27.29
CA ASN A 194 -11.08 11.61 -26.48
C ASN A 194 -10.75 11.77 -24.99
N GLY A 195 -9.94 10.85 -24.45
CA GLY A 195 -9.46 10.99 -23.09
C GLY A 195 -8.80 12.33 -22.77
N LEU A 196 -7.92 12.80 -23.65
CA LEU A 196 -7.29 14.11 -23.47
C LEU A 196 -8.30 15.25 -23.47
N ILE A 197 -9.30 15.19 -24.35
CA ILE A 197 -10.30 16.26 -24.40
C ILE A 197 -11.18 16.26 -23.15
N ASN A 198 -11.55 15.07 -22.63
CA ASN A 198 -12.21 15.01 -21.33
C ASN A 198 -11.41 15.72 -20.24
N ARG A 199 -10.11 15.47 -20.19
CA ARG A 199 -9.26 16.10 -19.17
C ARG A 199 -9.06 17.59 -19.43
N LEU A 200 -9.04 18.02 -20.69
CA LEU A 200 -9.07 19.45 -20.99
C LEU A 200 -10.36 20.09 -20.50
N ILE A 201 -11.47 19.35 -20.58
CA ILE A 201 -12.74 19.86 -20.08
C ILE A 201 -12.77 19.83 -18.55
N GLU A 202 -12.27 18.75 -17.95
CA GLU A 202 -12.19 18.68 -16.50
C GLU A 202 -11.26 19.75 -15.92
N GLU A 203 -10.11 19.97 -16.57
CA GLU A 203 -9.26 21.10 -16.19
C GLU A 203 -9.81 22.44 -16.68
N ASN A 204 -10.88 22.43 -17.46
CA ASN A 204 -11.44 23.63 -18.11
C ASN A 204 -10.39 24.39 -18.91
N LYS A 205 -9.39 23.69 -19.44
CA LYS A 205 -8.36 24.29 -20.28
C LYS A 205 -8.69 24.18 -21.76
N MET A 206 -9.95 23.89 -22.10
CA MET A 206 -10.38 23.73 -23.49
C MET A 206 -10.03 24.92 -24.37
N ASP A 207 -9.82 26.10 -23.77
CA ASP A 207 -9.36 27.26 -24.53
C ASP A 207 -8.01 27.03 -25.19
N LEU A 208 -7.21 26.10 -24.68
CA LEU A 208 -5.89 25.84 -25.26
C LEU A 208 -6.00 25.25 -26.66
N LEU A 209 -6.99 24.39 -26.90
CA LEU A 209 -7.07 23.64 -28.15
C LEU A 209 -7.46 24.58 -29.29
N GLY A 210 -6.63 24.61 -30.34
CA GLY A 210 -6.84 25.49 -31.46
C GLY A 210 -7.15 24.81 -32.78
N MET A 211 -6.91 23.50 -32.87
CA MET A 211 -7.20 22.77 -34.09
C MET A 211 -7.40 21.29 -33.75
N VAL A 212 -8.25 20.63 -34.52
CA VAL A 212 -8.39 19.18 -34.50
C VAL A 212 -8.37 18.66 -35.93
N VAL A 213 -7.61 17.60 -36.16
CA VAL A 213 -7.44 17.00 -37.47
C VAL A 213 -7.77 15.52 -37.35
N VAL A 214 -8.53 14.99 -38.32
CA VAL A 214 -9.17 13.69 -38.14
C VAL A 214 -9.05 12.88 -39.43
N ASP A 215 -8.31 11.77 -39.37
CA ASP A 215 -8.26 10.79 -40.43
C ASP A 215 -9.33 9.71 -40.24
N GLU A 216 -9.70 9.08 -41.36
CA GLU A 216 -10.76 8.06 -41.40
C GLU A 216 -12.02 8.48 -40.67
N LEU A 217 -12.46 9.71 -40.92
CA LEU A 217 -13.71 10.22 -40.34
C LEU A 217 -14.93 9.40 -40.73
N HIS A 218 -14.81 8.47 -41.68
CA HIS A 218 -15.87 7.49 -41.94
C HIS A 218 -16.03 6.43 -40.85
N MET A 219 -15.17 6.41 -39.84
CA MET A 219 -15.30 5.45 -38.74
C MET A 219 -16.50 5.72 -37.83
N LEU A 220 -17.26 6.80 -38.04
CA LEU A 220 -18.38 7.14 -37.18
C LEU A 220 -19.40 6.00 -37.01
N GLY A 221 -19.46 5.07 -37.95
CA GLY A 221 -20.46 4.02 -37.94
C GLY A 221 -20.14 2.74 -37.23
N ASP A 222 -19.00 2.65 -36.53
CA ASP A 222 -18.59 1.41 -35.88
C ASP A 222 -18.94 1.43 -34.38
N SER A 223 -19.54 0.32 -33.92
CA SER A 223 -19.90 0.17 -32.52
C SER A 223 -18.69 -0.06 -31.63
N HIS A 224 -17.62 -0.62 -32.19
CA HIS A 224 -16.45 -1.01 -31.40
C HIS A 224 -15.59 0.20 -31.06
N ARG A 225 -15.35 1.05 -32.06
CA ARG A 225 -14.44 2.17 -31.94
C ARG A 225 -14.89 3.22 -32.94
N GLY A 226 -14.37 4.44 -32.78
CA GLY A 226 -14.61 5.48 -33.75
C GLY A 226 -15.91 6.23 -33.57
N TYR A 227 -16.92 5.62 -32.94
CA TYR A 227 -18.02 6.43 -32.44
C TYR A 227 -17.52 7.52 -31.51
N LEU A 228 -16.40 7.25 -30.81
CA LEU A 228 -15.72 8.25 -30.00
C LEU A 228 -15.42 9.50 -30.81
N LEU A 229 -15.27 9.35 -32.12
CA LEU A 229 -14.98 10.47 -33.01
C LEU A 229 -16.19 11.35 -33.23
N GLU A 230 -17.40 10.81 -33.06
CA GLU A 230 -18.59 11.65 -33.01
C GLU A 230 -18.64 12.41 -31.69
N LEU A 231 -18.52 11.68 -30.58
CA LEU A 231 -18.53 12.28 -29.26
C LEU A 231 -17.44 13.35 -29.14
N LEU A 232 -16.25 13.05 -29.63
CA LEU A 232 -15.12 13.97 -29.54
C LEU A 232 -15.40 15.28 -30.28
N LEU A 233 -15.82 15.19 -31.54
CA LEU A 233 -16.17 16.39 -32.28
C LEU A 233 -17.43 17.06 -31.75
N THR A 234 -18.38 16.28 -31.24
CA THR A 234 -19.58 16.86 -30.64
C THR A 234 -19.25 17.68 -29.39
N LYS A 235 -18.35 17.17 -28.55
CA LYS A 235 -17.92 17.92 -27.37
C LYS A 235 -17.26 19.24 -27.78
N ILE A 236 -16.43 19.20 -28.82
CA ILE A 236 -15.79 20.41 -29.33
C ILE A 236 -16.83 21.37 -29.89
N CYS A 237 -17.74 20.84 -30.71
CA CYS A 237 -18.80 21.66 -31.29
C CYS A 237 -19.72 22.24 -30.22
N TYR A 238 -20.12 21.43 -29.24
CA TYR A 238 -21.02 21.92 -28.19
C TYR A 238 -20.39 23.06 -27.40
N ILE A 239 -19.16 22.87 -26.91
CA ILE A 239 -18.49 23.92 -26.17
C ILE A 239 -18.30 25.17 -27.04
N THR A 240 -18.00 24.97 -28.32
CA THR A 240 -17.89 26.11 -29.23
C THR A 240 -19.24 26.77 -29.48
N ARG A 241 -20.27 25.96 -29.79
CA ARG A 241 -21.59 26.52 -30.06
C ARG A 241 -22.19 27.19 -28.83
N LYS A 242 -22.04 26.58 -27.65
CA LYS A 242 -22.50 27.24 -26.44
C LYS A 242 -21.73 28.51 -26.15
N SER A 243 -20.45 28.57 -26.57
CA SER A 243 -19.69 29.80 -26.46
C SER A 243 -20.10 30.79 -27.54
N ALA A 244 -20.26 30.32 -28.78
CA ALA A 244 -20.58 31.21 -29.89
C ALA A 244 -22.06 31.59 -29.89
N SER A 245 -22.91 30.75 -29.32
CA SER A 245 -24.36 30.96 -29.36
C SER A 245 -25.02 30.53 -28.06
N SER A 255 -12.25 32.54 -37.84
CA SER A 255 -12.91 33.02 -36.64
C SER A 255 -13.43 31.87 -35.80
N ASN A 256 -13.24 30.65 -36.28
CA ASN A 256 -13.59 29.48 -35.49
C ASN A 256 -12.59 29.29 -34.36
N ALA A 257 -13.10 28.87 -33.20
CA ALA A 257 -12.22 28.55 -32.08
C ALA A 257 -11.35 27.33 -32.41
N VAL A 258 -11.99 26.22 -32.76
CA VAL A 258 -11.30 25.02 -33.23
C VAL A 258 -11.67 24.81 -34.69
N GLN A 259 -10.67 24.75 -35.56
CA GLN A 259 -10.89 24.26 -36.92
C GLN A 259 -10.81 22.74 -36.94
N ILE A 260 -11.76 22.12 -37.64
CA ILE A 260 -11.80 20.67 -37.81
C ILE A 260 -11.50 20.35 -39.27
N VAL A 261 -10.51 19.47 -39.48
CA VAL A 261 -10.17 18.96 -40.80
C VAL A 261 -10.38 17.45 -40.78
N GLY A 262 -11.16 16.94 -41.73
CA GLY A 262 -11.53 15.54 -41.74
C GLY A 262 -11.31 14.87 -43.07
N MET A 263 -10.85 13.62 -43.02
CA MET A 263 -10.56 12.81 -44.19
C MET A 263 -11.40 11.54 -44.12
N SER A 264 -12.19 11.28 -45.16
CA SER A 264 -13.38 10.43 -45.01
C SER A 264 -13.52 9.37 -46.09
N ALA A 265 -12.54 9.23 -46.99
CA ALA A 265 -12.49 8.17 -47.99
C ALA A 265 -13.82 8.02 -48.75
N THR A 266 -14.36 9.15 -49.20
CA THR A 266 -15.35 9.19 -50.28
C THR A 266 -16.61 8.39 -49.95
N LEU A 267 -17.12 8.57 -48.73
CA LEU A 267 -18.45 8.05 -48.41
C LEU A 267 -19.51 8.67 -49.31
N PRO A 268 -20.58 7.95 -49.60
CA PRO A 268 -21.84 8.60 -49.97
C PRO A 268 -22.46 9.31 -48.78
N ASN A 269 -23.28 10.32 -49.09
CA ASN A 269 -23.83 11.22 -48.08
C ASN A 269 -22.73 11.94 -47.30
N LEU A 270 -21.56 12.09 -47.92
CA LEU A 270 -20.48 12.88 -47.33
C LEU A 270 -20.87 14.35 -47.19
N GLU A 271 -21.81 14.83 -48.01
CA GLU A 271 -22.37 16.17 -47.83
C GLU A 271 -23.05 16.31 -46.47
N LEU A 272 -23.59 15.22 -45.93
CA LEU A 272 -24.17 15.24 -44.59
C LEU A 272 -23.11 15.41 -43.51
N VAL A 273 -22.02 14.65 -43.61
CA VAL A 273 -20.90 14.81 -42.67
C VAL A 273 -20.29 16.20 -42.78
N ALA A 274 -20.15 16.72 -44.00
CA ALA A 274 -19.61 18.06 -44.17
C ALA A 274 -20.53 19.12 -43.54
N SER A 275 -21.82 19.07 -43.87
CA SER A 275 -22.74 20.08 -43.35
C SER A 275 -22.96 19.96 -41.84
N TRP A 276 -22.91 18.74 -41.30
CA TRP A 276 -22.91 18.57 -39.85
C TRP A 276 -21.77 19.35 -39.20
N LEU A 277 -20.56 19.25 -39.76
CA LEU A 277 -19.40 19.95 -39.24
C LEU A 277 -19.30 21.39 -39.73
N ASN A 278 -20.29 21.89 -40.46
CA ASN A 278 -20.22 23.21 -41.09
C ASN A 278 -18.98 23.34 -41.98
N ALA A 279 -18.61 22.24 -42.62
CA ALA A 279 -17.34 22.17 -43.34
C ALA A 279 -17.54 22.51 -44.82
N GLU A 280 -16.48 23.01 -45.45
CA GLU A 280 -16.32 22.84 -46.88
C GLU A 280 -16.19 21.37 -47.23
N LEU A 281 -16.51 21.04 -48.48
CA LEU A 281 -16.36 19.67 -48.96
C LEU A 281 -15.58 19.63 -50.26
N TYR A 282 -14.58 18.76 -50.32
CA TYR A 282 -13.85 18.45 -51.55
C TYR A 282 -13.78 16.94 -51.74
N HIS A 283 -14.02 16.48 -52.97
CA HIS A 283 -13.91 15.07 -53.30
C HIS A 283 -13.19 14.95 -54.63
N THR A 284 -12.25 14.00 -54.71
CA THR A 284 -11.69 13.60 -55.99
C THR A 284 -11.44 12.10 -56.02
N ASP A 285 -11.49 11.53 -57.21
CA ASP A 285 -11.03 10.17 -57.49
C ASP A 285 -9.63 10.14 -58.08
N PHE A 286 -8.91 11.26 -58.09
CA PHE A 286 -7.57 11.32 -58.67
C PHE A 286 -6.66 10.30 -58.02
N ARG A 287 -5.86 9.61 -58.84
CA ARG A 287 -4.84 8.70 -58.36
C ARG A 287 -3.52 8.97 -59.06
N PRO A 288 -2.40 8.91 -58.33
CA PRO A 288 -1.10 8.92 -59.00
C PRO A 288 -0.90 7.78 -59.99
N VAL A 289 -1.46 6.60 -59.71
CA VAL A 289 -1.50 5.51 -60.68
C VAL A 289 -2.88 4.87 -60.73
N PRO A 290 -3.37 4.49 -61.90
CA PRO A 290 -4.70 3.88 -61.99
C PRO A 290 -4.69 2.46 -61.44
N LEU A 291 -5.88 1.97 -61.12
CA LEU A 291 -6.06 0.59 -60.67
C LEU A 291 -7.04 -0.11 -61.59
N LEU A 292 -6.60 -1.22 -62.19
CA LEU A 292 -7.48 -2.15 -62.90
C LEU A 292 -8.04 -3.17 -61.91
N GLU A 293 -9.15 -2.83 -61.28
CA GLU A 293 -9.89 -3.82 -60.51
C GLU A 293 -10.49 -4.86 -61.44
N SER A 294 -10.38 -6.13 -61.05
CA SER A 294 -10.87 -7.22 -61.89
C SER A 294 -11.22 -8.41 -61.01
N VAL A 295 -12.00 -9.33 -61.58
CA VAL A 295 -12.36 -10.57 -60.92
C VAL A 295 -12.02 -11.74 -61.85
N LYS A 296 -11.51 -12.82 -61.26
CA LYS A 296 -11.23 -14.06 -61.96
C LYS A 296 -12.27 -15.10 -61.60
N VAL A 297 -12.90 -15.70 -62.60
CA VAL A 297 -13.67 -16.94 -62.43
C VAL A 297 -13.34 -17.89 -63.56
N GLY A 298 -13.09 -19.14 -63.22
CA GLY A 298 -12.51 -20.07 -64.17
C GLY A 298 -11.21 -19.54 -64.75
N ASN A 299 -11.07 -19.67 -66.07
CA ASN A 299 -10.01 -18.99 -66.80
C ASN A 299 -10.32 -17.52 -67.09
N SER A 300 -11.59 -17.12 -67.04
CA SER A 300 -11.99 -15.82 -67.54
C SER A 300 -11.68 -14.71 -66.53
N ILE A 301 -11.16 -13.61 -67.05
CA ILE A 301 -10.87 -12.40 -66.28
C ILE A 301 -11.77 -11.27 -66.77
N TYR A 302 -12.49 -10.65 -65.84
CA TYR A 302 -13.42 -9.58 -66.19
C TYR A 302 -13.01 -8.31 -65.48
N ASP A 303 -13.25 -7.17 -66.13
CA ASP A 303 -13.07 -5.87 -65.51
C ASP A 303 -14.31 -5.46 -64.70
N SER A 304 -14.23 -4.26 -64.10
CA SER A 304 -15.34 -3.73 -63.31
C SER A 304 -16.61 -3.58 -64.13
N SER A 305 -16.50 -3.28 -65.42
CA SER A 305 -17.66 -3.23 -66.30
C SER A 305 -18.20 -4.60 -66.68
N MET A 306 -17.56 -5.67 -66.19
CA MET A 306 -17.79 -7.04 -66.63
C MET A 306 -17.34 -7.27 -68.08
N LYS A 307 -16.42 -6.45 -68.56
CA LYS A 307 -15.79 -6.71 -69.85
C LYS A 307 -14.79 -7.85 -69.69
N LEU A 308 -14.93 -8.88 -70.51
CA LEU A 308 -13.93 -9.96 -70.50
C LEU A 308 -12.66 -9.47 -71.18
N VAL A 309 -11.60 -9.26 -70.41
CA VAL A 309 -10.38 -8.68 -70.94
C VAL A 309 -9.36 -9.76 -71.28
N ARG A 310 -9.38 -10.85 -70.52
CA ARG A 310 -8.46 -11.97 -70.75
C ARG A 310 -9.11 -13.28 -70.36
N GLU A 311 -8.66 -14.36 -71.00
CA GLU A 311 -8.77 -15.70 -70.46
C GLU A 311 -7.38 -16.14 -70.00
N PHE A 312 -7.27 -16.55 -68.75
CA PHE A 312 -5.98 -16.82 -68.15
C PHE A 312 -5.45 -18.19 -68.55
N GLU A 313 -4.12 -18.29 -68.63
CA GLU A 313 -3.44 -19.56 -68.84
C GLU A 313 -2.89 -20.09 -67.53
N PRO A 314 -3.37 -21.24 -67.04
CA PRO A 314 -2.86 -21.85 -65.80
C PRO A 314 -1.52 -22.53 -65.99
N MET A 315 -0.51 -21.76 -66.39
CA MET A 315 0.86 -22.24 -66.42
C MET A 315 1.28 -22.72 -65.03
N LEU A 316 2.12 -23.77 -65.02
CA LEU A 316 2.47 -24.51 -63.81
C LEU A 316 1.25 -25.20 -63.23
N GLN A 317 0.40 -25.73 -64.11
CA GLN A 317 -0.83 -26.39 -63.70
C GLN A 317 -0.54 -27.54 -62.75
N VAL A 318 -1.14 -27.49 -61.56
CA VAL A 318 -1.05 -28.54 -60.56
C VAL A 318 -2.36 -28.60 -59.80
N LYS A 319 -2.64 -29.77 -59.23
CA LYS A 319 -3.78 -29.93 -58.32
C LYS A 319 -3.56 -29.20 -57.00
N GLY A 320 -2.32 -28.80 -56.71
CA GLY A 320 -1.99 -28.09 -55.50
C GLY A 320 -2.74 -26.79 -55.28
N ASP A 321 -3.26 -26.18 -56.35
CA ASP A 321 -4.27 -25.14 -56.19
C ASP A 321 -5.21 -25.13 -57.39
N GLU A 322 -6.47 -25.50 -57.15
CA GLU A 322 -7.45 -25.64 -58.23
C GLU A 322 -7.82 -24.30 -58.85
N ASP A 323 -7.53 -23.19 -58.16
CA ASP A 323 -7.71 -21.86 -58.74
C ASP A 323 -6.42 -21.27 -59.30
N HIS A 324 -5.32 -22.01 -59.24
CA HIS A 324 -4.04 -21.60 -59.84
C HIS A 324 -3.57 -20.26 -59.30
N VAL A 325 -3.75 -20.03 -57.99
CA VAL A 325 -3.24 -18.82 -57.35
C VAL A 325 -1.76 -18.64 -57.66
N VAL A 326 -1.00 -19.74 -57.66
CA VAL A 326 0.43 -19.69 -57.92
C VAL A 326 0.71 -19.06 -59.28
N SER A 327 -0.13 -19.34 -60.28
CA SER A 327 0.13 -18.85 -61.62
C SER A 327 -0.06 -17.34 -61.72
N LEU A 328 -1.08 -16.80 -61.04
CA LEU A 328 -1.23 -15.35 -61.02
C LEU A 328 -0.07 -14.68 -60.30
N CYS A 329 0.47 -15.32 -59.26
CA CYS A 329 1.66 -14.82 -58.60
C CYS A 329 2.89 -14.96 -59.49
N TYR A 330 3.13 -16.17 -59.99
CA TYR A 330 4.27 -16.43 -60.86
C TYR A 330 4.26 -15.53 -62.09
N GLU A 331 3.09 -15.32 -62.69
CA GLU A 331 2.98 -14.41 -63.83
C GLU A 331 3.59 -13.04 -63.53
N THR A 332 3.36 -12.53 -62.32
CA THR A 332 3.93 -11.24 -61.94
C THR A 332 5.35 -11.38 -61.42
N ILE A 333 5.68 -12.53 -60.82
CA ILE A 333 7.08 -12.81 -60.48
C ILE A 333 7.93 -12.83 -61.74
N CYS A 334 7.38 -13.37 -62.84
CA CYS A 334 8.07 -13.36 -64.13
C CYS A 334 8.32 -11.95 -64.63
N ASP A 335 7.55 -10.97 -64.16
CA ASP A 335 7.79 -9.57 -64.48
C ASP A 335 8.70 -8.88 -63.46
N ASN A 336 9.17 -9.61 -62.44
CA ASN A 336 9.98 -9.03 -61.36
C ASN A 336 9.22 -7.95 -60.59
N HIS A 337 7.99 -8.27 -60.20
CA HIS A 337 7.14 -7.35 -59.45
C HIS A 337 6.52 -8.09 -58.26
N SER A 338 5.96 -7.32 -57.34
CA SER A 338 5.60 -7.82 -56.01
C SER A 338 4.10 -8.05 -55.91
N VAL A 339 3.73 -9.21 -55.36
CA VAL A 339 2.35 -9.67 -55.28
C VAL A 339 1.92 -9.67 -53.83
N LEU A 340 0.75 -9.09 -53.55
CA LEU A 340 0.17 -9.07 -52.22
C LEU A 340 -1.12 -9.88 -52.24
N LEU A 341 -1.25 -10.80 -51.29
CA LEU A 341 -2.21 -11.90 -51.37
C LEU A 341 -2.99 -12.04 -50.07
N PHE A 342 -4.21 -11.50 -50.04
CA PHE A 342 -5.02 -11.48 -48.84
C PHE A 342 -5.77 -12.79 -48.66
N CYS A 343 -5.86 -13.25 -47.41
CA CYS A 343 -6.30 -14.60 -47.10
C CYS A 343 -7.42 -14.56 -46.09
N PRO A 344 -8.33 -15.55 -46.12
CA PRO A 344 -9.43 -15.57 -45.15
C PRO A 344 -9.00 -15.83 -43.71
N SER A 345 -7.87 -16.49 -43.47
CA SER A 345 -7.51 -16.86 -42.12
C SER A 345 -6.01 -17.05 -42.02
N LYS A 346 -5.51 -17.01 -40.77
CA LYS A 346 -4.11 -17.29 -40.52
C LYS A 346 -3.72 -18.71 -40.93
N LYS A 347 -4.60 -19.68 -40.64
CA LYS A 347 -4.35 -21.05 -41.04
C LYS A 347 -4.26 -21.20 -42.55
N TRP A 348 -5.20 -20.59 -43.27
CA TRP A 348 -5.15 -20.59 -44.73
C TRP A 348 -3.95 -19.79 -45.25
N CYS A 349 -3.68 -18.64 -44.63
CA CYS A 349 -2.51 -17.84 -45.02
C CYS A 349 -1.21 -18.60 -44.87
N GLU A 350 -1.01 -19.24 -43.71
CA GLU A 350 0.17 -20.06 -43.48
C GLU A 350 0.26 -21.23 -44.47
N LYS A 351 -0.85 -21.91 -44.72
CA LYS A 351 -0.88 -22.98 -45.72
C LYS A 351 -0.55 -22.48 -47.12
N LEU A 352 -1.07 -21.31 -47.50
CA LEU A 352 -0.91 -20.82 -48.87
C LEU A 352 0.52 -20.38 -49.18
N ALA A 353 1.20 -19.75 -48.22
CA ALA A 353 2.60 -19.40 -48.41
C ALA A 353 3.52 -20.61 -48.53
N ASP A 354 3.21 -21.70 -47.82
CA ASP A 354 3.94 -22.95 -48.00
C ASP A 354 3.82 -23.50 -49.42
N ILE A 355 2.60 -23.56 -49.94
CA ILE A 355 2.35 -24.07 -51.30
C ILE A 355 3.13 -23.28 -52.34
N ILE A 356 3.03 -21.95 -52.29
CA ILE A 356 3.74 -21.09 -53.25
C ILE A 356 5.25 -21.30 -53.18
N ALA A 357 5.82 -21.32 -51.97
CA ALA A 357 7.24 -21.57 -51.82
C ALA A 357 7.66 -22.93 -52.38
N ARG A 358 6.84 -23.96 -52.17
CA ARG A 358 7.15 -25.27 -52.74
C ARG A 358 7.15 -25.28 -54.26
N GLU A 359 6.32 -24.45 -54.90
CA GLU A 359 6.43 -24.33 -56.35
C GLU A 359 7.68 -23.60 -56.80
N PHE A 360 8.16 -22.60 -56.04
CA PHE A 360 9.44 -22.00 -56.42
C PHE A 360 10.60 -22.94 -56.15
N TYR A 361 10.51 -23.77 -55.11
CA TYR A 361 11.41 -24.91 -54.98
C TYR A 361 11.30 -25.86 -56.16
N ASN A 362 10.06 -26.25 -56.52
CA ASN A 362 9.86 -27.18 -57.63
C ASN A 362 10.39 -26.64 -58.95
N LEU A 363 10.16 -25.35 -59.22
CA LEU A 363 10.77 -24.70 -60.37
C LEU A 363 12.30 -24.78 -60.35
N HIS A 364 12.92 -24.38 -59.24
CA HIS A 364 14.37 -24.28 -59.18
C HIS A 364 15.06 -25.63 -59.19
N HIS A 365 14.43 -26.66 -58.62
CA HIS A 365 15.02 -27.99 -58.58
C HIS A 365 14.71 -28.85 -59.80
N GLN A 366 13.63 -28.55 -60.54
CA GLN A 366 13.50 -29.11 -61.88
C GLN A 366 14.39 -28.40 -62.89
N ALA A 367 14.48 -27.07 -62.80
CA ALA A 367 15.32 -26.30 -63.71
C ALA A 367 16.79 -26.72 -63.60
N CYS A 376 11.72 -19.93 -70.81
CA CYS A 376 10.88 -19.28 -69.80
C CYS A 376 11.73 -18.48 -68.83
N PRO A 377 11.16 -17.42 -68.25
CA PRO A 377 11.94 -16.58 -67.33
C PRO A 377 12.24 -17.30 -66.03
N PRO A 378 13.48 -17.27 -65.58
CA PRO A 378 13.81 -17.84 -64.27
C PRO A 378 13.39 -16.91 -63.14
N VAL A 379 13.22 -17.52 -61.96
CA VAL A 379 13.05 -16.75 -60.73
C VAL A 379 14.37 -16.09 -60.36
N ILE A 380 14.30 -14.87 -59.82
CA ILE A 380 15.44 -14.19 -59.22
C ILE A 380 15.22 -14.17 -57.71
N LEU A 381 16.11 -14.83 -56.98
CA LEU A 381 15.87 -15.09 -55.56
C LEU A 381 16.59 -14.13 -54.62
N GLU A 382 17.71 -13.52 -55.04
CA GLU A 382 18.48 -12.61 -54.20
C GLU A 382 18.92 -13.28 -52.89
N GLN A 383 19.28 -14.56 -52.98
CA GLN A 383 19.45 -15.41 -51.81
C GLN A 383 20.45 -14.86 -50.79
N LYS A 384 21.40 -14.03 -51.22
CA LYS A 384 22.30 -13.37 -50.28
C LYS A 384 21.56 -12.53 -49.25
N GLU A 385 20.47 -11.87 -49.65
CA GLU A 385 19.67 -11.08 -48.71
C GLU A 385 18.67 -11.91 -47.92
N LEU A 386 18.04 -12.90 -48.55
CA LEU A 386 17.14 -13.79 -47.83
C LEU A 386 17.83 -14.55 -46.70
N LEU A 387 19.12 -14.87 -46.86
CA LEU A 387 19.87 -15.43 -45.74
C LEU A 387 20.04 -14.43 -44.60
N GLU A 388 20.32 -13.16 -44.92
CA GLU A 388 20.41 -12.15 -43.87
C GLU A 388 19.09 -11.91 -43.18
N VAL A 389 17.99 -11.81 -43.93
CA VAL A 389 16.67 -11.66 -43.31
C VAL A 389 16.34 -12.86 -42.43
N MET A 390 16.46 -14.07 -42.99
CA MET A 390 16.11 -15.27 -42.24
C MET A 390 17.02 -15.51 -41.04
N ASP A 391 18.29 -15.09 -41.13
CA ASP A 391 19.14 -15.13 -39.94
C ASP A 391 18.78 -14.05 -38.92
N GLN A 392 18.41 -12.85 -39.38
CA GLN A 392 18.02 -11.80 -38.45
C GLN A 392 16.80 -12.19 -37.62
N LEU A 393 15.86 -12.93 -38.22
CA LEU A 393 14.72 -13.44 -37.48
C LEU A 393 15.10 -14.42 -36.37
N ARG A 394 16.32 -14.99 -36.42
CA ARG A 394 16.78 -15.89 -35.37
C ARG A 394 17.16 -15.18 -34.08
N ARG A 395 17.29 -13.85 -34.09
CA ARG A 395 17.56 -13.10 -32.88
C ARG A 395 16.37 -13.03 -31.93
N LEU A 396 15.16 -13.29 -32.43
CA LEU A 396 13.95 -13.06 -31.66
C LEU A 396 13.74 -14.16 -30.63
N PRO A 397 13.23 -13.79 -29.44
CA PRO A 397 13.11 -14.75 -28.32
C PRO A 397 12.41 -16.06 -28.65
N SER A 398 11.46 -16.07 -29.59
CA SER A 398 10.72 -17.29 -29.90
C SER A 398 11.37 -18.12 -30.99
N GLY A 399 12.46 -17.65 -31.58
CA GLY A 399 13.06 -18.31 -32.72
C GLY A 399 12.31 -18.19 -34.02
N LEU A 400 12.99 -18.58 -35.10
CA LEU A 400 12.43 -18.47 -36.45
C LEU A 400 11.31 -19.47 -36.67
N ASP A 401 10.19 -18.98 -37.19
CA ASP A 401 9.00 -19.79 -37.39
C ASP A 401 9.29 -20.95 -38.34
N SER A 402 8.84 -22.14 -37.96
CA SER A 402 9.12 -23.37 -38.70
C SER A 402 8.51 -23.38 -40.10
N VAL A 403 7.55 -22.52 -40.39
CA VAL A 403 7.09 -22.34 -41.77
C VAL A 403 7.91 -21.27 -42.50
N LEU A 404 8.31 -20.21 -41.82
CA LEU A 404 9.20 -19.22 -42.45
C LEU A 404 10.52 -19.85 -42.88
N GLN A 405 10.99 -20.88 -42.16
CA GLN A 405 12.14 -21.64 -42.61
C GLN A 405 11.93 -22.27 -43.98
N LYS A 406 10.70 -22.68 -44.29
CA LYS A 406 10.39 -23.21 -45.62
C LYS A 406 10.26 -22.13 -46.67
N THR A 407 9.61 -21.01 -46.34
CA THR A 407 9.22 -20.04 -47.36
C THR A 407 10.26 -18.96 -47.61
N VAL A 408 10.81 -18.37 -46.55
CA VAL A 408 11.66 -17.19 -46.67
C VAL A 408 12.87 -17.40 -47.59
N PRO A 409 13.48 -18.61 -47.66
CA PRO A 409 14.58 -18.80 -48.62
C PRO A 409 14.20 -18.56 -50.06
N TRP A 410 12.91 -18.43 -50.37
CA TRP A 410 12.43 -18.23 -51.74
C TRP A 410 11.82 -16.86 -51.96
N GLY A 411 11.84 -15.99 -50.95
CA GLY A 411 11.16 -14.72 -51.03
C GLY A 411 9.66 -14.80 -50.84
N VAL A 412 9.19 -15.88 -50.22
CA VAL A 412 7.79 -16.05 -49.84
C VAL A 412 7.69 -15.89 -48.33
N ALA A 413 6.75 -15.07 -47.87
CA ALA A 413 6.50 -14.93 -46.45
C ALA A 413 5.01 -14.76 -46.21
N PHE A 414 4.63 -14.83 -44.94
CA PHE A 414 3.28 -14.50 -44.49
C PHE A 414 3.36 -13.48 -43.36
N HIS A 415 2.34 -12.62 -43.30
CA HIS A 415 2.32 -11.55 -42.31
C HIS A 415 0.91 -11.42 -41.76
N HIS A 416 0.75 -11.72 -40.47
CA HIS A 416 -0.55 -11.71 -39.82
C HIS A 416 -0.31 -11.49 -38.32
N ALA A 417 -1.39 -11.16 -37.61
CA ALA A 417 -1.27 -10.82 -36.20
C ALA A 417 -1.19 -12.04 -35.28
N GLY A 418 -0.95 -13.23 -35.84
CA GLY A 418 -0.49 -14.36 -35.05
C GLY A 418 1.01 -14.38 -34.81
N LEU A 419 1.75 -13.62 -35.60
CA LEU A 419 3.17 -13.37 -35.38
C LEU A 419 3.39 -12.40 -34.24
N THR A 420 4.59 -12.43 -33.68
CA THR A 420 4.99 -11.40 -32.73
C THR A 420 5.14 -10.05 -33.41
N PHE A 421 5.26 -9.01 -32.58
CA PHE A 421 5.32 -7.64 -33.07
C PHE A 421 6.61 -7.35 -33.84
N GLU A 422 7.69 -8.08 -33.56
CA GLU A 422 8.92 -7.85 -34.30
C GLU A 422 9.00 -8.64 -35.60
N GLU A 423 8.47 -9.87 -35.64
CA GLU A 423 8.37 -10.59 -36.90
C GLU A 423 7.58 -9.77 -37.91
N ARG A 424 6.49 -9.13 -37.47
CA ARG A 424 5.77 -8.20 -38.33
C ARG A 424 6.67 -7.09 -38.86
N ASP A 425 7.39 -6.42 -37.96
CA ASP A 425 8.22 -5.28 -38.37
C ASP A 425 9.33 -5.71 -39.34
N ILE A 426 9.92 -6.88 -39.14
CA ILE A 426 11.03 -7.32 -39.99
C ILE A 426 10.53 -7.71 -41.37
N ILE A 427 9.41 -8.44 -41.44
CA ILE A 427 8.86 -8.86 -42.73
C ILE A 427 8.28 -7.68 -43.50
N GLU A 428 7.74 -6.69 -42.81
CA GLU A 428 7.35 -5.44 -43.48
C GLU A 428 8.56 -4.76 -44.12
N GLY A 429 9.62 -4.55 -43.35
CA GLY A 429 10.81 -3.90 -43.91
C GLY A 429 11.41 -4.67 -45.07
N ALA A 430 11.39 -6.01 -44.99
CA ALA A 430 11.93 -6.86 -46.04
C ALA A 430 11.05 -6.90 -47.28
N PHE A 431 9.76 -6.58 -47.16
CA PHE A 431 8.90 -6.38 -48.32
C PHE A 431 8.97 -4.96 -48.87
N ARG A 432 9.12 -3.95 -48.00
CA ARG A 432 9.29 -2.58 -48.47
C ARG A 432 10.48 -2.46 -49.42
N GLN A 433 11.55 -3.21 -49.16
CA GLN A 433 12.73 -3.22 -50.01
C GLN A 433 12.67 -4.29 -51.08
N GLY A 434 11.58 -5.05 -51.16
CA GLY A 434 11.38 -6.03 -52.20
C GLY A 434 12.20 -7.29 -52.09
N LEU A 435 12.83 -7.55 -50.95
CA LEU A 435 13.55 -8.81 -50.78
C LEU A 435 12.56 -9.96 -50.74
N ILE A 436 11.52 -9.83 -49.90
CA ILE A 436 10.33 -10.66 -50.03
C ILE A 436 9.53 -10.16 -51.23
N ARG A 437 9.08 -11.10 -52.07
CA ARG A 437 8.32 -10.72 -53.26
C ARG A 437 6.91 -11.29 -53.31
N VAL A 438 6.57 -12.28 -52.49
CA VAL A 438 5.18 -12.67 -52.28
C VAL A 438 4.93 -12.66 -50.78
N LEU A 439 3.87 -11.98 -50.36
CA LEU A 439 3.50 -11.87 -48.95
C LEU A 439 2.02 -12.17 -48.79
N ALA A 440 1.71 -13.36 -48.26
CA ALA A 440 0.33 -13.69 -47.92
C ALA A 440 -0.03 -13.04 -46.59
N ALA A 441 -1.25 -12.51 -46.50
CA ALA A 441 -1.62 -11.79 -45.29
C ALA A 441 -3.11 -11.84 -45.06
N THR A 442 -3.49 -11.62 -43.79
CA THR A 442 -4.85 -11.26 -43.44
C THR A 442 -5.03 -9.74 -43.58
N SER A 443 -6.18 -9.24 -43.13
CA SER A 443 -6.50 -7.82 -43.16
C SER A 443 -5.48 -6.93 -42.45
N THR A 444 -4.52 -7.50 -41.71
CA THR A 444 -3.51 -6.69 -41.06
C THR A 444 -2.61 -5.92 -42.03
N LEU A 445 -2.69 -6.20 -43.33
CA LEU A 445 -2.07 -5.35 -44.34
C LEU A 445 -3.09 -4.48 -45.08
N SER A 446 -4.38 -4.65 -44.78
CA SER A 446 -5.38 -3.70 -45.27
C SER A 446 -5.27 -2.37 -44.52
N SER A 447 -5.04 -2.43 -43.21
CA SER A 447 -5.06 -1.24 -42.37
C SER A 447 -3.91 -1.31 -41.37
N GLY A 448 -3.60 -0.17 -40.76
CA GLY A 448 -2.59 -0.10 -39.73
C GLY A 448 -1.17 0.06 -40.24
N VAL A 449 -0.86 -0.49 -41.41
CA VAL A 449 0.44 -0.26 -42.05
C VAL A 449 0.23 0.00 -43.54
N ASN A 450 0.93 1.02 -44.05
CA ASN A 450 0.91 1.38 -45.46
C ASN A 450 1.97 0.58 -46.19
N LEU A 451 1.57 -0.52 -46.82
CA LEU A 451 2.50 -1.44 -47.47
C LEU A 451 2.07 -1.65 -48.91
N PRO A 452 2.44 -0.74 -49.81
CA PRO A 452 1.97 -0.82 -51.19
C PRO A 452 2.64 -1.95 -51.96
N ALA A 453 1.91 -2.44 -52.98
CA ALA A 453 2.37 -3.54 -53.81
C ALA A 453 2.04 -3.21 -55.26
N ARG A 454 2.58 -4.02 -56.17
CA ARG A 454 2.26 -3.88 -57.59
C ARG A 454 1.01 -4.65 -57.98
N ARG A 455 0.73 -5.76 -57.30
CA ARG A 455 -0.45 -6.57 -57.57
C ARG A 455 -1.08 -6.95 -56.24
N VAL A 456 -2.41 -6.92 -56.19
CA VAL A 456 -3.16 -7.39 -55.02
C VAL A 456 -4.09 -8.52 -55.42
N ILE A 457 -3.92 -9.67 -54.79
CA ILE A 457 -4.81 -10.81 -55.00
C ILE A 457 -5.61 -11.01 -53.73
N ILE A 458 -6.92 -11.22 -53.87
CA ILE A 458 -7.83 -11.41 -52.75
C ILE A 458 -8.55 -12.73 -52.92
N ARG A 459 -8.39 -13.63 -51.95
CA ARG A 459 -8.49 -15.05 -52.24
C ARG A 459 -9.93 -15.54 -52.36
N THR A 460 -10.88 -14.89 -51.67
CA THR A 460 -12.28 -15.24 -51.78
C THR A 460 -13.13 -14.03 -51.46
N PRO A 461 -14.36 -13.96 -51.99
CA PRO A 461 -15.30 -12.92 -51.56
C PRO A 461 -15.83 -13.14 -50.15
N ILE A 462 -15.77 -14.36 -49.64
CA ILE A 462 -16.24 -14.71 -48.30
C ILE A 462 -15.05 -14.77 -47.35
N PHE A 463 -15.17 -14.07 -46.21
CA PHE A 463 -14.22 -14.15 -45.12
C PHE A 463 -14.92 -14.73 -43.91
N GLY A 464 -14.41 -15.85 -43.40
CA GLY A 464 -15.14 -16.62 -42.41
C GLY A 464 -16.48 -17.08 -42.94
N GLY A 465 -17.53 -16.76 -42.22
CA GLY A 465 -18.90 -17.06 -42.61
C GLY A 465 -19.65 -15.95 -43.33
N ARG A 466 -18.99 -14.85 -43.66
CA ARG A 466 -19.68 -13.65 -44.09
C ARG A 466 -19.08 -13.09 -45.37
N PRO A 467 -19.88 -12.41 -46.18
CA PRO A 467 -19.33 -11.69 -47.34
C PRO A 467 -18.43 -10.55 -46.91
N LEU A 468 -17.36 -10.34 -47.67
CA LEU A 468 -16.36 -9.33 -47.34
C LEU A 468 -16.99 -7.95 -47.24
N ASP A 469 -16.59 -7.20 -46.22
CA ASP A 469 -17.00 -5.81 -46.10
C ASP A 469 -16.45 -5.01 -47.27
N ILE A 470 -17.34 -4.31 -47.96
CA ILE A 470 -16.97 -3.51 -49.13
C ILE A 470 -15.99 -2.39 -48.77
N LEU A 471 -15.97 -1.95 -47.51
CA LEU A 471 -14.91 -1.06 -47.06
C LEU A 471 -13.56 -1.77 -47.00
N THR A 472 -13.55 -3.00 -46.48
CA THR A 472 -12.33 -3.80 -46.47
C THR A 472 -11.87 -4.13 -47.88
N TYR A 473 -12.80 -4.49 -48.77
CA TYR A 473 -12.45 -4.68 -50.18
C TYR A 473 -11.78 -3.45 -50.78
N LYS A 474 -12.37 -2.27 -50.60
CA LYS A 474 -11.73 -1.05 -51.10
C LYS A 474 -10.37 -0.82 -50.44
N GLN A 475 -10.26 -1.06 -49.14
CA GLN A 475 -8.98 -0.84 -48.47
C GLN A 475 -7.94 -1.87 -48.89
N MET A 476 -8.35 -3.11 -49.16
CA MET A 476 -7.40 -4.10 -49.66
C MET A 476 -6.87 -3.72 -51.04
N VAL A 477 -7.76 -3.48 -52.00
CA VAL A 477 -7.35 -3.12 -53.35
C VAL A 477 -6.63 -1.77 -53.43
N GLY A 478 -6.85 -0.88 -52.47
CA GLY A 478 -6.14 0.39 -52.45
C GLY A 478 -4.64 0.26 -52.30
N ARG A 479 -4.14 -0.88 -51.87
CA ARG A 479 -2.72 -1.13 -51.75
C ARG A 479 -2.06 -1.52 -53.07
N ALA A 480 -2.82 -1.68 -54.14
CA ALA A 480 -2.27 -2.12 -55.43
C ALA A 480 -1.48 -1.05 -56.17
N GLY A 481 -1.45 0.19 -55.69
CA GLY A 481 -0.69 1.24 -56.35
C GLY A 481 0.67 1.47 -55.72
N ARG A 482 1.61 1.97 -56.53
CA ARG A 482 2.91 2.40 -56.06
C ARG A 482 3.25 3.74 -56.69
N LYS A 483 4.13 4.48 -56.00
CA LYS A 483 4.59 5.80 -56.46
C LYS A 483 5.64 5.62 -57.56
N GLY A 484 5.14 5.36 -58.78
CA GLY A 484 6.01 5.26 -59.94
C GLY A 484 6.84 4.00 -60.04
N VAL A 485 6.85 3.15 -59.01
CA VAL A 485 7.55 1.88 -59.09
C VAL A 485 6.90 0.94 -60.10
N ASP A 486 5.61 1.13 -60.39
CA ASP A 486 5.05 0.71 -61.67
C ASP A 486 4.05 1.75 -62.14
N THR A 487 3.72 1.67 -63.43
CA THR A 487 2.85 2.65 -64.07
C THR A 487 1.37 2.39 -63.80
N VAL A 488 1.01 1.19 -63.36
CA VAL A 488 -0.38 0.84 -63.05
C VAL A 488 -0.40 -0.01 -61.80
N GLY A 489 -1.59 -0.16 -61.23
CA GLY A 489 -1.89 -1.18 -60.25
C GLY A 489 -2.90 -2.17 -60.79
N GLU A 490 -2.84 -3.40 -60.31
CA GLU A 490 -3.76 -4.45 -60.69
C GLU A 490 -4.28 -5.17 -59.45
N SER A 491 -5.50 -5.68 -59.55
CA SER A 491 -6.07 -6.46 -58.46
C SER A 491 -7.01 -7.51 -59.02
N ILE A 492 -7.08 -8.64 -58.33
CA ILE A 492 -7.84 -9.81 -58.76
C ILE A 492 -8.61 -10.33 -57.54
N LEU A 493 -9.93 -10.16 -57.55
CA LEU A 493 -10.78 -11.04 -56.76
C LEU A 493 -10.81 -12.42 -57.40
N ILE A 494 -10.65 -13.46 -56.58
CA ILE A 494 -10.74 -14.85 -57.02
C ILE A 494 -12.06 -15.42 -56.54
N CYS A 495 -12.79 -16.07 -57.43
CA CYS A 495 -14.10 -16.63 -57.13
C CYS A 495 -14.31 -17.89 -57.95
N LYS A 496 -15.28 -18.69 -57.53
CA LYS A 496 -15.73 -19.80 -58.34
C LYS A 496 -16.87 -19.37 -59.26
N ASN A 497 -17.24 -20.26 -60.19
CA ASN A 497 -18.26 -19.90 -61.17
C ASN A 497 -19.65 -19.89 -60.56
N SER A 498 -19.90 -20.71 -59.55
CA SER A 498 -21.09 -20.55 -58.72
C SER A 498 -20.92 -19.40 -57.74
N GLU A 499 -22.05 -18.75 -57.43
CA GLU A 499 -22.11 -17.59 -56.52
C GLU A 499 -21.34 -16.39 -57.05
N LYS A 500 -21.05 -16.37 -58.35
CA LYS A 500 -20.19 -15.34 -58.93
C LYS A 500 -20.73 -13.94 -58.65
N SER A 501 -22.06 -13.78 -58.64
CA SER A 501 -22.65 -12.47 -58.39
C SER A 501 -22.25 -11.92 -57.03
N LYS A 502 -22.03 -12.79 -56.05
CA LYS A 502 -21.59 -12.35 -54.73
C LYS A 502 -20.15 -11.81 -54.76
N GLY A 503 -19.40 -12.12 -55.82
CA GLY A 503 -18.18 -11.40 -56.12
C GLY A 503 -18.39 -10.09 -56.84
N ILE A 504 -19.18 -10.13 -57.92
CA ILE A 504 -19.43 -8.94 -58.73
C ILE A 504 -20.06 -7.84 -57.89
N ALA A 505 -20.88 -8.21 -56.89
CA ALA A 505 -21.45 -7.25 -55.97
C ALA A 505 -20.40 -6.42 -55.23
N LEU A 506 -19.18 -6.93 -55.10
CA LEU A 506 -18.09 -6.13 -54.57
C LEU A 506 -17.48 -5.20 -55.61
N LEU A 507 -17.30 -5.69 -56.85
CA LEU A 507 -16.68 -4.87 -57.88
C LEU A 507 -17.58 -3.73 -58.34
N GLN A 508 -18.90 -3.92 -58.31
CA GLN A 508 -19.84 -2.88 -58.72
C GLN A 508 -20.47 -2.12 -57.56
N GLY A 509 -20.38 -2.61 -56.33
CA GLY A 509 -20.96 -1.92 -55.20
C GLY A 509 -20.21 -0.65 -54.80
N SER A 510 -20.75 -0.01 -53.77
CA SER A 510 -20.07 1.10 -53.10
C SER A 510 -20.49 1.13 -51.64
N LEU A 511 -19.76 1.92 -50.85
CA LEU A 511 -19.97 1.98 -49.41
C LEU A 511 -21.41 2.38 -49.06
N LYS A 512 -21.92 1.78 -47.99
CA LYS A 512 -23.19 2.20 -47.42
C LYS A 512 -23.07 3.60 -46.80
N PRO A 513 -24.15 4.39 -46.86
CA PRO A 513 -24.17 5.67 -46.15
C PRO A 513 -23.87 5.52 -44.67
N VAL A 514 -23.03 6.42 -44.16
CA VAL A 514 -22.60 6.36 -42.76
C VAL A 514 -23.75 6.76 -41.85
N ARG A 515 -23.96 6.01 -40.76
CA ARG A 515 -25.03 6.29 -39.82
C ARG A 515 -24.52 6.16 -38.40
N SER A 516 -24.77 7.20 -37.59
CA SER A 516 -24.23 7.26 -36.23
C SER A 516 -24.78 6.14 -35.35
N CYS A 517 -23.91 5.60 -34.50
CA CYS A 517 -24.26 4.51 -33.58
C CYS A 517 -25.22 4.94 -32.48
N LEU A 518 -25.42 6.25 -32.29
CA LEU A 518 -26.39 6.77 -31.33
C LEU A 518 -27.83 6.42 -31.69
N GLN A 519 -28.10 6.07 -32.93
CA GLN A 519 -29.48 5.88 -33.40
C GLN A 519 -30.04 4.58 -32.83
N ARG A 520 -31.06 4.72 -31.99
CA ARG A 520 -31.83 3.56 -31.53
C ARG A 520 -32.60 2.92 -32.68
N ARG A 521 -32.76 1.61 -32.60
CA ARG A 521 -33.89 0.96 -33.26
C ARG A 521 -35.19 1.28 -32.52
N GLU A 522 -36.28 1.33 -33.29
CA GLU A 522 -37.56 1.79 -32.74
C GLU A 522 -38.01 0.95 -31.55
N GLY A 523 -37.73 -0.36 -31.57
CA GLY A 523 -38.12 -1.24 -30.49
C GLY A 523 -37.08 -1.51 -29.42
N GLU A 524 -36.02 -0.71 -29.36
CA GLU A 524 -34.83 -1.07 -28.63
C GLU A 524 -34.50 0.00 -27.60
N GLU A 525 -33.84 -0.43 -26.52
CA GLU A 525 -33.34 0.50 -25.52
C GLU A 525 -32.25 1.39 -26.11
N VAL A 526 -31.93 2.45 -25.36
CA VAL A 526 -30.83 3.32 -25.75
C VAL A 526 -29.52 2.53 -25.82
N THR A 527 -28.64 2.98 -26.71
CA THR A 527 -27.41 2.28 -27.04
C THR A 527 -26.25 2.74 -26.17
N GLY A 528 -25.27 1.84 -26.01
CA GLY A 528 -24.12 2.09 -25.15
C GLY A 528 -23.29 3.30 -25.53
N SER A 529 -23.34 3.71 -26.80
CA SER A 529 -22.65 4.93 -27.20
C SER A 529 -23.45 6.19 -26.90
N MET A 530 -24.78 6.09 -26.84
CA MET A 530 -25.58 7.22 -26.36
C MET A 530 -25.45 7.39 -24.85
N ILE A 531 -25.50 6.28 -24.11
CA ILE A 531 -25.25 6.28 -22.68
C ILE A 531 -23.91 6.95 -22.36
N ARG A 532 -22.83 6.50 -23.01
CA ARG A 532 -21.52 7.11 -22.79
C ARG A 532 -21.46 8.56 -23.24
N ALA A 533 -22.19 8.93 -24.30
CA ALA A 533 -22.25 10.33 -24.69
C ALA A 533 -22.90 11.19 -23.61
N ILE A 534 -24.05 10.73 -23.10
CA ILE A 534 -24.74 11.44 -22.03
C ILE A 534 -23.92 11.43 -20.74
N LEU A 535 -23.24 10.32 -20.45
CA LEU A 535 -22.44 10.23 -19.23
C LEU A 535 -21.32 11.28 -19.19
N GLU A 536 -20.59 11.44 -20.29
CA GLU A 536 -19.38 12.26 -20.24
C GLU A 536 -19.66 13.72 -19.91
N ILE A 537 -20.70 14.29 -20.52
CA ILE A 537 -21.00 15.71 -20.28
C ILE A 537 -21.30 15.96 -18.81
N ILE A 538 -22.22 15.18 -18.24
CA ILE A 538 -22.59 15.34 -16.83
C ILE A 538 -21.38 15.20 -15.92
N VAL A 539 -20.58 14.14 -16.12
CA VAL A 539 -19.45 13.91 -15.22
C VAL A 539 -18.38 14.98 -15.36
N GLY A 540 -18.22 15.55 -16.54
CA GLY A 540 -17.34 16.69 -16.65
C GLY A 540 -17.92 17.98 -16.13
N GLY A 541 -19.17 17.95 -15.68
CA GLY A 541 -19.89 19.12 -15.24
C GLY A 541 -20.39 20.02 -16.36
N VAL A 542 -20.24 19.60 -17.60
CA VAL A 542 -20.87 20.28 -18.72
C VAL A 542 -22.32 19.83 -18.81
N ALA A 543 -23.23 20.76 -19.11
CA ALA A 543 -24.60 20.41 -19.44
C ALA A 543 -25.23 19.54 -18.37
N SER A 544 -25.21 20.04 -17.13
CA SER A 544 -25.80 19.30 -16.01
C SER A 544 -27.32 19.29 -16.03
N THR A 545 -27.97 20.24 -16.71
CA THR A 545 -29.41 20.25 -16.81
C THR A 545 -29.89 19.46 -18.03
N SER A 546 -31.10 18.90 -17.90
CA SER A 546 -31.72 18.18 -19.01
C SER A 546 -31.97 19.07 -20.21
N GLN A 547 -32.21 20.37 -20.00
CA GLN A 547 -32.29 21.30 -21.11
C GLN A 547 -30.96 21.40 -21.86
N ASP A 548 -29.85 21.41 -21.11
CA ASP A 548 -28.53 21.42 -21.72
C ASP A 548 -28.18 20.08 -22.35
N MET A 549 -28.69 18.98 -21.81
CA MET A 549 -28.52 17.69 -22.49
C MET A 549 -29.27 17.65 -23.82
N HIS A 550 -30.48 18.20 -23.87
CA HIS A 550 -31.18 18.33 -25.15
C HIS A 550 -30.50 19.31 -26.08
N THR A 551 -29.86 20.34 -25.54
CA THR A 551 -29.06 21.25 -26.37
C THR A 551 -27.79 20.58 -26.88
N TYR A 552 -27.17 19.73 -26.08
CA TYR A 552 -26.03 18.95 -26.56
C TYR A 552 -26.43 17.98 -27.66
N ALA A 553 -27.50 17.21 -27.44
CA ALA A 553 -27.92 16.20 -28.42
C ALA A 553 -28.19 16.80 -29.79
N ALA A 554 -28.65 18.06 -29.83
CA ALA A 554 -28.84 18.75 -31.11
C ALA A 554 -27.54 18.95 -31.88
N CYS A 555 -26.39 18.84 -31.23
CA CYS A 555 -25.11 18.94 -31.92
C CYS A 555 -24.63 17.62 -32.50
N THR A 556 -25.23 16.50 -32.13
CA THR A 556 -24.76 15.21 -32.63
C THR A 556 -24.92 15.09 -34.14
N PHE A 557 -24.15 14.18 -34.74
CA PHE A 557 -24.37 13.78 -36.11
C PHE A 557 -25.67 13.02 -36.30
N LEU A 558 -26.15 12.37 -35.24
CA LEU A 558 -27.50 11.78 -35.25
C LEU A 558 -28.56 12.84 -35.52
N ALA A 559 -28.52 13.95 -34.77
CA ALA A 559 -29.49 15.01 -34.98
C ALA A 559 -29.42 15.57 -36.40
N ALA A 560 -28.22 15.80 -36.92
CA ALA A 560 -28.09 16.24 -38.31
C ALA A 560 -28.59 15.18 -39.29
N SER A 561 -28.34 13.90 -39.00
CA SER A 561 -28.85 12.83 -39.85
C SER A 561 -30.37 12.71 -39.75
N MET A 562 -30.93 12.85 -38.55
CA MET A 562 -32.38 12.78 -38.38
C MET A 562 -33.09 13.93 -39.08
N LYS A 563 -32.63 15.17 -38.88
CA LYS A 563 -33.32 16.31 -39.48
C LYS A 563 -33.26 16.28 -41.01
N GLU A 564 -32.17 15.75 -41.58
CA GLU A 564 -32.14 15.55 -43.02
C GLU A 564 -33.10 14.46 -43.44
N GLY A 565 -33.02 13.29 -42.80
CA GLY A 565 -33.83 12.16 -43.21
C GLY A 565 -35.32 12.37 -42.97
N LYS A 566 -35.68 13.01 -41.86
CA LYS A 566 -37.07 13.29 -41.56
C LYS A 566 -37.55 14.56 -42.26
N GLN A 567 -36.66 15.51 -42.53
CA GLN A 567 -37.05 16.78 -43.13
C GLN A 567 -36.00 17.24 -44.13
N VAL A 576 -37.32 11.47 -32.22
CA VAL A 576 -37.60 10.69 -31.03
C VAL A 576 -36.51 10.90 -29.99
N GLN A 577 -35.44 11.56 -30.41
CA GLN A 577 -34.24 11.66 -29.58
C GLN A 577 -34.52 12.28 -28.23
N LEU A 578 -35.53 13.15 -28.15
CA LEU A 578 -35.87 13.81 -26.89
C LEU A 578 -36.26 12.81 -25.82
N GLY A 579 -36.84 11.68 -26.21
CA GLY A 579 -37.18 10.63 -25.27
C GLY A 579 -36.16 9.53 -25.12
N ALA A 580 -35.10 9.56 -25.95
CA ALA A 580 -33.96 8.67 -25.73
C ALA A 580 -33.01 9.20 -24.65
N ILE A 581 -32.99 10.51 -24.43
CA ILE A 581 -32.20 11.05 -23.33
C ILE A 581 -32.72 10.57 -21.99
N GLU A 582 -34.05 10.56 -21.82
CA GLU A 582 -34.66 10.17 -20.56
C GLU A 582 -34.30 8.74 -20.16
N ALA A 583 -34.41 7.80 -21.11
CA ALA A 583 -34.07 6.41 -20.83
C ALA A 583 -32.58 6.19 -20.59
N CYS A 584 -31.72 7.13 -20.98
CA CYS A 584 -30.32 7.10 -20.57
C CYS A 584 -30.13 7.57 -19.14
N VAL A 585 -30.65 8.76 -18.84
CA VAL A 585 -30.51 9.35 -17.50
C VAL A 585 -31.05 8.42 -16.43
N MET A 586 -32.19 7.77 -16.69
CA MET A 586 -32.68 6.73 -15.79
C MET A 586 -31.66 5.60 -15.64
N TRP A 587 -31.09 5.12 -16.74
CA TRP A 587 -30.10 4.05 -16.64
C TRP A 587 -28.86 4.51 -15.87
N LEU A 588 -28.45 5.78 -16.06
CA LEU A 588 -27.33 6.33 -15.31
C LEU A 588 -27.67 6.58 -13.85
N LEU A 589 -28.96 6.79 -13.54
CA LEU A 589 -29.41 6.82 -12.14
C LEU A 589 -29.45 5.42 -11.54
N GLU A 590 -30.09 4.48 -12.21
CA GLU A 590 -30.25 3.14 -11.64
C GLU A 590 -28.94 2.39 -11.51
N ASN A 591 -27.89 2.81 -12.20
CA ASN A 591 -26.56 2.25 -12.00
C ASN A 591 -25.60 3.20 -11.30
N GLU A 592 -26.12 4.28 -10.68
CA GLU A 592 -25.38 5.13 -9.75
C GLU A 592 -24.21 5.90 -10.39
N PHE A 593 -24.20 6.07 -11.70
CA PHE A 593 -23.16 6.91 -12.28
C PHE A 593 -23.40 8.39 -12.00
N ILE A 594 -24.66 8.79 -11.79
CA ILE A 594 -24.99 10.18 -11.55
C ILE A 594 -26.01 10.26 -10.41
N GLN A 595 -26.14 11.46 -9.84
CA GLN A 595 -27.10 11.74 -8.79
C GLN A 595 -28.04 12.85 -9.25
N SER A 596 -29.27 12.81 -8.76
CA SER A 596 -30.26 13.84 -9.06
C SER A 596 -30.46 14.72 -7.84
N THR A 597 -30.43 16.04 -8.05
CA THR A 597 -30.65 17.02 -6.99
C THR A 597 -31.75 17.97 -7.42
N GLU A 598 -32.57 18.39 -6.47
CA GLU A 598 -33.69 19.26 -6.78
C GLU A 598 -33.19 20.67 -7.06
N ALA A 599 -33.76 21.29 -8.09
CA ALA A 599 -33.55 22.71 -8.41
C ALA A 599 -32.07 23.11 -8.34
N GLU A 604 -39.15 22.99 -9.59
CA GLU A 604 -39.07 23.33 -11.01
C GLU A 604 -38.58 22.14 -11.83
N GLY A 605 -37.59 21.43 -11.30
CA GLY A 605 -36.95 20.38 -12.07
C GLY A 605 -35.81 19.76 -11.32
N LYS A 606 -34.96 19.05 -12.05
CA LYS A 606 -33.85 18.30 -11.47
C LYS A 606 -32.53 18.72 -12.10
N VAL A 607 -31.47 18.66 -11.31
CA VAL A 607 -30.12 18.93 -11.75
C VAL A 607 -29.23 17.76 -11.31
N TYR A 608 -28.34 17.33 -12.20
CA TYR A 608 -27.62 16.09 -12.03
C TYR A 608 -26.13 16.34 -11.81
N HIS A 609 -25.50 15.44 -11.08
CA HIS A 609 -24.08 15.53 -10.74
C HIS A 609 -23.44 14.15 -10.84
N PRO A 610 -22.13 14.10 -11.05
CA PRO A 610 -21.43 12.81 -10.98
C PRO A 610 -21.38 12.24 -9.57
N THR A 611 -21.59 10.93 -9.47
CA THR A 611 -21.02 10.19 -8.35
C THR A 611 -19.51 10.01 -8.55
N HIS A 612 -18.85 9.45 -7.54
CA HIS A 612 -17.52 8.91 -7.74
C HIS A 612 -17.47 7.79 -8.77
N LEU A 613 -18.55 7.00 -8.90
CA LEU A 613 -18.58 5.99 -9.95
C LEU A 613 -18.68 6.62 -11.34
N GLY A 614 -19.25 7.82 -11.43
CA GLY A 614 -19.13 8.63 -12.63
C GLY A 614 -17.73 9.07 -12.95
N SER A 615 -17.11 9.82 -12.04
CA SER A 615 -15.76 10.32 -12.24
C SER A 615 -14.74 9.19 -12.44
N ALA A 616 -14.92 8.07 -11.75
CA ALA A 616 -14.02 6.94 -11.95
C ALA A 616 -14.16 6.35 -13.35
N THR A 617 -15.39 6.15 -13.81
CA THR A 617 -15.61 5.64 -15.16
C THR A 617 -15.00 6.58 -16.21
N LEU A 618 -15.14 7.89 -16.01
CA LEU A 618 -14.61 8.84 -16.97
C LEU A 618 -13.10 8.99 -16.89
N SER A 619 -12.54 9.02 -15.68
CA SER A 619 -11.09 9.20 -15.55
C SER A 619 -10.32 7.97 -16.01
N SER A 620 -10.82 6.78 -15.70
CA SER A 620 -10.26 5.57 -16.29
C SER A 620 -10.58 5.42 -17.77
N SER A 621 -11.42 6.29 -18.33
CA SER A 621 -11.88 6.20 -19.72
C SER A 621 -12.28 4.76 -20.08
N LEU A 622 -12.96 4.10 -19.14
CA LEU A 622 -13.65 2.86 -19.40
C LEU A 622 -15.01 3.11 -20.04
N SER A 623 -15.54 2.07 -20.67
CA SER A 623 -16.95 2.09 -21.05
C SER A 623 -17.82 1.81 -19.82
N PRO A 624 -18.95 2.51 -19.69
CA PRO A 624 -19.92 2.16 -18.64
C PRO A 624 -20.33 0.69 -18.62
N ALA A 625 -20.53 0.08 -19.78
CA ALA A 625 -20.93 -1.32 -19.82
C ALA A 625 -19.85 -2.24 -19.28
N ASP A 626 -18.58 -1.89 -19.48
CA ASP A 626 -17.47 -2.62 -18.87
C ASP A 626 -17.26 -2.25 -17.41
N THR A 627 -17.51 -0.99 -17.04
CA THR A 627 -17.34 -0.57 -15.65
C THR A 627 -18.21 -1.38 -14.70
N LEU A 628 -19.41 -1.75 -15.13
CA LEU A 628 -20.29 -2.59 -14.31
C LEU A 628 -19.77 -4.01 -14.14
N ASP A 629 -18.83 -4.46 -14.96
CA ASP A 629 -18.13 -5.70 -14.67
C ASP A 629 -16.86 -5.49 -13.85
N ILE A 630 -16.12 -4.42 -14.11
CA ILE A 630 -14.90 -4.15 -13.35
C ILE A 630 -15.23 -3.75 -11.92
N PHE A 631 -16.17 -2.83 -11.74
CA PHE A 631 -16.57 -2.42 -10.38
C PHE A 631 -17.24 -3.55 -9.60
N ALA A 632 -17.95 -4.45 -10.27
CA ALA A 632 -18.50 -5.59 -9.56
C ALA A 632 -17.43 -6.58 -9.12
N ASP A 633 -16.33 -6.68 -9.89
CA ASP A 633 -15.17 -7.45 -9.43
C ASP A 633 -14.46 -6.77 -8.26
N LEU A 634 -14.36 -5.45 -8.31
CA LEU A 634 -13.64 -4.69 -7.29
C LEU A 634 -14.36 -4.74 -5.93
N GLN A 635 -15.68 -4.59 -5.92
CA GLN A 635 -16.45 -4.77 -4.69
C GLN A 635 -16.18 -6.12 -4.03
N ARG A 636 -16.28 -7.21 -4.79
CA ARG A 636 -16.10 -8.55 -4.23
C ARG A 636 -14.67 -8.83 -3.78
N ALA A 637 -13.71 -7.99 -4.16
CA ALA A 637 -12.38 -8.06 -3.56
C ALA A 637 -12.34 -7.38 -2.19
N MET A 638 -12.99 -6.24 -2.05
CA MET A 638 -13.04 -5.56 -0.75
C MET A 638 -13.57 -6.48 0.36
N LYS A 639 -14.42 -7.43 0.00
CA LYS A 639 -14.95 -8.41 0.94
C LYS A 639 -13.94 -9.48 1.34
N GLY A 640 -12.75 -9.50 0.72
CA GLY A 640 -11.79 -10.55 1.00
C GLY A 640 -10.71 -10.66 -0.05
N PHE A 641 -9.62 -9.91 0.13
CA PHE A 641 -8.52 -9.85 -0.81
C PHE A 641 -7.38 -10.75 -0.33
N VAL A 642 -7.04 -11.75 -1.13
CA VAL A 642 -5.96 -12.68 -0.82
C VAL A 642 -4.63 -11.99 -1.12
N LEU A 643 -3.97 -11.48 -0.07
CA LEU A 643 -2.65 -10.86 -0.20
C LEU A 643 -1.53 -11.89 -0.31
N GLU A 644 -1.84 -13.17 -0.07
CA GLU A 644 -0.83 -14.22 -0.13
C GLU A 644 -0.16 -14.33 -1.49
N ASN A 645 -0.84 -13.96 -2.58
CA ASN A 645 -0.24 -14.17 -3.89
C ASN A 645 -0.84 -13.20 -4.90
N ASP A 646 -0.24 -13.21 -6.09
CA ASP A 646 -0.54 -12.26 -7.17
C ASP A 646 -1.83 -12.56 -7.93
N LEU A 647 -2.34 -13.79 -7.89
CA LEU A 647 -3.45 -14.15 -8.78
C LEU A 647 -4.68 -13.29 -8.53
N HIS A 648 -4.95 -12.98 -7.26
CA HIS A 648 -6.16 -12.21 -6.94
C HIS A 648 -6.07 -10.79 -7.48
N ILE A 649 -4.90 -10.17 -7.40
CA ILE A 649 -4.75 -8.81 -7.93
C ILE A 649 -4.53 -8.80 -9.44
N LEU A 650 -3.96 -9.87 -10.01
CA LEU A 650 -3.98 -10.02 -11.46
C LEU A 650 -5.40 -10.12 -12.01
N TYR A 651 -6.28 -10.80 -11.29
CA TYR A 651 -7.69 -10.87 -11.71
C TYR A 651 -8.29 -9.47 -11.84
N LEU A 652 -8.11 -8.65 -10.80
CA LEU A 652 -8.67 -7.29 -10.84
C LEU A 652 -8.09 -6.44 -11.95
N VAL A 653 -6.82 -6.65 -12.32
CA VAL A 653 -6.21 -5.91 -13.43
C VAL A 653 -6.20 -6.68 -14.73
N THR A 654 -6.81 -7.85 -14.79
CA THR A 654 -6.87 -8.60 -16.03
C THR A 654 -7.72 -7.86 -17.07
N PRO A 655 -7.25 -7.72 -18.31
CA PRO A 655 -8.04 -7.01 -19.31
C PRO A 655 -9.39 -7.68 -19.57
N MET A 656 -10.41 -6.87 -19.76
CA MET A 656 -11.69 -7.33 -20.31
C MET A 656 -11.57 -7.55 -21.80
N PHE A 657 -11.67 -8.81 -22.24
CA PHE A 657 -11.72 -9.15 -23.65
C PHE A 657 -12.91 -10.06 -23.92
N GLU A 658 -13.47 -9.93 -25.12
CA GLU A 658 -14.41 -10.90 -25.66
C GLU A 658 -13.69 -11.82 -26.64
N ASP A 659 -13.75 -13.13 -26.39
CA ASP A 659 -13.16 -14.15 -27.25
C ASP A 659 -11.70 -13.82 -27.59
N TRP A 660 -10.95 -13.39 -26.59
CA TRP A 660 -9.50 -13.22 -26.76
C TRP A 660 -8.82 -14.49 -27.26
N THR A 661 -9.32 -15.66 -26.84
CA THR A 661 -9.12 -16.93 -27.54
C THR A 661 -10.44 -17.70 -27.53
N THR A 662 -10.52 -18.73 -28.36
CA THR A 662 -11.39 -19.85 -28.03
C THR A 662 -10.90 -20.48 -26.73
N ILE A 663 -11.83 -20.75 -25.83
CA ILE A 663 -11.52 -21.40 -24.56
C ILE A 663 -11.97 -22.85 -24.62
N ASP A 664 -11.02 -23.77 -24.42
CA ASP A 664 -11.39 -25.18 -24.24
C ASP A 664 -11.79 -25.34 -22.78
N TRP A 665 -13.09 -25.29 -22.52
CA TRP A 665 -13.61 -25.31 -21.15
C TRP A 665 -13.21 -26.59 -20.41
N TYR A 666 -12.95 -27.68 -21.12
CA TYR A 666 -12.45 -28.89 -20.49
C TYR A 666 -11.02 -28.72 -20.00
N ARG A 667 -10.18 -28.04 -20.78
CA ARG A 667 -8.82 -27.75 -20.33
C ARG A 667 -8.81 -26.71 -19.21
N PHE A 668 -9.67 -25.70 -19.30
CA PHE A 668 -9.83 -24.75 -18.21
C PHE A 668 -10.31 -25.46 -16.93
N PHE A 669 -11.28 -26.37 -17.07
CA PHE A 669 -11.72 -27.15 -15.91
C PHE A 669 -10.58 -27.94 -15.28
N CYS A 670 -9.74 -28.56 -16.10
CA CYS A 670 -8.56 -29.24 -15.58
C CYS A 670 -7.53 -28.27 -14.99
N LEU A 671 -7.31 -27.13 -15.66
CA LEU A 671 -6.39 -26.12 -15.15
C LEU A 671 -6.84 -25.53 -13.82
N TRP A 672 -8.13 -25.34 -13.62
CA TRP A 672 -8.65 -24.93 -12.32
C TRP A 672 -8.53 -26.03 -11.27
N GLU A 673 -8.95 -27.25 -11.61
CA GLU A 673 -8.97 -28.34 -10.64
C GLU A 673 -7.59 -28.59 -10.03
N LYS A 674 -6.51 -28.44 -10.79
CA LYS A 674 -5.16 -28.68 -10.30
C LYS A 674 -4.51 -27.44 -9.69
N LEU A 675 -5.26 -26.36 -9.45
CA LEU A 675 -4.68 -25.17 -8.85
C LEU A 675 -4.18 -25.43 -7.43
N PRO A 676 -3.08 -24.78 -7.04
CA PRO A 676 -2.69 -24.73 -5.63
C PRO A 676 -3.78 -24.16 -4.72
N THR A 677 -3.73 -24.60 -3.46
CA THR A 677 -4.78 -24.28 -2.49
C THR A 677 -4.96 -22.78 -2.31
N SER A 678 -3.87 -22.03 -2.17
CA SER A 678 -3.99 -20.59 -2.01
C SER A 678 -4.40 -19.87 -3.28
N MET A 679 -4.51 -20.57 -4.41
CA MET A 679 -5.04 -20.01 -5.64
C MET A 679 -6.44 -20.50 -5.98
N LYS A 680 -6.76 -21.74 -5.61
CA LYS A 680 -8.13 -22.22 -5.63
C LYS A 680 -9.01 -21.45 -4.65
N ARG A 681 -8.44 -21.01 -3.53
CA ARG A 681 -9.09 -20.04 -2.65
C ARG A 681 -9.38 -18.72 -3.36
N VAL A 682 -8.51 -18.29 -4.27
CA VAL A 682 -8.80 -17.10 -5.06
C VAL A 682 -9.96 -17.35 -6.03
N ALA A 683 -9.98 -18.52 -6.65
CA ALA A 683 -11.10 -18.88 -7.54
C ALA A 683 -12.44 -18.78 -6.81
N GLU A 684 -12.55 -19.36 -5.62
CA GLU A 684 -13.78 -19.26 -4.86
C GLU A 684 -14.16 -17.83 -4.51
N LEU A 685 -13.18 -17.02 -4.11
CA LEU A 685 -13.50 -15.65 -3.70
C LEU A 685 -13.89 -14.75 -4.88
N VAL A 686 -13.33 -14.98 -6.07
CA VAL A 686 -13.74 -14.20 -7.24
C VAL A 686 -15.00 -14.73 -7.90
N GLY A 687 -15.51 -15.87 -7.45
CA GLY A 687 -16.77 -16.39 -7.94
C GLY A 687 -16.67 -17.44 -9.03
N VAL A 688 -15.48 -18.00 -9.26
CA VAL A 688 -15.37 -19.16 -10.14
C VAL A 688 -16.00 -20.35 -9.45
N GLU A 689 -16.72 -21.17 -10.21
CA GLU A 689 -17.55 -22.19 -9.59
C GLU A 689 -17.48 -23.50 -10.38
N GLU A 690 -17.35 -24.60 -9.64
CA GLU A 690 -17.30 -25.93 -10.21
C GLU A 690 -18.49 -26.22 -11.11
N GLY A 691 -19.70 -25.88 -10.65
CA GLY A 691 -20.91 -26.16 -11.41
C GLY A 691 -21.01 -25.41 -12.72
N PHE A 692 -20.44 -24.22 -12.81
CA PHE A 692 -20.45 -23.47 -14.06
C PHE A 692 -19.43 -24.01 -15.05
N LEU A 693 -18.21 -24.32 -14.59
CA LEU A 693 -17.22 -24.93 -15.47
C LEU A 693 -17.67 -26.29 -15.99
N ALA A 694 -18.28 -27.10 -15.12
CA ALA A 694 -18.86 -28.37 -15.56
C ALA A 694 -19.96 -28.17 -16.60
N ARG A 695 -20.86 -27.21 -16.38
CA ARG A 695 -21.86 -26.89 -17.38
C ARG A 695 -21.24 -26.43 -18.70
N CYS A 696 -20.16 -25.64 -18.62
CA CYS A 696 -19.46 -25.22 -19.84
C CYS A 696 -18.58 -26.32 -20.44
N VAL A 697 -18.21 -27.33 -19.66
CA VAL A 697 -17.61 -28.52 -20.26
C VAL A 697 -18.66 -29.31 -21.04
N LYS A 698 -19.86 -29.45 -20.47
CA LYS A 698 -20.90 -30.27 -21.08
C LYS A 698 -21.53 -29.63 -22.31
N GLY A 699 -21.05 -28.48 -22.76
CA GLY A 699 -21.60 -27.85 -23.95
C GLY A 699 -21.13 -26.42 -24.15
N LYS A 700 -22.07 -25.53 -24.40
CA LYS A 700 -21.82 -24.10 -24.33
C LYS A 700 -23.09 -23.40 -23.87
N VAL A 701 -22.92 -22.18 -23.37
CA VAL A 701 -23.99 -21.42 -22.75
C VAL A 701 -24.08 -20.05 -23.40
N VAL A 702 -25.30 -19.62 -23.73
CA VAL A 702 -25.61 -18.23 -24.00
C VAL A 702 -26.44 -17.71 -22.85
N ALA A 703 -25.98 -16.60 -22.25
CA ALA A 703 -26.56 -16.13 -21.00
C ALA A 703 -27.94 -15.52 -21.20
N ARG A 704 -28.83 -15.77 -20.23
CA ARG A 704 -30.20 -15.30 -20.28
C ARG A 704 -30.63 -14.60 -19.00
N THR A 705 -29.72 -14.43 -18.04
CA THR A 705 -30.01 -13.83 -16.74
C THR A 705 -28.77 -13.08 -16.27
N GLU A 706 -28.99 -12.09 -15.40
CA GLU A 706 -27.87 -11.34 -14.83
C GLU A 706 -26.92 -12.23 -14.02
N ARG A 707 -27.36 -13.38 -13.53
CA ARG A 707 -26.41 -14.37 -13.04
C ARG A 707 -25.54 -14.89 -14.18
N GLN A 708 -26.18 -15.51 -15.17
CA GLN A 708 -25.45 -16.13 -16.27
C GLN A 708 -24.62 -15.12 -17.04
N HIS A 709 -25.14 -13.90 -17.21
CA HIS A 709 -24.41 -12.87 -17.94
C HIS A 709 -23.12 -12.43 -17.25
N ARG A 710 -23.03 -12.57 -15.92
CA ARG A 710 -21.78 -12.26 -15.26
C ARG A 710 -20.95 -13.48 -14.88
N GLN A 711 -21.58 -14.63 -14.64
CA GLN A 711 -20.81 -15.87 -14.46
C GLN A 711 -19.87 -16.12 -15.62
N MET A 712 -20.33 -15.88 -16.85
CA MET A 712 -19.42 -15.94 -17.99
C MET A 712 -18.29 -14.92 -17.85
N ALA A 713 -18.65 -13.67 -17.53
CA ALA A 713 -17.66 -12.61 -17.40
C ALA A 713 -16.69 -12.84 -16.25
N ILE A 714 -17.08 -13.60 -15.24
CA ILE A 714 -16.15 -14.02 -14.20
C ILE A 714 -15.12 -15.01 -14.76
N HIS A 715 -15.61 -16.11 -15.32
CA HIS A 715 -14.71 -17.19 -15.73
C HIS A 715 -13.82 -16.80 -16.91
N LYS A 716 -14.38 -16.09 -17.90
CA LYS A 716 -13.57 -15.61 -19.01
C LYS A 716 -12.46 -14.67 -18.56
N ARG A 717 -12.73 -13.82 -17.56
CA ARG A 717 -11.68 -12.98 -17.01
C ARG A 717 -10.66 -13.78 -16.21
N PHE A 718 -11.11 -14.78 -15.47
CA PHE A 718 -10.19 -15.61 -14.67
C PHE A 718 -9.26 -16.43 -15.55
N PHE A 719 -9.78 -17.07 -16.58
CA PHE A 719 -8.92 -17.80 -17.52
C PHE A 719 -7.86 -16.89 -18.13
N THR A 720 -8.22 -15.65 -18.46
CA THR A 720 -7.24 -14.67 -18.93
C THR A 720 -6.19 -14.32 -17.86
N SER A 721 -6.56 -14.34 -16.59
CA SER A 721 -5.60 -14.12 -15.51
C SER A 721 -4.64 -15.28 -15.33
N LEU A 722 -5.11 -16.52 -15.49
CA LEU A 722 -4.21 -17.66 -15.41
C LEU A 722 -3.06 -17.59 -16.42
N VAL A 723 -3.30 -16.98 -17.58
CA VAL A 723 -2.21 -16.74 -18.52
C VAL A 723 -1.28 -15.65 -18.02
N LEU A 724 -1.83 -14.52 -17.56
CA LEU A 724 -0.99 -13.45 -17.01
C LEU A 724 -0.15 -13.91 -15.84
N LEU A 725 -0.66 -14.83 -15.02
CA LEU A 725 0.12 -15.37 -13.91
C LEU A 725 1.37 -16.09 -14.40
N ASP A 726 1.24 -16.87 -15.47
CA ASP A 726 2.39 -17.55 -16.07
C ASP A 726 3.35 -16.59 -16.77
N LEU A 727 2.87 -15.47 -17.30
CA LEU A 727 3.79 -14.48 -17.86
C LEU A 727 4.65 -13.82 -16.78
N ILE A 728 4.04 -13.36 -15.69
CA ILE A 728 4.87 -12.81 -14.61
C ILE A 728 5.67 -13.88 -13.90
N SER A 729 5.29 -15.15 -13.99
CA SER A 729 6.09 -16.24 -13.46
C SER A 729 7.14 -16.73 -14.44
N GLU A 730 7.33 -16.05 -15.56
CA GLU A 730 8.40 -16.34 -16.52
C GLU A 730 8.33 -17.77 -17.06
N VAL A 731 7.13 -18.31 -17.19
CA VAL A 731 6.94 -19.60 -17.86
C VAL A 731 7.28 -19.46 -19.33
N PRO A 732 7.96 -20.42 -19.96
CA PRO A 732 8.24 -20.31 -21.39
C PRO A 732 6.98 -20.21 -22.23
N LEU A 733 6.99 -19.29 -23.20
CA LEU A 733 5.83 -19.06 -24.04
C LEU A 733 5.42 -20.30 -24.83
N ARG A 734 6.39 -21.13 -25.24
CA ARG A 734 6.05 -22.35 -25.95
C ARG A 734 5.27 -23.32 -25.07
N GLU A 735 5.46 -23.25 -23.76
CA GLU A 735 4.68 -24.05 -22.82
C GLU A 735 3.31 -23.46 -22.59
N ILE A 736 3.21 -22.12 -22.50
CA ILE A 736 1.92 -21.46 -22.38
C ILE A 736 1.03 -21.78 -23.58
N ASN A 737 1.58 -21.67 -24.80
CA ASN A 737 0.77 -21.93 -25.98
C ASN A 737 0.18 -23.34 -25.96
N GLN A 738 0.98 -24.34 -25.58
CA GLN A 738 0.46 -25.70 -25.49
C GLN A 738 -0.48 -25.88 -24.30
N LYS A 739 -0.24 -25.13 -23.23
CA LYS A 739 -1.04 -25.26 -22.01
C LYS A 739 -2.42 -24.63 -22.16
N TYR A 740 -2.51 -23.47 -22.81
CA TYR A 740 -3.76 -22.73 -22.91
C TYR A 740 -4.34 -22.67 -24.32
N GLY A 741 -3.59 -23.08 -25.33
CA GLY A 741 -4.03 -22.91 -26.71
C GLY A 741 -3.83 -21.52 -27.26
N CYS A 742 -3.08 -20.68 -26.56
CA CYS A 742 -2.83 -19.31 -26.97
C CYS A 742 -1.81 -19.29 -28.11
N ASN A 743 -1.46 -18.09 -28.57
CA ASN A 743 -0.37 -17.93 -29.52
C ASN A 743 0.41 -16.66 -29.19
N ARG A 744 1.64 -16.61 -29.70
CA ARG A 744 2.63 -15.59 -29.36
C ARG A 744 2.26 -14.18 -29.80
N GLY A 745 1.20 -13.99 -30.58
CA GLY A 745 0.71 -12.66 -30.84
C GLY A 745 -0.35 -12.21 -29.85
N GLN A 746 -1.26 -13.13 -29.52
CA GLN A 746 -2.21 -12.93 -28.44
C GLN A 746 -1.52 -12.66 -27.10
N ILE A 747 -0.42 -13.37 -26.83
CA ILE A 747 0.35 -13.14 -25.61
C ILE A 747 0.92 -11.72 -25.57
N GLN A 748 1.57 -11.28 -26.65
CA GLN A 748 2.22 -9.98 -26.61
C GLN A 748 1.23 -8.82 -26.50
N SER A 749 0.02 -8.98 -27.04
CA SER A 749 -1.00 -7.96 -26.87
C SER A 749 -1.61 -7.98 -25.48
N LEU A 750 -1.67 -9.16 -24.85
CA LEU A 750 -2.05 -9.26 -23.45
C LEU A 750 -1.06 -8.56 -22.53
N GLN A 751 0.24 -8.76 -22.77
CA GLN A 751 1.26 -8.03 -22.02
C GLN A 751 1.08 -6.52 -22.12
N GLN A 752 0.87 -6.01 -23.34
CA GLN A 752 0.70 -4.57 -23.53
C GLN A 752 -0.61 -4.04 -22.98
N SER A 753 -1.65 -4.88 -22.92
CA SER A 753 -2.93 -4.44 -22.36
C SER A 753 -2.96 -4.47 -20.84
N ALA A 754 -2.41 -5.53 -20.23
CA ALA A 754 -2.40 -5.61 -18.78
C ALA A 754 -1.61 -4.46 -18.15
N ALA A 755 -0.48 -4.09 -18.75
CA ALA A 755 0.32 -2.97 -18.25
C ALA A 755 -0.42 -1.64 -18.29
N VAL A 756 -1.46 -1.53 -19.10
CA VAL A 756 -2.29 -0.32 -19.14
C VAL A 756 -3.48 -0.42 -18.19
N TYR A 757 -4.11 -1.60 -18.11
CA TYR A 757 -5.20 -1.80 -17.18
C TYR A 757 -4.80 -1.51 -15.74
N ALA A 758 -3.60 -1.92 -15.34
CA ALA A 758 -3.13 -1.63 -13.99
C ALA A 758 -3.03 -0.13 -13.73
N GLY A 759 -2.83 0.68 -14.76
CA GLY A 759 -2.84 2.12 -14.59
C GLY A 759 -4.21 2.77 -14.64
N MET A 760 -5.14 2.19 -15.40
CA MET A 760 -6.52 2.65 -15.38
C MET A 760 -7.18 2.37 -14.03
N ILE A 761 -7.07 1.13 -13.55
CA ILE A 761 -7.78 0.70 -12.36
C ILE A 761 -7.15 1.24 -11.08
N THR A 762 -5.89 1.66 -11.11
CA THR A 762 -5.37 2.54 -10.07
C THR A 762 -6.10 3.87 -10.06
N VAL A 763 -6.29 4.48 -11.23
CA VAL A 763 -7.03 5.74 -11.31
C VAL A 763 -8.51 5.52 -11.02
N PHE A 764 -9.02 4.33 -11.32
CA PHE A 764 -10.39 3.98 -10.95
C PHE A 764 -10.57 3.94 -9.44
N SER A 765 -9.78 3.11 -8.76
CA SER A 765 -9.87 2.99 -7.31
C SER A 765 -9.47 4.27 -6.58
N ASN A 766 -8.49 5.02 -7.10
CA ASN A 766 -8.15 6.32 -6.55
C ASN A 766 -9.34 7.26 -6.47
N ARG A 767 -10.29 7.16 -7.40
CA ARG A 767 -11.37 8.14 -7.46
C ARG A 767 -12.70 7.61 -6.94
N LEU A 768 -12.82 6.30 -6.74
CA LEU A 768 -13.80 5.76 -5.80
C LEU A 768 -13.40 6.01 -4.36
N GLY A 769 -12.18 6.49 -4.12
CA GLY A 769 -11.68 6.73 -2.77
C GLY A 769 -11.25 5.49 -2.02
N TRP A 770 -11.10 4.36 -2.70
CA TRP A 770 -10.70 3.10 -2.08
C TRP A 770 -9.17 3.03 -1.98
N HIS A 771 -8.60 3.98 -1.24
CA HIS A 771 -7.16 4.19 -1.19
C HIS A 771 -6.40 2.98 -0.65
N ASN A 772 -7.05 2.10 0.11
CA ASN A 772 -6.40 0.85 0.50
C ASN A 772 -6.30 -0.14 -0.64
N MET A 773 -7.17 -0.04 -1.64
CA MET A 773 -7.03 -0.82 -2.87
C MET A 773 -6.14 -0.15 -3.90
N GLU A 774 -6.10 1.19 -3.92
CA GLU A 774 -5.21 1.91 -4.84
C GLU A 774 -3.74 1.60 -4.60
N LEU A 775 -3.31 1.58 -3.34
CA LEU A 775 -1.90 1.30 -3.07
C LEU A 775 -1.51 -0.13 -3.42
N LEU A 776 -2.40 -1.10 -3.19
CA LEU A 776 -2.10 -2.47 -3.61
C LEU A 776 -1.99 -2.60 -5.12
N LEU A 777 -2.82 -1.86 -5.86
CA LEU A 777 -2.74 -1.86 -7.32
C LEU A 777 -1.56 -1.03 -7.83
N SER A 778 -1.31 0.14 -7.23
CA SER A 778 -0.17 0.95 -7.66
C SER A 778 1.16 0.29 -7.33
N GLN A 779 1.28 -0.36 -6.17
CA GLN A 779 2.47 -1.14 -5.85
C GLN A 779 2.63 -2.36 -6.76
N PHE A 780 1.57 -2.81 -7.41
CA PHE A 780 1.64 -3.91 -8.36
C PHE A 780 1.84 -3.45 -9.79
N GLN A 781 1.39 -2.25 -10.14
CA GLN A 781 1.73 -1.64 -11.43
C GLN A 781 3.24 -1.60 -11.67
N LYS A 782 4.03 -1.41 -10.62
CA LYS A 782 5.49 -1.46 -10.74
C LYS A 782 6.00 -2.84 -11.12
N ARG A 783 5.27 -3.90 -10.80
CA ARG A 783 5.71 -5.25 -11.11
C ARG A 783 5.19 -5.79 -12.43
N LEU A 784 4.05 -5.28 -12.91
CA LEU A 784 3.42 -5.81 -14.12
C LEU A 784 4.12 -5.27 -15.38
N THR A 785 5.39 -5.61 -15.49
CA THR A 785 6.17 -5.32 -16.70
C THR A 785 7.16 -6.44 -16.93
N PHE A 786 7.57 -6.59 -18.19
CA PHE A 786 8.10 -7.85 -18.71
C PHE A 786 9.42 -7.74 -19.45
N GLY A 787 10.01 -6.56 -19.56
CA GLY A 787 11.31 -6.45 -20.20
C GLY A 787 12.47 -6.79 -19.29
N ILE A 788 13.59 -7.11 -19.93
CA ILE A 788 14.82 -7.44 -19.22
C ILE A 788 15.42 -6.18 -18.61
N GLN A 789 15.75 -6.24 -17.32
CA GLN A 789 16.52 -5.18 -16.68
C GLN A 789 17.97 -5.25 -17.13
N ARG A 790 18.38 -4.31 -18.00
CA ARG A 790 19.59 -4.46 -18.78
C ARG A 790 20.83 -4.62 -17.91
N GLU A 791 20.81 -4.05 -16.70
CA GLU A 791 21.92 -4.21 -15.78
C GLU A 791 22.13 -5.67 -15.37
N LEU A 792 21.08 -6.49 -15.45
CA LEU A 792 21.20 -7.91 -15.17
C LEU A 792 21.59 -8.73 -16.39
N CYS A 793 21.58 -8.12 -17.58
CA CYS A 793 21.44 -8.88 -18.82
C CYS A 793 22.59 -9.87 -19.01
N ASP A 794 23.83 -9.45 -18.72
CA ASP A 794 24.99 -10.31 -18.88
C ASP A 794 25.02 -11.49 -17.92
N LEU A 795 24.19 -11.51 -16.88
CA LEU A 795 24.05 -12.69 -16.03
C LEU A 795 22.97 -13.64 -16.55
N VAL A 796 21.79 -13.10 -16.84
CA VAL A 796 20.70 -13.91 -17.39
C VAL A 796 21.03 -14.39 -18.79
N ARG A 797 21.98 -13.72 -19.46
CA ARG A 797 22.54 -14.21 -20.71
C ARG A 797 23.03 -15.66 -20.62
N VAL A 798 23.50 -16.09 -19.45
CA VAL A 798 24.22 -17.35 -19.31
C VAL A 798 23.39 -18.40 -18.58
N SER A 799 22.99 -18.12 -17.33
CA SER A 799 22.55 -19.19 -16.45
C SER A 799 21.10 -19.59 -16.65
N LEU A 800 20.33 -18.83 -17.43
CA LEU A 800 18.90 -19.09 -17.68
C LEU A 800 18.09 -19.17 -16.38
N LEU A 801 18.60 -18.60 -15.31
CA LEU A 801 17.89 -18.52 -14.04
C LEU A 801 16.76 -17.49 -14.11
N ASN A 802 15.76 -17.69 -13.25
CA ASN A 802 14.72 -16.68 -13.07
C ASN A 802 15.34 -15.36 -12.65
N ALA A 803 14.89 -14.28 -13.28
CA ALA A 803 15.59 -13.00 -13.18
C ALA A 803 15.63 -12.43 -11.77
N GLN A 804 14.73 -12.86 -10.89
CA GLN A 804 14.87 -12.48 -9.49
C GLN A 804 16.10 -13.11 -8.84
N ARG A 805 16.44 -14.34 -9.23
CA ARG A 805 17.66 -14.95 -8.72
C ARG A 805 18.90 -14.20 -9.19
N ALA A 806 18.94 -13.86 -10.47
CA ALA A 806 19.98 -12.97 -11.00
C ALA A 806 19.99 -11.62 -10.29
N ARG A 807 18.83 -11.03 -10.04
CA ARG A 807 18.79 -9.71 -9.41
C ARG A 807 19.37 -9.73 -8.00
N VAL A 808 18.98 -10.70 -7.18
CA VAL A 808 19.54 -10.74 -5.83
C VAL A 808 21.03 -11.06 -5.86
N LEU A 809 21.47 -11.90 -6.81
CA LEU A 809 22.90 -12.11 -7.01
C LEU A 809 23.58 -10.88 -7.59
N TYR A 810 22.81 -9.89 -8.05
CA TYR A 810 23.31 -8.59 -8.46
C TYR A 810 23.11 -7.53 -7.38
N ALA A 811 21.93 -7.53 -6.74
CA ALA A 811 21.67 -6.59 -5.65
C ALA A 811 22.59 -6.83 -4.47
N SER A 812 23.08 -8.04 -4.30
CA SER A 812 24.16 -8.36 -3.38
C SER A 812 25.43 -8.69 -4.14
N GLY A 813 26.51 -7.98 -3.80
CA GLY A 813 27.83 -8.22 -4.36
C GLY A 813 28.04 -7.81 -5.80
N PHE A 814 27.00 -7.29 -6.47
CA PHE A 814 27.15 -6.72 -7.81
C PHE A 814 27.68 -7.74 -8.81
N HIS A 815 27.39 -9.03 -8.57
CA HIS A 815 28.11 -10.10 -9.26
C HIS A 815 27.85 -10.07 -10.76
N THR A 816 28.92 -10.05 -11.53
CA THR A 816 28.93 -10.58 -12.88
C THR A 816 29.10 -12.11 -12.83
N VAL A 817 28.96 -12.75 -13.99
CA VAL A 817 29.16 -14.19 -14.06
C VAL A 817 30.56 -14.56 -13.59
N ALA A 818 31.56 -13.75 -13.93
CA ALA A 818 32.92 -13.98 -13.47
C ALA A 818 33.07 -13.84 -11.96
N ASP A 819 32.15 -13.13 -11.30
CA ASP A 819 32.11 -13.08 -9.84
C ASP A 819 31.34 -14.24 -9.24
N LEU A 820 30.21 -14.62 -9.83
CA LEU A 820 29.46 -15.79 -9.39
C LEU A 820 30.28 -17.06 -9.45
N ALA A 821 31.24 -17.14 -10.38
CA ALA A 821 32.17 -18.27 -10.42
C ALA A 821 33.14 -18.28 -9.24
N ARG A 822 33.30 -17.16 -8.53
CA ARG A 822 34.23 -17.11 -7.40
C ARG A 822 33.55 -17.21 -6.04
N ALA A 823 32.24 -16.94 -5.94
CA ALA A 823 31.56 -16.92 -4.67
C ALA A 823 31.56 -18.30 -4.01
N ASN A 824 31.56 -18.30 -2.67
CA ASN A 824 31.45 -19.53 -1.89
C ASN A 824 30.03 -20.07 -1.93
N ILE A 825 29.92 -21.38 -2.12
CA ILE A 825 28.62 -22.05 -2.18
C ILE A 825 27.80 -21.83 -0.91
N VAL A 826 28.44 -21.62 0.23
CA VAL A 826 27.71 -21.35 1.46
C VAL A 826 27.25 -19.89 1.55
N GLU A 827 28.03 -18.95 1.03
CA GLU A 827 27.57 -17.57 0.87
C GLU A 827 26.38 -17.47 -0.07
N VAL A 828 26.43 -18.16 -1.21
CA VAL A 828 25.32 -18.15 -2.15
C VAL A 828 24.06 -18.79 -1.56
N GLU A 829 24.23 -19.88 -0.80
CA GLU A 829 23.08 -20.47 -0.11
C GLU A 829 22.42 -19.49 0.86
N VAL A 830 23.21 -18.74 1.61
CA VAL A 830 22.64 -17.74 2.51
C VAL A 830 21.95 -16.62 1.73
N ILE A 831 22.52 -16.19 0.61
CA ILE A 831 21.85 -15.20 -0.23
C ILE A 831 20.54 -15.75 -0.79
N LEU A 832 20.56 -16.99 -1.28
CA LEU A 832 19.34 -17.60 -1.84
C LEU A 832 18.29 -17.86 -0.77
N LYS A 833 18.69 -18.15 0.47
CA LYS A 833 17.74 -18.33 1.55
C LYS A 833 17.11 -17.01 2.00
N ASN A 834 17.90 -15.94 2.09
CA ASN A 834 17.41 -14.65 2.54
C ASN A 834 17.01 -13.72 1.40
N ALA A 835 16.96 -14.23 0.17
CA ALA A 835 16.46 -13.43 -0.94
C ALA A 835 14.93 -13.34 -0.95
N VAL A 836 14.25 -14.42 -0.60
CA VAL A 836 12.81 -14.53 -0.77
C VAL A 836 12.06 -13.78 0.33
N PRO A 837 10.81 -13.38 0.10
CA PRO A 837 9.92 -13.07 1.21
C PRO A 837 9.60 -14.30 2.04
N PHE A 838 9.50 -14.10 3.36
CA PHE A 838 9.43 -15.21 4.29
C PHE A 838 8.15 -16.03 4.10
N LYS A 839 8.28 -17.34 4.28
CA LYS A 839 7.14 -18.27 4.28
C LYS A 839 7.48 -19.37 5.28
N SER A 840 6.76 -19.43 6.39
CA SER A 840 7.11 -20.42 7.40
C SER A 840 6.79 -21.84 6.93
N ALA A 841 7.61 -22.78 7.39
CA ALA A 841 7.50 -24.19 7.04
C ALA A 841 6.56 -24.97 7.95
N ARG A 842 6.17 -24.43 9.09
CA ARG A 842 5.35 -25.17 10.04
C ARG A 842 3.88 -25.20 9.64
N LYS A 843 3.20 -26.26 10.08
CA LYS A 843 1.75 -26.33 10.11
C LYS A 843 1.23 -25.54 11.31
N ALA A 844 0.41 -24.52 11.05
CA ALA A 844 -0.28 -23.85 12.14
C ALA A 844 -1.41 -24.73 12.67
N VAL A 845 -1.92 -24.36 13.84
CA VAL A 845 -3.08 -25.04 14.42
C VAL A 845 -4.35 -24.59 13.71
N ASP A 846 -5.27 -25.53 13.51
CA ASP A 846 -6.45 -25.34 12.67
C ASP A 846 -6.05 -24.87 11.26
N GLU A 847 -5.11 -25.60 10.66
CA GLU A 847 -4.73 -25.37 9.28
C GLU A 847 -4.59 -26.72 8.58
N GLU A 848 -5.06 -26.80 7.34
CA GLU A 848 -4.87 -28.01 6.56
C GLU A 848 -3.45 -28.07 6.02
N GLU A 849 -2.85 -29.27 6.07
CA GLU A 849 -1.49 -29.43 5.60
C GLU A 849 -1.37 -29.14 4.11
N GLU A 850 -2.45 -29.34 3.35
CA GLU A 850 -2.49 -28.93 1.95
C GLU A 850 -2.30 -27.42 1.78
N ALA A 851 -2.52 -26.64 2.84
CA ALA A 851 -2.18 -25.23 2.82
C ALA A 851 -0.77 -24.95 3.32
N VAL A 852 -0.18 -25.86 4.09
CA VAL A 852 1.20 -25.68 4.53
C VAL A 852 2.16 -26.07 3.41
N GLU A 853 1.87 -27.19 2.74
CA GLU A 853 2.75 -27.71 1.69
C GLU A 853 3.08 -26.66 0.65
N GLU A 854 2.10 -25.84 0.28
CA GLU A 854 2.33 -24.74 -0.65
C GLU A 854 3.36 -23.74 -0.15
N ARG A 855 3.31 -23.40 1.14
CA ARG A 855 4.28 -22.43 1.67
C ARG A 855 5.71 -22.97 1.68
N ARG A 856 5.90 -24.26 1.99
CA ARG A 856 7.22 -24.87 1.88
C ARG A 856 7.62 -25.15 0.42
N ASN A 857 6.66 -25.49 -0.44
CA ASN A 857 6.97 -25.67 -1.86
C ASN A 857 7.41 -24.38 -2.52
N MET A 858 6.74 -23.26 -2.23
CA MET A 858 7.09 -22.00 -2.88
C MET A 858 8.55 -21.61 -2.65
N ARG A 859 9.15 -22.05 -1.55
CA ARG A 859 10.55 -21.76 -1.30
C ARG A 859 11.51 -22.64 -2.10
N THR A 860 11.04 -23.76 -2.64
CA THR A 860 11.91 -24.61 -3.44
C THR A 860 12.21 -23.96 -4.79
N ILE A 861 13.36 -24.31 -5.36
CA ILE A 861 13.91 -23.56 -6.49
C ILE A 861 13.65 -24.21 -7.84
N TRP A 862 13.29 -25.49 -7.89
CA TRP A 862 13.03 -26.12 -9.18
C TRP A 862 11.94 -27.18 -9.06
N LYS A 867 14.77 -30.43 -9.35
CA LYS A 867 13.76 -31.33 -8.81
C LYS A 867 13.68 -31.19 -7.30
N GLY A 868 13.15 -30.04 -6.86
CA GLY A 868 13.04 -29.75 -5.45
C GLY A 868 14.33 -29.28 -4.82
N LEU A 869 15.20 -28.63 -5.59
CA LEU A 869 16.49 -28.17 -5.09
C LEU A 869 16.28 -27.19 -3.94
N THR A 870 16.78 -27.55 -2.76
CA THR A 870 16.94 -26.58 -1.71
C THR A 870 18.19 -25.74 -1.92
N GLU A 871 18.24 -24.59 -1.24
CA GLU A 871 19.36 -23.67 -1.40
C GLU A 871 20.69 -24.33 -1.05
N ARG A 872 20.67 -25.26 -0.09
CA ARG A 872 21.87 -26.04 0.22
C ARG A 872 22.46 -26.66 -1.05
N GLU A 873 21.61 -27.24 -1.89
CA GLU A 873 22.05 -27.94 -3.10
C GLU A 873 22.16 -27.01 -4.31
N ALA A 874 21.16 -26.14 -4.50
CA ALA A 874 21.16 -25.21 -5.62
C ALA A 874 22.37 -24.28 -5.61
N ALA A 875 22.80 -23.85 -4.43
CA ALA A 875 23.98 -22.99 -4.33
C ALA A 875 25.25 -23.69 -4.77
N ALA A 876 25.28 -25.03 -4.69
CA ALA A 876 26.40 -25.75 -5.30
C ALA A 876 26.24 -25.83 -6.82
N LEU A 877 25.07 -26.25 -7.30
CA LEU A 877 24.85 -26.43 -8.73
C LEU A 877 25.03 -25.12 -9.49
N ILE A 878 24.60 -24.00 -8.92
CA ILE A 878 24.82 -22.70 -9.55
C ILE A 878 26.29 -22.36 -9.62
N VAL A 879 27.07 -22.77 -8.62
CA VAL A 879 28.52 -22.58 -8.67
C VAL A 879 29.14 -23.49 -9.71
N GLU A 880 28.71 -24.75 -9.76
CA GLU A 880 29.15 -25.67 -10.81
C GLU A 880 28.86 -25.11 -12.20
N GLU A 881 27.64 -24.64 -12.43
CA GLU A 881 27.30 -24.02 -13.72
C GLU A 881 28.17 -22.81 -14.02
N ALA A 882 28.32 -21.90 -13.05
CA ALA A 882 29.11 -20.70 -13.29
C ALA A 882 30.59 -21.00 -13.55
N ARG A 883 31.18 -21.90 -12.76
CA ARG A 883 32.60 -22.21 -12.94
C ARG A 883 32.86 -23.08 -14.18
N MET A 884 31.96 -24.02 -14.50
CA MET A 884 32.09 -24.77 -15.73
C MET A 884 31.87 -23.92 -16.98
N ILE A 885 30.96 -22.94 -16.92
CA ILE A 885 30.84 -22.00 -18.04
C ILE A 885 32.06 -21.11 -18.16
N LEU A 886 32.52 -20.54 -17.04
CA LEU A 886 33.70 -19.70 -17.08
C LEU A 886 34.91 -20.45 -17.63
N GLN A 887 35.06 -21.72 -17.24
CA GLN A 887 36.10 -22.58 -17.79
C GLN A 887 35.97 -22.78 -19.30
N GLN A 888 34.81 -22.47 -19.88
CA GLN A 888 34.62 -22.57 -21.32
C GLN A 888 34.33 -21.22 -21.98
N ASP A 889 34.47 -20.11 -21.26
CA ASP A 889 34.24 -18.79 -21.82
C ASP A 889 35.50 -17.96 -22.00
N LEU A 890 36.50 -18.14 -21.13
CA LEU A 890 37.78 -17.44 -21.28
C LEU A 890 38.68 -18.09 -22.33
N VAL A 891 38.23 -19.13 -23.01
CA VAL A 891 39.07 -19.88 -23.93
C VAL A 891 39.33 -19.06 -25.20
N ASP B 66 37.14 19.94 53.09
CA ASP B 66 36.95 20.89 51.99
C ASP B 66 36.41 20.17 50.76
N LYS B 67 36.49 18.84 50.78
CA LYS B 67 36.12 18.02 49.64
C LYS B 67 34.61 17.89 49.46
N LEU B 68 33.81 18.45 50.37
CA LEU B 68 32.36 18.42 50.22
C LEU B 68 31.83 19.57 49.38
N LEU B 69 32.45 20.74 49.42
CA LEU B 69 31.94 21.89 48.67
C LEU B 69 32.13 21.66 47.17
N LEU B 70 31.03 21.72 46.42
CA LEU B 70 31.06 21.34 45.01
C LEU B 70 31.95 22.26 44.19
N ALA B 71 32.09 23.53 44.61
CA ALA B 71 32.98 24.46 43.92
C ALA B 71 34.43 23.99 43.91
N ASN B 72 34.82 23.17 44.89
CA ASN B 72 36.19 22.69 44.97
C ASN B 72 36.47 21.48 44.08
N TRP B 73 35.43 20.88 43.49
CA TRP B 73 35.63 19.73 42.61
C TRP B 73 35.99 20.13 41.19
N GLY B 74 36.10 21.43 40.90
CA GLY B 74 36.57 21.89 39.62
C GLY B 74 35.60 21.76 38.47
N LEU B 75 34.31 21.70 38.76
CA LEU B 75 33.26 21.72 37.74
C LEU B 75 33.41 22.95 36.85
N PRO B 76 32.94 22.91 35.60
CA PRO B 76 32.77 24.15 34.84
C PRO B 76 31.70 25.04 35.48
N LYS B 77 32.07 26.31 35.69
CA LYS B 77 31.30 27.21 36.55
C LYS B 77 29.83 27.31 36.14
N ALA B 78 29.55 27.22 34.84
CA ALA B 78 28.16 27.22 34.37
C ALA B 78 27.33 26.12 35.01
N VAL B 79 27.93 24.94 35.23
CA VAL B 79 27.21 23.86 35.87
C VAL B 79 27.14 24.05 37.38
N LEU B 80 28.18 24.62 37.98
CA LEU B 80 28.15 24.99 39.39
C LEU B 80 27.01 25.96 39.70
N GLU B 81 26.83 26.97 38.85
CA GLU B 81 25.71 27.90 39.01
C GLU B 81 24.35 27.23 38.87
N LYS B 82 24.22 26.26 37.96
CA LYS B 82 22.98 25.49 37.87
C LYS B 82 22.73 24.64 39.12
N TYR B 83 23.76 23.94 39.61
CA TYR B 83 23.61 23.23 40.87
C TYR B 83 23.32 24.17 42.04
N HIS B 84 23.95 25.34 42.05
CA HIS B 84 23.58 26.34 43.06
C HIS B 84 22.13 26.77 42.95
N SER B 85 21.57 26.75 41.74
CA SER B 85 20.14 27.01 41.57
C SER B 85 19.28 25.83 41.99
N PHE B 86 19.66 24.62 41.57
CA PHE B 86 18.78 23.46 41.73
C PHE B 86 18.74 22.89 43.15
N GLY B 87 19.77 23.09 43.97
CA GLY B 87 19.75 22.45 45.27
C GLY B 87 20.93 22.83 46.14
N VAL B 88 21.18 21.96 47.13
CA VAL B 88 22.25 22.18 48.09
C VAL B 88 23.61 22.24 47.40
N LYS B 89 24.42 23.20 47.82
CA LYS B 89 25.70 23.50 47.19
C LYS B 89 26.82 22.55 47.63
N LYS B 90 26.60 21.78 48.70
CA LYS B 90 27.58 20.83 49.21
C LYS B 90 27.09 19.41 49.00
N MET B 91 27.97 18.55 48.50
CA MET B 91 27.68 17.12 48.45
C MET B 91 27.64 16.53 49.86
N PHE B 92 26.83 15.49 50.01
CA PHE B 92 26.86 14.67 51.21
C PHE B 92 28.15 13.86 51.30
N GLU B 93 28.55 13.56 52.54
CA GLU B 93 29.84 12.92 52.78
C GLU B 93 29.94 11.56 52.09
N TRP B 94 28.85 10.80 52.07
CA TRP B 94 28.85 9.53 51.36
C TRP B 94 29.07 9.69 49.86
N GLN B 95 28.69 10.84 49.31
CA GLN B 95 28.95 11.09 47.89
C GLN B 95 30.42 11.38 47.63
N ALA B 96 31.06 12.16 48.50
CA ALA B 96 32.50 12.38 48.40
C ALA B 96 33.29 11.10 48.60
N GLU B 97 32.89 10.25 49.53
CA GLU B 97 33.52 8.94 49.66
C GLU B 97 33.30 8.08 48.42
N CYS B 98 32.09 8.10 47.86
CA CYS B 98 31.80 7.25 46.71
C CYS B 98 32.60 7.68 45.49
N LEU B 99 32.64 8.97 45.19
CA LEU B 99 33.47 9.47 44.10
C LEU B 99 34.96 9.30 44.32
N LEU B 100 35.40 8.97 45.54
CA LEU B 100 36.82 8.79 45.85
C LEU B 100 37.16 7.36 46.22
N LEU B 101 36.36 6.40 45.76
CA LEU B 101 36.88 5.04 45.60
C LEU B 101 38.02 5.03 44.59
N GLY B 102 38.81 3.95 44.65
CA GLY B 102 40.17 3.98 44.11
C GLY B 102 40.24 4.32 42.63
N GLN B 103 39.27 3.86 41.84
CA GLN B 103 39.38 3.96 40.40
C GLN B 103 38.11 4.41 39.69
N VAL B 104 37.01 4.69 40.41
CA VAL B 104 35.79 5.16 39.76
C VAL B 104 36.04 6.44 38.97
N LEU B 105 36.90 7.33 39.50
CA LEU B 105 37.29 8.50 38.72
C LEU B 105 38.27 8.19 37.61
N GLU B 106 39.06 7.11 37.74
CA GLU B 106 39.93 6.71 36.64
C GLU B 106 39.14 6.12 35.48
N GLY B 107 37.99 5.52 35.75
CA GLY B 107 37.15 4.98 34.72
C GLY B 107 36.60 3.59 35.04
N LYS B 108 36.93 3.08 36.21
CA LYS B 108 36.43 1.78 36.63
C LYS B 108 34.93 1.83 36.83
N ASN B 109 34.25 0.72 36.55
CA ASN B 109 32.81 0.65 36.77
C ASN B 109 32.50 0.87 38.25
N LEU B 110 31.31 1.39 38.52
CA LEU B 110 30.89 1.66 39.89
C LEU B 110 29.48 1.12 40.14
N VAL B 111 29.31 0.43 41.25
CA VAL B 111 28.00 0.02 41.75
C VAL B 111 27.86 0.59 43.15
N TYR B 112 26.78 1.32 43.40
CA TYR B 112 26.61 1.94 44.71
C TYR B 112 25.15 1.93 45.10
N SER B 113 24.91 2.08 46.41
CA SER B 113 23.57 2.13 46.97
C SER B 113 23.47 3.27 47.99
N ALA B 114 22.37 4.00 47.92
CA ALA B 114 21.97 4.92 48.99
C ALA B 114 20.46 4.94 49.04
N PRO B 115 19.88 5.28 50.19
CA PRO B 115 18.44 5.57 50.23
C PRO B 115 18.07 6.65 49.23
N THR B 116 16.94 6.44 48.54
CA THR B 116 16.60 7.28 47.39
C THR B 116 16.39 8.74 47.77
N SER B 117 16.13 9.03 49.05
CA SER B 117 16.01 10.42 49.47
C SER B 117 17.36 11.12 49.58
N ALA B 118 18.47 10.37 49.63
CA ALA B 118 19.78 10.97 49.45
C ALA B 118 19.93 11.45 48.01
N GLY B 119 21.00 12.22 47.77
CA GLY B 119 21.32 12.68 46.43
C GLY B 119 21.87 11.57 45.56
N LYS B 120 21.12 10.49 45.44
CA LYS B 120 21.64 9.24 44.85
C LYS B 120 22.24 9.46 43.47
N THR B 121 21.55 10.23 42.61
CA THR B 121 21.99 10.40 41.24
C THR B 121 23.08 11.45 41.07
N LEU B 122 23.36 12.27 42.09
CA LEU B 122 24.37 13.31 41.94
C LEU B 122 25.74 12.73 41.65
N VAL B 123 26.05 11.56 42.21
CA VAL B 123 27.28 10.85 41.88
C VAL B 123 27.35 10.55 40.39
N ALA B 124 26.37 9.82 39.87
CA ALA B 124 26.33 9.47 38.46
C ALA B 124 26.28 10.69 37.54
N GLU B 125 25.62 11.77 37.97
CA GLU B 125 25.62 12.98 37.15
C GLU B 125 27.02 13.59 37.04
N LEU B 126 27.79 13.61 38.13
CA LEU B 126 29.16 14.10 38.04
C LEU B 126 30.07 13.18 37.25
N LEU B 127 29.85 11.86 37.34
CA LEU B 127 30.62 10.93 36.51
C LEU B 127 30.28 11.07 35.03
N ILE B 128 28.99 11.24 34.70
CA ILE B 128 28.62 11.52 33.32
C ILE B 128 29.33 12.77 32.81
N LEU B 129 29.19 13.88 33.54
CA LEU B 129 29.70 15.16 33.05
C LEU B 129 31.20 15.12 32.82
N LYS B 130 31.93 14.47 33.72
CA LYS B 130 33.37 14.31 33.58
C LYS B 130 33.73 13.57 32.30
N ARG B 131 33.18 12.37 32.12
CA ARG B 131 33.60 11.52 31.00
C ARG B 131 33.16 12.07 29.65
N VAL B 132 31.99 12.72 29.59
CA VAL B 132 31.54 13.33 28.35
C VAL B 132 32.38 14.55 27.95
N LEU B 133 33.02 15.21 28.92
CA LEU B 133 33.93 16.29 28.58
C LEU B 133 35.37 15.82 28.38
N GLU B 134 35.80 14.83 29.15
CA GLU B 134 37.15 14.28 28.96
C GLU B 134 37.23 13.40 27.73
N MET B 135 36.12 12.83 27.27
CA MET B 135 36.08 12.03 26.07
C MET B 135 34.86 12.40 25.25
N ARG B 136 35.05 12.51 23.93
CA ARG B 136 33.95 12.65 22.97
C ARG B 136 33.31 11.28 22.74
N LYS B 137 32.64 10.80 23.79
CA LYS B 137 31.88 9.56 23.73
C LYS B 137 30.53 9.77 24.39
N LYS B 138 29.59 8.90 24.05
CA LYS B 138 28.16 9.14 24.27
C LYS B 138 27.66 8.32 25.45
N ALA B 139 26.97 8.99 26.38
CA ALA B 139 26.41 8.36 27.56
C ALA B 139 25.01 7.83 27.29
N LEU B 140 24.67 6.71 27.94
CA LEU B 140 23.35 6.11 27.85
C LEU B 140 22.79 5.96 29.26
N PHE B 141 21.68 6.65 29.54
CA PHE B 141 21.12 6.74 30.88
C PHE B 141 19.81 5.95 30.91
N ILE B 142 19.78 4.87 31.68
CA ILE B 142 18.73 3.85 31.58
C ILE B 142 17.87 3.89 32.84
N LEU B 143 16.59 4.24 32.66
CA LEU B 143 15.69 4.54 33.76
C LEU B 143 14.45 3.65 33.69
N PRO B 144 13.85 3.31 34.83
CA PRO B 144 12.85 2.24 34.84
C PRO B 144 11.49 2.62 34.27
N PHE B 145 11.13 3.90 34.22
CA PHE B 145 9.80 4.32 33.78
C PHE B 145 9.91 5.61 32.98
N VAL B 146 8.91 5.82 32.13
CA VAL B 146 8.83 7.01 31.29
C VAL B 146 8.68 8.29 32.11
N SER B 147 7.99 8.23 33.24
CA SER B 147 7.83 9.42 34.08
C SER B 147 9.16 9.91 34.63
N VAL B 148 9.92 9.04 35.28
CA VAL B 148 11.25 9.43 35.76
C VAL B 148 12.21 9.71 34.62
N ALA B 149 12.05 9.02 33.49
CA ALA B 149 12.88 9.27 32.32
C ALA B 149 12.68 10.68 31.77
N LYS B 150 11.42 11.09 31.57
CA LYS B 150 11.16 12.46 31.10
C LYS B 150 11.66 13.50 32.08
N GLU B 151 11.39 13.30 33.38
CA GLU B 151 11.85 14.22 34.40
C GLU B 151 13.36 14.37 34.41
N LYS B 152 14.08 13.24 34.30
CA LYS B 152 15.54 13.27 34.23
C LYS B 152 16.05 13.94 32.96
N LYS B 153 15.36 13.74 31.83
CA LYS B 153 15.74 14.43 30.60
C LYS B 153 15.71 15.94 30.76
N TYR B 154 14.58 16.50 31.20
CA TYR B 154 14.46 17.95 31.33
C TYR B 154 15.38 18.53 32.39
N TYR B 155 15.63 17.78 33.47
CA TYR B 155 16.67 18.16 34.43
C TYR B 155 18.04 18.23 33.77
N LEU B 156 18.43 17.16 33.07
CA LEU B 156 19.74 17.11 32.42
C LEU B 156 19.88 18.15 31.31
N GLN B 157 18.80 18.41 30.57
CA GLN B 157 18.82 19.47 29.57
C GLN B 157 19.11 20.84 30.19
N SER B 158 18.34 21.24 31.19
CA SER B 158 18.56 22.53 31.83
C SER B 158 19.89 22.60 32.57
N LEU B 159 20.48 21.47 32.92
CA LEU B 159 21.81 21.44 33.53
C LEU B 159 22.93 21.65 32.50
N PHE B 160 22.97 20.85 31.44
CA PHE B 160 24.12 20.81 30.55
C PHE B 160 24.00 21.68 29.29
N GLN B 161 22.80 22.15 28.94
CA GLN B 161 22.65 22.85 27.66
C GLN B 161 23.57 24.05 27.52
N GLU B 162 23.85 24.75 28.63
CA GLU B 162 24.75 25.90 28.55
C GLU B 162 26.20 25.51 28.29
N VAL B 163 26.58 24.28 28.61
CA VAL B 163 27.88 23.77 28.19
C VAL B 163 27.85 23.28 26.75
N GLY B 164 26.66 23.05 26.19
CA GLY B 164 26.52 22.62 24.82
C GLY B 164 26.43 21.13 24.63
N ILE B 165 26.28 20.37 25.72
CA ILE B 165 26.13 18.93 25.63
C ILE B 165 24.75 18.61 25.07
N LYS B 166 24.71 17.77 24.04
CA LYS B 166 23.45 17.45 23.37
C LYS B 166 22.76 16.34 24.16
N VAL B 167 21.76 16.74 24.96
CA VAL B 167 21.00 15.80 25.77
C VAL B 167 19.64 15.61 25.11
N ASP B 168 19.27 14.35 24.89
CA ASP B 168 17.92 14.00 24.44
C ASP B 168 17.65 12.57 24.90
N GLY B 169 16.54 12.00 24.43
CA GLY B 169 16.16 10.72 25.00
C GLY B 169 15.15 9.96 24.17
N TYR B 170 14.96 8.69 24.56
CA TYR B 170 14.11 7.73 23.86
C TYR B 170 13.12 7.19 24.89
N MET B 171 11.88 7.70 24.87
CA MET B 171 10.91 7.32 25.88
C MET B 171 9.51 7.35 25.28
N GLY B 172 8.71 6.34 25.62
CA GLY B 172 7.26 6.43 25.53
C GLY B 172 6.69 7.13 24.31
N SER B 173 7.09 6.69 23.12
CA SER B 173 6.68 7.27 21.83
C SER B 173 7.16 8.69 21.60
N THR B 174 8.08 9.22 22.42
CA THR B 174 8.80 10.43 22.07
C THR B 174 10.27 10.11 21.86
N SER B 175 10.88 10.75 20.87
CA SER B 175 12.17 10.35 20.35
C SER B 175 12.95 11.60 19.97
N PRO B 176 14.28 11.51 19.87
CA PRO B 176 15.07 12.70 19.60
C PRO B 176 14.91 13.19 18.16
N SER B 177 15.21 14.47 17.98
CA SER B 177 15.09 15.11 16.67
C SER B 177 16.07 14.54 15.64
N ARG B 178 17.10 13.84 16.09
CA ARG B 178 18.13 13.34 15.18
C ARG B 178 18.72 12.07 15.75
N HIS B 179 19.27 11.24 14.87
CA HIS B 179 19.78 9.93 15.26
C HIS B 179 20.91 10.05 16.28
N PHE B 180 21.14 8.94 17.00
CA PHE B 180 21.99 8.93 18.18
C PHE B 180 23.39 9.49 17.91
N SER B 181 23.89 9.33 16.68
CA SER B 181 25.18 9.91 16.30
C SER B 181 25.28 11.39 16.64
N SER B 182 24.16 12.11 16.63
CA SER B 182 24.18 13.54 16.91
C SER B 182 24.18 13.86 18.40
N LEU B 183 23.79 12.93 19.25
CA LEU B 183 23.60 13.22 20.66
C LEU B 183 24.89 12.96 21.44
N ASP B 184 24.95 13.53 22.65
CA ASP B 184 25.95 13.18 23.64
C ASP B 184 25.40 12.32 24.77
N ILE B 185 24.15 12.54 25.18
CA ILE B 185 23.51 11.72 26.21
C ILE B 185 22.13 11.34 25.71
N ALA B 186 21.83 10.04 25.77
CA ALA B 186 20.49 9.53 25.53
C ALA B 186 19.90 9.00 26.83
N VAL B 187 18.78 9.55 27.25
CA VAL B 187 18.07 9.12 28.46
C VAL B 187 16.90 8.28 27.99
N CYS B 188 16.83 7.04 28.46
CA CYS B 188 15.80 6.16 27.92
C CYS B 188 15.35 5.13 28.95
N THR B 189 14.16 4.59 28.69
CA THR B 189 13.66 3.42 29.41
C THR B 189 14.53 2.21 29.09
N ILE B 190 14.40 1.18 29.94
CA ILE B 190 15.12 -0.07 29.70
C ILE B 190 14.81 -0.63 28.31
N GLU B 191 13.54 -0.66 27.92
CA GLU B 191 13.17 -1.34 26.68
C GLU B 191 13.63 -0.57 25.44
N ARG B 192 13.67 0.77 25.51
CA ARG B 192 14.26 1.55 24.44
C ARG B 192 15.78 1.65 24.55
N ALA B 193 16.34 1.31 25.72
CA ALA B 193 17.79 1.11 25.83
C ALA B 193 18.22 -0.19 25.17
N ASN B 194 17.55 -1.29 25.49
CA ASN B 194 17.85 -2.56 24.82
C ASN B 194 17.50 -2.51 23.34
N GLY B 195 16.52 -1.70 22.96
CA GLY B 195 16.31 -1.37 21.56
C GLY B 195 17.47 -0.69 20.88
N LEU B 196 17.88 0.46 21.42
CA LEU B 196 19.02 1.22 20.88
C LEU B 196 20.29 0.37 20.80
N ILE B 197 20.58 -0.38 21.86
CA ILE B 197 21.79 -1.20 21.88
C ILE B 197 21.77 -2.27 20.79
N ASN B 198 20.59 -2.76 20.42
CA ASN B 198 20.51 -3.62 19.24
C ASN B 198 20.79 -2.85 17.95
N ARG B 199 20.39 -1.58 17.87
CA ARG B 199 20.71 -0.80 16.67
C ARG B 199 22.19 -0.45 16.58
N LEU B 200 22.83 -0.15 17.71
CA LEU B 200 24.28 0.05 17.71
C LEU B 200 25.04 -1.21 17.32
N ILE B 201 24.55 -2.38 17.71
CA ILE B 201 25.21 -3.62 17.31
C ILE B 201 24.97 -3.93 15.84
N GLU B 202 23.72 -3.83 15.38
CA GLU B 202 23.42 -4.06 13.97
C GLU B 202 24.11 -3.04 13.06
N GLU B 203 24.17 -1.77 13.47
CA GLU B 203 24.89 -0.78 12.69
C GLU B 203 26.40 -0.84 12.87
N ASN B 204 26.91 -1.66 13.79
CA ASN B 204 28.32 -1.70 14.16
C ASN B 204 28.86 -0.32 14.54
N LYS B 205 28.13 0.36 15.43
CA LYS B 205 28.51 1.69 15.89
C LYS B 205 28.76 1.72 17.39
N MET B 206 28.97 0.55 18.01
CA MET B 206 29.12 0.44 19.45
C MET B 206 30.27 1.31 19.97
N ASP B 207 31.27 1.56 19.12
CA ASP B 207 32.35 2.48 19.44
C ASP B 207 31.85 3.83 19.94
N LEU B 208 30.64 4.23 19.54
CA LEU B 208 30.09 5.49 20.02
C LEU B 208 29.73 5.44 21.50
N LEU B 209 29.41 4.27 22.03
CA LEU B 209 28.89 4.16 23.38
C LEU B 209 30.02 4.35 24.38
N GLY B 210 29.97 5.44 25.13
CA GLY B 210 31.04 5.80 26.04
C GLY B 210 30.78 5.47 27.49
N MET B 211 29.50 5.47 27.89
CA MET B 211 29.13 5.27 29.27
C MET B 211 27.70 4.75 29.31
N VAL B 212 27.41 3.92 30.32
CA VAL B 212 26.06 3.49 30.63
C VAL B 212 25.80 3.70 32.11
N VAL B 213 24.69 4.34 32.44
CA VAL B 213 24.30 4.62 33.82
C VAL B 213 22.96 3.91 34.07
N VAL B 214 22.94 3.00 35.03
CA VAL B 214 21.81 2.12 35.25
C VAL B 214 21.21 2.42 36.62
N ASP B 215 19.95 2.84 36.65
CA ASP B 215 19.16 2.89 37.87
C ASP B 215 18.40 1.59 38.11
N GLU B 216 18.10 1.34 39.37
CA GLU B 216 17.35 0.15 39.82
C GLU B 216 17.97 -1.13 39.28
N LEU B 217 19.29 -1.23 39.41
CA LEU B 217 20.01 -2.44 39.00
C LEU B 217 19.58 -3.69 39.76
N HIS B 218 18.82 -3.56 40.86
CA HIS B 218 18.27 -4.74 41.53
C HIS B 218 17.14 -5.41 40.76
N MET B 219 16.61 -4.78 39.72
CA MET B 219 15.50 -5.34 38.94
C MET B 219 15.93 -6.52 38.06
N LEU B 220 17.21 -6.87 38.03
CA LEU B 220 17.70 -7.99 37.23
C LEU B 220 16.90 -9.27 37.45
N GLY B 221 16.34 -9.45 38.65
CA GLY B 221 15.58 -10.64 38.98
C GLY B 221 14.10 -10.61 38.70
N ASP B 222 13.58 -9.53 38.10
CA ASP B 222 12.15 -9.44 37.81
C ASP B 222 11.86 -10.16 36.49
N SER B 223 11.05 -11.22 36.57
CA SER B 223 10.81 -12.08 35.41
C SER B 223 9.99 -11.39 34.34
N HIS B 224 9.10 -10.47 34.73
CA HIS B 224 8.21 -9.82 33.77
C HIS B 224 8.95 -8.80 32.93
N ARG B 225 9.61 -7.84 33.58
CA ARG B 225 10.38 -6.82 32.89
C ARG B 225 11.51 -6.41 33.81
N GLY B 226 12.65 -6.06 33.20
CA GLY B 226 13.84 -5.68 33.92
C GLY B 226 14.99 -6.65 33.75
N TYR B 227 14.69 -7.93 33.48
CA TYR B 227 15.75 -8.85 33.09
C TYR B 227 16.45 -8.39 31.81
N LEU B 228 15.80 -7.53 31.01
CA LEU B 228 16.46 -6.89 29.88
C LEU B 228 17.67 -6.09 30.30
N LEU B 229 17.74 -5.70 31.57
CA LEU B 229 18.89 -4.99 32.10
C LEU B 229 20.08 -5.91 32.32
N GLU B 230 19.84 -7.22 32.42
CA GLU B 230 20.93 -8.20 32.40
C GLU B 230 21.43 -8.43 30.98
N LEU B 231 20.50 -8.65 30.04
CA LEU B 231 20.86 -8.86 28.63
C LEU B 231 21.63 -7.65 28.08
N LEU B 232 21.14 -6.44 28.38
CA LEU B 232 21.79 -5.23 27.90
C LEU B 232 23.22 -5.10 28.41
N LEU B 233 23.41 -5.22 29.73
CA LEU B 233 24.76 -5.11 30.28
C LEU B 233 25.66 -6.28 29.90
N THR B 234 25.11 -7.48 29.78
CA THR B 234 25.91 -8.61 29.31
C THR B 234 26.43 -8.39 27.88
N LYS B 235 25.57 -7.97 26.97
CA LYS B 235 26.00 -7.69 25.60
C LYS B 235 26.98 -6.52 25.52
N ILE B 236 26.86 -5.53 26.40
CA ILE B 236 27.87 -4.48 26.46
C ILE B 236 29.20 -5.03 26.96
N CYS B 237 29.14 -5.82 28.04
CA CYS B 237 30.36 -6.43 28.59
C CYS B 237 30.97 -7.44 27.63
N TYR B 238 30.13 -8.22 26.95
CA TYR B 238 30.61 -9.23 26.01
C TYR B 238 31.29 -8.62 24.80
N ILE B 239 30.69 -7.59 24.20
CA ILE B 239 31.36 -6.92 23.09
C ILE B 239 32.61 -6.19 23.56
N THR B 240 32.64 -5.70 24.80
CA THR B 240 33.89 -5.19 25.35
C THR B 240 34.94 -6.28 25.52
N ARG B 241 34.57 -7.38 26.19
CA ARG B 241 35.48 -8.51 26.32
C ARG B 241 35.94 -9.04 24.97
N LYS B 242 34.99 -9.31 24.06
CA LYS B 242 35.32 -9.80 22.73
C LYS B 242 36.30 -8.89 22.00
N SER B 243 36.08 -7.57 22.05
CA SER B 243 36.90 -6.62 21.31
C SER B 243 38.16 -6.19 22.06
N ALA B 244 38.06 -5.89 23.34
CA ALA B 244 39.21 -5.39 24.09
C ALA B 244 40.06 -6.50 24.72
N SER B 245 39.47 -7.64 25.02
CA SER B 245 40.14 -8.63 25.86
C SER B 245 40.00 -10.04 25.30
N SER B 255 41.52 2.92 31.63
CA SER B 255 41.62 2.20 30.37
C SER B 255 40.30 1.53 30.02
N ASN B 256 39.29 1.75 30.86
CA ASN B 256 37.99 1.12 30.66
C ASN B 256 37.28 1.75 29.48
N ALA B 257 36.80 0.90 28.56
CA ALA B 257 36.14 1.40 27.35
C ALA B 257 34.77 2.00 27.67
N VAL B 258 33.91 1.24 28.32
CA VAL B 258 32.58 1.70 28.71
C VAL B 258 32.47 1.60 30.23
N GLN B 259 32.42 2.75 30.90
CA GLN B 259 32.18 2.82 32.33
C GLN B 259 30.69 2.62 32.61
N ILE B 260 30.36 1.57 33.35
CA ILE B 260 29.00 1.33 33.82
C ILE B 260 28.88 1.82 35.25
N VAL B 261 27.91 2.69 35.51
CA VAL B 261 27.56 3.11 36.87
C VAL B 261 26.18 2.58 37.20
N GLY B 262 26.10 1.77 38.24
CA GLY B 262 24.87 1.10 38.62
C GLY B 262 24.41 1.53 40.01
N MET B 263 23.09 1.69 40.16
CA MET B 263 22.49 2.13 41.41
C MET B 263 21.46 1.09 41.83
N SER B 264 21.43 0.78 43.12
CA SER B 264 20.60 -0.31 43.60
C SER B 264 20.13 -0.03 45.02
N ALA B 265 18.99 -0.62 45.36
CA ALA B 265 18.65 -0.85 46.77
C ALA B 265 19.60 -1.88 47.37
N THR B 266 19.68 -1.88 48.70
CA THR B 266 20.77 -2.56 49.41
C THR B 266 20.48 -4.06 49.47
N LEU B 267 20.78 -4.73 48.36
CA LEU B 267 20.64 -6.18 48.29
C LEU B 267 21.63 -6.87 49.23
N PRO B 268 21.27 -8.04 49.77
CA PRO B 268 22.24 -8.82 50.54
C PRO B 268 23.49 -9.20 49.77
N ASN B 269 23.37 -9.49 48.48
CA ASN B 269 24.48 -9.95 47.65
C ASN B 269 24.93 -8.90 46.64
N LEU B 270 24.80 -7.63 47.02
CA LEU B 270 25.18 -6.53 46.14
C LEU B 270 26.65 -6.59 45.73
N GLU B 271 27.52 -7.10 46.61
CA GLU B 271 28.93 -7.28 46.25
C GLU B 271 29.11 -8.21 45.04
N LEU B 272 28.20 -9.17 44.86
CA LEU B 272 28.26 -10.03 43.68
C LEU B 272 27.92 -9.25 42.41
N VAL B 273 26.88 -8.42 42.46
CA VAL B 273 26.54 -7.58 41.33
C VAL B 273 27.68 -6.62 40.98
N ALA B 274 28.37 -6.11 42.00
CA ALA B 274 29.57 -5.31 41.74
C ALA B 274 30.67 -6.16 41.12
N SER B 275 30.88 -7.38 41.63
CA SER B 275 31.94 -8.22 41.09
C SER B 275 31.65 -8.67 39.66
N TRP B 276 30.37 -8.91 39.34
CA TRP B 276 29.99 -9.26 37.98
C TRP B 276 30.40 -8.18 36.98
N LEU B 277 30.13 -6.92 37.32
CA LEU B 277 30.53 -5.79 36.49
C LEU B 277 31.96 -5.34 36.74
N ASN B 278 32.70 -6.04 37.61
CA ASN B 278 34.01 -5.60 38.07
C ASN B 278 33.97 -4.18 38.63
N ALA B 279 32.86 -3.81 39.24
CA ALA B 279 32.68 -2.46 39.74
C ALA B 279 33.19 -2.35 41.18
N GLU B 280 33.57 -1.13 41.56
CA GLU B 280 33.79 -0.82 42.97
C GLU B 280 32.45 -0.71 43.69
N LEU B 281 32.40 -1.20 44.92
CA LEU B 281 31.16 -1.26 45.69
C LEU B 281 31.16 -0.20 46.79
N TYR B 282 30.10 0.58 46.87
CA TYR B 282 29.82 1.45 48.00
C TYR B 282 28.36 1.32 48.39
N HIS B 283 28.09 1.11 49.68
CA HIS B 283 26.70 1.19 50.14
C HIS B 283 26.64 1.81 51.53
N THR B 284 25.59 2.61 51.76
CA THR B 284 25.44 3.37 52.99
C THR B 284 23.96 3.47 53.32
N ASP B 285 23.66 3.63 54.61
CA ASP B 285 22.31 3.90 55.09
C ASP B 285 22.02 5.37 55.35
N PHE B 286 22.97 6.27 55.10
CA PHE B 286 22.74 7.67 55.42
C PHE B 286 21.56 8.21 54.62
N ARG B 287 20.63 8.88 55.31
CA ARG B 287 19.63 9.71 54.66
C ARG B 287 19.36 10.96 55.50
N PRO B 288 19.12 12.09 54.84
CA PRO B 288 18.97 13.37 55.59
C PRO B 288 17.85 13.36 56.62
N VAL B 289 16.71 12.75 56.32
CA VAL B 289 15.60 12.64 57.25
C VAL B 289 15.53 11.19 57.76
N PRO B 290 15.84 10.94 59.03
CA PRO B 290 15.81 9.57 59.53
C PRO B 290 14.39 9.02 59.59
N LEU B 291 14.29 7.71 59.44
CA LEU B 291 13.01 7.01 59.29
C LEU B 291 12.68 6.27 60.58
N LEU B 292 11.45 6.47 61.08
CA LEU B 292 10.87 5.62 62.11
C LEU B 292 9.80 4.74 61.49
N GLU B 293 10.04 3.43 61.48
CA GLU B 293 9.04 2.45 61.12
C GLU B 293 8.28 1.95 62.34
N SER B 294 6.99 1.65 62.16
CA SER B 294 6.18 1.15 63.25
C SER B 294 5.05 0.29 62.71
N VAL B 295 4.53 -0.58 63.58
CA VAL B 295 3.31 -1.34 63.33
C VAL B 295 2.28 -0.95 64.38
N LYS B 296 1.08 -0.58 63.93
CA LYS B 296 -0.09 -0.54 64.81
C LYS B 296 -0.75 -1.92 64.82
N VAL B 297 -0.72 -2.60 65.95
CA VAL B 297 -1.41 -3.86 66.13
C VAL B 297 -2.46 -3.68 67.21
N GLY B 298 -3.73 -3.85 66.85
CA GLY B 298 -4.81 -3.45 67.73
C GLY B 298 -4.72 -1.97 68.03
N ASN B 299 -4.83 -1.63 69.32
CA ASN B 299 -4.54 -0.28 69.78
C ASN B 299 -3.05 0.03 69.81
N SER B 300 -2.20 -0.99 69.77
CA SER B 300 -0.82 -0.88 70.28
C SER B 300 0.16 -0.71 69.13
N ILE B 301 1.08 0.24 69.29
CA ILE B 301 2.05 0.62 68.28
C ILE B 301 3.42 0.10 68.70
N TYR B 302 4.09 -0.62 67.80
CA TYR B 302 5.37 -1.25 68.11
C TYR B 302 6.44 -0.69 67.19
N ASP B 303 7.66 -0.57 67.72
CA ASP B 303 8.83 -0.26 66.92
C ASP B 303 9.29 -1.49 66.14
N SER B 304 10.32 -1.30 65.31
CA SER B 304 10.86 -2.38 64.49
C SER B 304 11.24 -3.59 65.33
N SER B 305 11.77 -3.36 66.53
CA SER B 305 12.16 -4.44 67.44
C SER B 305 10.97 -5.04 68.17
N MET B 306 9.75 -4.65 67.81
CA MET B 306 8.52 -4.98 68.53
C MET B 306 8.51 -4.41 69.94
N LYS B 307 9.40 -3.47 70.24
CA LYS B 307 9.27 -2.68 71.46
C LYS B 307 8.01 -1.82 71.36
N LEU B 308 7.16 -1.89 72.39
CA LEU B 308 6.01 -1.01 72.44
C LEU B 308 6.44 0.43 72.66
N VAL B 309 5.91 1.33 71.84
CA VAL B 309 6.21 2.76 71.92
C VAL B 309 5.03 3.54 72.47
N ARG B 310 3.83 3.24 71.99
CA ARG B 310 2.63 3.96 72.38
C ARG B 310 1.45 3.02 72.22
N GLU B 311 0.40 3.23 73.02
CA GLU B 311 -0.92 2.71 72.71
C GLU B 311 -1.82 3.85 72.25
N PHE B 312 -2.50 3.63 71.12
CA PHE B 312 -3.22 4.68 70.42
C PHE B 312 -4.71 4.52 70.67
N GLU B 313 -5.34 5.57 71.20
CA GLU B 313 -6.79 5.68 71.23
C GLU B 313 -7.26 6.73 70.25
N PRO B 314 -8.30 6.44 69.46
CA PRO B 314 -8.67 7.35 68.37
C PRO B 314 -9.24 8.65 68.91
N MET B 315 -8.77 9.77 68.34
CA MET B 315 -9.37 11.06 68.65
C MET B 315 -10.79 11.16 68.13
N LEU B 316 -11.08 10.57 66.97
CA LEU B 316 -12.36 10.71 66.30
C LEU B 316 -13.16 9.42 66.39
N GLN B 317 -14.39 9.53 66.88
CA GLN B 317 -15.36 8.45 66.80
C GLN B 317 -15.93 8.37 65.40
N VAL B 318 -15.74 7.22 64.74
CA VAL B 318 -16.06 7.06 63.33
C VAL B 318 -16.79 5.74 63.15
N LYS B 319 -17.84 5.76 62.33
CA LYS B 319 -18.63 4.57 62.07
C LYS B 319 -17.84 3.59 61.20
N GLY B 320 -17.60 2.40 61.73
CA GLY B 320 -17.00 1.32 60.98
C GLY B 320 -15.52 1.45 60.71
N ASP B 321 -14.85 2.48 61.24
CA ASP B 321 -13.40 2.60 61.16
C ASP B 321 -12.79 1.75 62.29
N GLU B 322 -12.86 0.44 62.11
CA GLU B 322 -12.39 -0.50 63.12
C GLU B 322 -10.90 -0.40 63.37
N ASP B 323 -10.13 0.17 62.44
CA ASP B 323 -8.69 0.31 62.60
C ASP B 323 -8.26 1.73 62.94
N HIS B 324 -9.20 2.67 63.05
CA HIS B 324 -8.91 4.06 63.40
C HIS B 324 -7.99 4.74 62.39
N VAL B 325 -8.05 4.30 61.13
CA VAL B 325 -7.16 4.86 60.10
C VAL B 325 -7.44 6.33 59.87
N VAL B 326 -8.69 6.76 60.06
CA VAL B 326 -9.01 8.18 59.94
C VAL B 326 -8.37 8.99 61.05
N SER B 327 -8.36 8.46 62.28
CA SER B 327 -7.65 9.10 63.37
C SER B 327 -6.14 9.12 63.16
N LEU B 328 -5.58 8.03 62.60
CA LEU B 328 -4.15 8.03 62.29
C LEU B 328 -3.77 9.10 61.29
N CYS B 329 -4.65 9.42 60.34
CA CYS B 329 -4.41 10.57 59.47
C CYS B 329 -4.53 11.88 60.24
N TYR B 330 -5.66 12.07 60.92
CA TYR B 330 -5.95 13.34 61.57
C TYR B 330 -4.91 13.68 62.64
N GLU B 331 -4.40 12.67 63.34
CA GLU B 331 -3.44 12.90 64.42
C GLU B 331 -2.16 13.59 63.98
N THR B 332 -1.89 13.68 62.68
CA THR B 332 -0.79 14.50 62.18
C THR B 332 -1.24 15.66 61.31
N ILE B 333 -2.43 15.59 60.73
CA ILE B 333 -3.07 16.76 60.14
C ILE B 333 -3.22 17.87 61.18
N CYS B 334 -3.41 17.50 62.44
CA CYS B 334 -3.44 18.47 63.54
C CYS B 334 -2.17 19.31 63.61
N ASP B 335 -1.06 18.83 63.06
CA ASP B 335 0.17 19.63 62.99
C ASP B 335 0.48 20.09 61.57
N ASN B 336 -0.52 20.15 60.70
CA ASN B 336 -0.40 20.63 59.33
C ASN B 336 0.53 19.78 58.45
N HIS B 337 0.73 18.51 58.78
CA HIS B 337 1.57 17.63 57.97
C HIS B 337 0.72 16.75 57.07
N SER B 338 1.16 16.61 55.82
CA SER B 338 0.48 15.77 54.85
C SER B 338 0.68 14.28 55.14
N VAL B 339 -0.27 13.48 54.66
CA VAL B 339 -0.29 12.03 54.83
C VAL B 339 -0.36 11.39 53.46
N LEU B 340 0.35 10.26 53.30
CA LEU B 340 0.26 9.45 52.09
C LEU B 340 -0.19 8.05 52.50
N LEU B 341 -1.31 7.60 51.94
CA LEU B 341 -2.00 6.39 52.40
C LEU B 341 -2.08 5.39 51.27
N PHE B 342 -1.42 4.24 51.44
CA PHE B 342 -1.34 3.21 50.41
C PHE B 342 -2.39 2.14 50.65
N CYS B 343 -3.21 1.88 49.64
CA CYS B 343 -4.37 1.01 49.75
C CYS B 343 -4.22 -0.19 48.85
N PRO B 344 -4.77 -1.35 49.24
CA PRO B 344 -4.65 -2.54 48.39
C PRO B 344 -5.29 -2.44 47.02
N SER B 345 -6.18 -1.47 46.77
CA SER B 345 -6.87 -1.44 45.49
C SER B 345 -7.42 -0.05 45.22
N LYS B 346 -7.78 0.17 43.95
CA LYS B 346 -8.41 1.43 43.54
C LYS B 346 -9.69 1.68 44.32
N LYS B 347 -10.58 0.69 44.39
CA LYS B 347 -11.85 0.86 45.08
C LYS B 347 -11.64 1.21 46.55
N TRP B 348 -10.64 0.58 47.18
CA TRP B 348 -10.36 0.86 48.58
C TRP B 348 -9.81 2.27 48.78
N CYS B 349 -9.08 2.81 47.80
CA CYS B 349 -8.71 4.22 47.84
C CYS B 349 -9.94 5.12 47.81
N GLU B 350 -10.87 4.85 46.90
CA GLU B 350 -12.06 5.69 46.76
C GLU B 350 -12.93 5.61 48.01
N LYS B 351 -13.07 4.43 48.59
CA LYS B 351 -13.71 4.29 49.91
C LYS B 351 -13.04 5.17 50.96
N LEU B 352 -11.72 5.05 51.12
CA LEU B 352 -11.02 5.76 52.18
C LEU B 352 -10.98 7.27 51.93
N ALA B 353 -10.89 7.70 50.67
CA ALA B 353 -10.96 9.13 50.39
C ALA B 353 -12.33 9.71 50.74
N ASP B 354 -13.40 8.97 50.42
CA ASP B 354 -14.75 9.39 50.82
C ASP B 354 -14.91 9.44 52.33
N ILE B 355 -14.46 8.39 53.03
CA ILE B 355 -14.58 8.33 54.49
C ILE B 355 -13.85 9.51 55.14
N ILE B 356 -12.60 9.73 54.75
CA ILE B 356 -11.81 10.80 55.35
C ILE B 356 -12.40 12.17 55.04
N ALA B 357 -12.92 12.35 53.83
CA ALA B 357 -13.62 13.58 53.50
C ALA B 357 -14.88 13.78 54.33
N ARG B 358 -15.64 12.71 54.58
CA ARG B 358 -16.83 12.82 55.44
C ARG B 358 -16.48 13.31 56.85
N GLU B 359 -15.45 12.73 57.46
CA GLU B 359 -15.11 13.15 58.82
C GLU B 359 -14.51 14.55 58.89
N PHE B 360 -13.79 15.00 57.87
CA PHE B 360 -13.32 16.38 57.89
C PHE B 360 -14.45 17.39 57.64
N TYR B 361 -15.42 17.02 56.82
CA TYR B 361 -16.67 17.79 56.74
C TYR B 361 -17.42 17.79 58.07
N ASN B 362 -17.59 16.61 58.68
CA ASN B 362 -18.28 16.52 59.96
C ASN B 362 -17.60 17.35 61.05
N LEU B 363 -16.27 17.32 61.11
CA LEU B 363 -15.56 18.18 62.08
C LEU B 363 -15.84 19.65 61.82
N HIS B 364 -15.77 20.08 60.56
CA HIS B 364 -16.04 21.48 60.25
C HIS B 364 -17.51 21.83 60.41
N HIS B 365 -18.41 20.93 60.03
CA HIS B 365 -19.84 21.18 60.22
C HIS B 365 -20.20 21.30 61.70
N GLN B 366 -19.64 20.43 62.54
CA GLN B 366 -19.89 20.49 63.97
C GLN B 366 -18.98 21.45 64.71
N ALA B 367 -18.09 22.14 64.01
CA ALA B 367 -17.15 23.06 64.66
C ALA B 367 -17.87 24.20 65.36
N CYS B 376 -12.07 18.85 68.67
CA CYS B 376 -10.78 18.82 67.99
C CYS B 376 -10.61 20.04 67.09
N PRO B 377 -9.36 20.45 66.84
CA PRO B 377 -9.12 21.71 66.12
C PRO B 377 -9.55 21.62 64.67
N PRO B 378 -10.20 22.66 64.16
CA PRO B 378 -10.68 22.64 62.77
C PRO B 378 -9.53 22.69 61.78
N VAL B 379 -9.60 21.83 60.76
CA VAL B 379 -8.54 21.75 59.77
C VAL B 379 -8.48 23.03 58.94
N ILE B 380 -7.27 23.52 58.72
CA ILE B 380 -7.03 24.63 57.81
C ILE B 380 -6.94 24.09 56.38
N LEU B 381 -7.73 24.66 55.47
CA LEU B 381 -7.94 24.08 54.16
C LEU B 381 -7.38 24.90 53.01
N GLU B 382 -7.01 26.16 53.22
CA GLU B 382 -6.36 26.98 52.19
C GLU B 382 -7.18 27.06 50.90
N GLN B 383 -8.51 27.09 51.04
CA GLN B 383 -9.43 26.80 49.94
C GLN B 383 -9.28 27.75 48.76
N LYS B 384 -8.72 28.95 48.96
CA LYS B 384 -8.46 29.85 47.85
C LYS B 384 -7.58 29.23 46.78
N GLU B 385 -6.68 28.33 47.16
CA GLU B 385 -5.83 27.66 46.18
C GLU B 385 -6.58 26.57 45.42
N LEU B 386 -7.48 25.85 46.11
CA LEU B 386 -8.30 24.83 45.48
C LEU B 386 -9.25 25.40 44.43
N LEU B 387 -9.49 26.71 44.45
CA LEU B 387 -10.32 27.35 43.44
C LEU B 387 -9.76 27.18 42.03
N GLU B 388 -8.45 27.06 41.89
CA GLU B 388 -7.87 26.67 40.60
C GLU B 388 -7.93 25.16 40.36
N VAL B 389 -7.44 24.37 41.32
CA VAL B 389 -7.29 22.93 41.10
C VAL B 389 -8.64 22.29 40.80
N MET B 390 -9.65 22.56 41.62
CA MET B 390 -10.93 21.87 41.47
C MET B 390 -11.71 22.37 40.25
N ASP B 391 -11.51 23.62 39.83
CA ASP B 391 -12.04 24.06 38.55
C ASP B 391 -11.26 23.47 37.38
N GLN B 392 -9.93 23.36 37.54
CA GLN B 392 -9.09 22.78 36.50
C GLN B 392 -9.44 21.32 36.22
N LEU B 393 -9.93 20.58 37.22
CA LEU B 393 -10.47 19.26 36.96
C LEU B 393 -11.82 19.31 36.24
N ARG B 394 -12.58 20.39 36.39
CA ARG B 394 -13.78 20.59 35.59
C ARG B 394 -13.46 21.05 34.17
N ARG B 395 -12.40 21.82 34.00
CA ARG B 395 -11.93 22.19 32.66
C ARG B 395 -11.45 20.98 31.85
N LEU B 396 -11.13 19.87 32.50
CA LEU B 396 -10.52 18.76 31.78
C LEU B 396 -11.58 17.95 31.03
N PRO B 397 -11.23 17.42 29.85
CA PRO B 397 -12.23 16.67 29.06
C PRO B 397 -12.68 15.38 29.73
N SER B 398 -11.93 14.87 30.71
CA SER B 398 -12.43 13.78 31.54
C SER B 398 -13.65 14.19 32.35
N GLY B 399 -13.76 15.47 32.69
CA GLY B 399 -14.56 15.94 33.79
C GLY B 399 -14.04 15.63 35.18
N LEU B 400 -14.58 16.36 36.16
CA LEU B 400 -14.27 16.15 37.57
C LEU B 400 -14.97 14.90 38.11
N ASP B 401 -14.18 13.92 38.54
CA ASP B 401 -14.71 12.61 38.90
C ASP B 401 -15.69 12.71 40.07
N SER B 402 -16.66 11.79 40.08
CA SER B 402 -17.79 11.83 41.01
C SER B 402 -17.34 11.78 42.47
N VAL B 403 -16.23 11.10 42.75
CA VAL B 403 -15.64 11.10 44.08
C VAL B 403 -14.82 12.36 44.35
N LEU B 404 -14.04 12.81 43.36
CA LEU B 404 -13.19 13.98 43.54
C LEU B 404 -14.01 15.24 43.87
N GLN B 405 -15.22 15.36 43.33
CA GLN B 405 -16.11 16.45 43.76
C GLN B 405 -16.27 16.49 45.27
N LYS B 406 -16.38 15.33 45.92
CA LYS B 406 -16.62 15.30 47.36
C LYS B 406 -15.36 15.52 48.18
N THR B 407 -14.23 14.96 47.74
CA THR B 407 -13.02 14.94 48.57
C THR B 407 -12.11 16.14 48.37
N VAL B 408 -11.88 16.57 47.14
CA VAL B 408 -10.88 17.60 46.86
C VAL B 408 -11.15 18.93 47.57
N PRO B 409 -12.40 19.37 47.77
CA PRO B 409 -12.60 20.61 48.54
C PRO B 409 -11.98 20.58 49.93
N TRP B 410 -11.80 19.39 50.51
CA TRP B 410 -11.27 19.22 51.84
C TRP B 410 -9.79 18.90 51.85
N GLY B 411 -9.12 18.98 50.70
CA GLY B 411 -7.72 18.60 50.61
C GLY B 411 -7.47 17.11 50.73
N VAL B 412 -8.48 16.29 50.49
CA VAL B 412 -8.32 14.85 50.38
C VAL B 412 -8.44 14.48 48.90
N ALA B 413 -7.53 13.65 48.42
CA ALA B 413 -7.60 13.15 47.06
C ALA B 413 -7.27 11.66 47.05
N PHE B 414 -7.43 11.05 45.87
CA PHE B 414 -6.94 9.71 45.62
C PHE B 414 -6.20 9.71 44.30
N HIS B 415 -5.26 8.77 44.14
CA HIS B 415 -4.41 8.76 42.97
C HIS B 415 -4.09 7.32 42.61
N HIS B 416 -4.52 6.90 41.42
CA HIS B 416 -4.39 5.50 41.01
C HIS B 416 -4.47 5.45 39.49
N ALA B 417 -4.17 4.28 38.93
CA ALA B 417 -3.99 4.16 37.48
C ALA B 417 -5.28 4.33 36.70
N GLY B 418 -6.44 4.32 37.35
CA GLY B 418 -7.68 4.58 36.67
C GLY B 418 -7.94 6.03 36.35
N LEU B 419 -7.16 6.93 36.93
CA LEU B 419 -7.24 8.35 36.59
C LEU B 419 -6.51 8.65 35.29
N THR B 420 -7.13 9.49 34.47
CA THR B 420 -6.47 10.04 33.29
C THR B 420 -5.20 10.78 33.68
N PHE B 421 -4.18 10.67 32.83
CA PHE B 421 -2.83 11.16 33.16
C PHE B 421 -2.82 12.63 33.54
N GLU B 422 -3.69 13.45 32.93
CA GLU B 422 -3.77 14.85 33.34
C GLU B 422 -4.38 15.01 34.73
N GLU B 423 -5.30 14.14 35.12
CA GLU B 423 -5.82 14.19 36.48
C GLU B 423 -4.73 13.87 37.51
N ARG B 424 -3.89 12.89 37.22
CA ARG B 424 -2.75 12.59 38.08
C ARG B 424 -1.82 13.79 38.22
N ASP B 425 -1.44 14.41 37.10
CA ASP B 425 -0.52 15.54 37.14
C ASP B 425 -1.07 16.69 37.98
N ILE B 426 -2.37 17.00 37.84
CA ILE B 426 -2.97 18.05 38.64
C ILE B 426 -2.97 17.68 40.13
N ILE B 427 -3.30 16.43 40.44
CA ILE B 427 -3.32 15.97 41.83
C ILE B 427 -1.90 15.88 42.40
N GLU B 428 -0.95 15.39 41.62
CA GLU B 428 0.45 15.41 42.05
C GLU B 428 0.92 16.83 42.36
N GLY B 429 0.67 17.77 41.46
CA GLY B 429 1.09 19.14 41.69
C GLY B 429 0.49 19.77 42.94
N ALA B 430 -0.80 19.55 43.16
CA ALA B 430 -1.44 20.08 44.37
C ALA B 430 -0.91 19.42 45.64
N PHE B 431 -0.57 18.13 45.60
CA PHE B 431 0.05 17.50 46.76
C PHE B 431 1.48 17.99 46.97
N ARG B 432 2.24 18.11 45.89
CA ARG B 432 3.62 18.60 46.00
C ARG B 432 3.66 20.03 46.53
N GLN B 433 2.69 20.86 46.14
CA GLN B 433 2.55 22.19 46.70
C GLN B 433 1.98 22.19 48.11
N GLY B 434 1.50 21.05 48.61
CA GLY B 434 0.93 20.98 49.93
C GLY B 434 -0.52 21.38 50.04
N LEU B 435 -1.21 21.57 48.91
CA LEU B 435 -2.60 21.97 48.94
C LEU B 435 -3.49 20.80 49.33
N ILE B 436 -3.27 19.65 48.72
CA ILE B 436 -3.79 18.39 49.21
C ILE B 436 -2.98 17.97 50.43
N ARG B 437 -3.67 17.59 51.51
CA ARG B 437 -3.00 17.19 52.74
C ARG B 437 -3.20 15.74 53.12
N VAL B 438 -4.17 15.03 52.54
CA VAL B 438 -4.17 13.58 52.58
C VAL B 438 -4.34 13.10 51.15
N LEU B 439 -3.47 12.20 50.72
CA LEU B 439 -3.57 11.54 49.42
C LEU B 439 -3.60 10.03 49.60
N ALA B 440 -4.69 9.39 49.20
CA ALA B 440 -4.67 7.95 49.08
C ALA B 440 -4.03 7.57 47.75
N ALA B 441 -3.35 6.42 47.72
CA ALA B 441 -2.84 5.90 46.46
C ALA B 441 -2.76 4.39 46.51
N THR B 442 -2.84 3.78 45.32
CA THR B 442 -2.31 2.44 45.13
C THR B 442 -0.79 2.51 45.01
N SER B 443 -0.16 1.41 44.60
CA SER B 443 1.28 1.37 44.38
C SER B 443 1.79 2.41 43.39
N THR B 444 0.90 3.06 42.63
CA THR B 444 1.33 4.02 41.62
C THR B 444 2.17 5.17 42.17
N LEU B 445 2.15 5.43 43.48
CA LEU B 445 3.06 6.39 44.09
C LEU B 445 4.24 5.74 44.80
N SER B 446 4.31 4.42 44.81
CA SER B 446 5.52 3.74 45.28
C SER B 446 6.62 3.79 44.23
N SER B 447 6.26 3.80 42.95
CA SER B 447 7.21 3.75 41.86
C SER B 447 6.83 4.79 40.82
N GLY B 448 7.84 5.41 40.21
CA GLY B 448 7.65 6.28 39.09
C GLY B 448 7.11 7.66 39.41
N VAL B 449 6.83 7.97 40.67
CA VAL B 449 6.50 9.33 41.10
C VAL B 449 7.22 9.61 42.40
N ASN B 450 7.80 10.80 42.51
CA ASN B 450 8.47 11.27 43.73
C ASN B 450 7.55 12.25 44.44
N LEU B 451 6.67 11.73 45.30
CA LEU B 451 5.93 12.58 46.23
C LEU B 451 6.33 12.24 47.67
N PRO B 452 6.95 13.14 48.41
CA PRO B 452 7.21 12.90 49.83
C PRO B 452 6.08 13.34 50.73
N ALA B 453 5.98 12.66 51.88
CA ALA B 453 5.02 13.00 52.92
C ALA B 453 5.64 12.68 54.27
N ARG B 454 5.19 13.39 55.31
CA ARG B 454 5.72 13.11 56.65
C ARG B 454 5.37 11.71 57.11
N ARG B 455 4.09 11.36 57.05
CA ARG B 455 3.59 10.09 57.54
C ARG B 455 3.10 9.26 56.37
N VAL B 456 3.63 8.04 56.24
CA VAL B 456 3.10 7.04 55.33
C VAL B 456 2.30 6.03 56.13
N ILE B 457 1.11 5.69 55.64
CA ILE B 457 0.25 4.69 56.26
C ILE B 457 -0.01 3.60 55.22
N ILE B 458 0.18 2.35 55.61
CA ILE B 458 -0.04 1.20 54.74
C ILE B 458 -1.17 0.38 55.32
N ARG B 459 -2.26 0.24 54.55
CA ARG B 459 -3.54 -0.14 55.13
C ARG B 459 -3.58 -1.60 55.56
N THR B 460 -2.76 -2.46 54.95
CA THR B 460 -2.71 -3.87 55.33
C THR B 460 -1.34 -4.43 54.99
N PRO B 461 -0.92 -5.51 55.66
CA PRO B 461 0.25 -6.27 55.19
C PRO B 461 -0.06 -7.23 54.07
N ILE B 462 -1.33 -7.62 53.89
CA ILE B 462 -1.77 -8.44 52.77
C ILE B 462 -2.32 -7.52 51.68
N PHE B 463 -1.74 -7.62 50.48
CA PHE B 463 -2.21 -6.87 49.31
C PHE B 463 -2.72 -7.87 48.28
N GLY B 464 -3.99 -7.71 47.89
CA GLY B 464 -4.54 -8.41 46.75
C GLY B 464 -4.40 -9.91 46.82
N GLY B 465 -4.54 -10.47 48.01
CA GLY B 465 -4.43 -11.91 48.19
C GLY B 465 -3.00 -12.42 48.28
N ARG B 466 -2.02 -11.52 48.31
CA ARG B 466 -0.61 -11.83 48.46
C ARG B 466 -0.09 -11.20 49.75
N PRO B 467 0.91 -11.81 50.39
CA PRO B 467 1.73 -11.03 51.31
C PRO B 467 2.46 -9.93 50.56
N LEU B 468 2.43 -8.71 51.11
CA LEU B 468 3.08 -7.58 50.48
C LEU B 468 4.57 -7.86 50.28
N ASP B 469 5.09 -7.44 49.12
CA ASP B 469 6.49 -7.66 48.83
C ASP B 469 7.37 -6.73 49.66
N ILE B 470 8.49 -7.27 50.15
CA ILE B 470 9.35 -6.53 51.07
C ILE B 470 10.01 -5.35 50.37
N LEU B 471 10.30 -5.49 49.08
CA LEU B 471 10.74 -4.34 48.28
C LEU B 471 9.67 -3.26 48.19
N THR B 472 8.45 -3.66 47.83
CA THR B 472 7.35 -2.71 47.71
C THR B 472 7.09 -1.98 49.02
N TYR B 473 7.11 -2.70 50.14
CA TYR B 473 7.01 -2.07 51.45
C TYR B 473 8.09 -1.02 51.68
N LYS B 474 9.35 -1.37 51.40
CA LYS B 474 10.43 -0.40 51.55
C LYS B 474 10.36 0.71 50.51
N GLN B 475 9.83 0.45 49.33
CA GLN B 475 9.57 1.53 48.39
C GLN B 475 8.48 2.47 48.90
N MET B 476 7.39 1.92 49.43
CA MET B 476 6.35 2.73 50.05
C MET B 476 6.89 3.53 51.23
N VAL B 477 7.44 2.83 52.23
CA VAL B 477 7.94 3.50 53.44
C VAL B 477 9.03 4.51 53.11
N GLY B 478 9.84 4.26 52.09
CA GLY B 478 10.86 5.20 51.68
C GLY B 478 10.33 6.59 51.32
N ARG B 479 9.04 6.70 50.99
CA ARG B 479 8.43 8.00 50.73
C ARG B 479 8.28 8.85 51.98
N ALA B 480 8.41 8.27 53.17
CA ALA B 480 8.28 9.04 54.39
C ALA B 480 9.39 10.07 54.54
N GLY B 481 9.04 11.22 55.12
CA GLY B 481 9.96 12.32 55.30
C GLY B 481 10.06 13.24 54.10
N ARG B 482 9.89 14.54 54.34
CA ARG B 482 10.00 15.56 53.31
C ARG B 482 11.35 16.27 53.41
N LYS B 483 12.11 16.25 52.30
CA LYS B 483 13.56 16.40 52.32
C LYS B 483 14.02 17.59 53.16
N GLY B 484 13.49 18.78 52.87
CA GLY B 484 13.86 19.98 53.59
C GLY B 484 12.78 20.59 54.47
N VAL B 485 11.54 20.13 54.31
CA VAL B 485 10.43 20.73 55.05
C VAL B 485 10.32 20.18 56.46
N ASP B 486 10.82 18.97 56.71
CA ASP B 486 10.43 18.19 57.86
C ASP B 486 11.68 17.56 58.48
N THR B 487 11.53 17.12 59.73
CA THR B 487 12.67 16.65 60.51
C THR B 487 12.70 15.14 60.70
N VAL B 488 11.54 14.47 60.66
CA VAL B 488 11.46 13.03 60.88
C VAL B 488 10.41 12.49 59.92
N GLY B 489 10.66 11.28 59.42
CA GLY B 489 9.66 10.53 58.67
C GLY B 489 9.06 9.42 59.51
N GLU B 490 7.75 9.26 59.40
CA GLU B 490 7.01 8.26 60.16
C GLU B 490 6.38 7.26 59.20
N SER B 491 6.38 6.00 59.58
CA SER B 491 5.63 4.96 58.87
C SER B 491 4.83 4.16 59.89
N ILE B 492 3.55 3.93 59.60
CA ILE B 492 2.73 3.01 60.37
C ILE B 492 2.17 1.97 59.41
N LEU B 493 2.60 0.73 59.57
CA LEU B 493 1.88 -0.41 59.04
C LEU B 493 0.72 -0.75 59.96
N ILE B 494 -0.47 -0.91 59.40
CA ILE B 494 -1.66 -1.27 60.16
C ILE B 494 -1.88 -2.76 60.00
N CYS B 495 -2.08 -3.45 61.13
CA CYS B 495 -2.07 -4.90 61.15
C CYS B 495 -3.14 -5.39 62.12
N LYS B 496 -3.86 -6.44 61.73
CA LYS B 496 -4.72 -7.16 62.66
C LYS B 496 -3.89 -8.05 63.58
N ASN B 497 -4.51 -8.43 64.70
CA ASN B 497 -3.87 -9.40 65.60
C ASN B 497 -3.59 -10.72 64.90
N SER B 498 -4.49 -11.14 64.01
CA SER B 498 -4.26 -12.36 63.23
C SER B 498 -3.13 -12.20 62.22
N GLU B 499 -2.97 -11.01 61.66
CA GLU B 499 -1.93 -10.72 60.69
C GLU B 499 -0.56 -10.50 61.33
N LYS B 500 -0.51 -10.35 62.66
CA LYS B 500 0.67 -9.83 63.36
C LYS B 500 1.96 -10.51 62.90
N SER B 501 1.94 -11.84 62.76
CA SER B 501 3.14 -12.56 62.34
C SER B 501 3.60 -12.15 60.95
N LYS B 502 2.67 -11.97 60.02
CA LYS B 502 3.02 -11.51 58.68
C LYS B 502 3.34 -10.02 58.63
N GLY B 503 2.69 -9.21 59.46
CA GLY B 503 3.01 -7.79 59.53
C GLY B 503 4.40 -7.50 60.06
N ILE B 504 4.75 -8.10 61.21
CA ILE B 504 6.08 -7.94 61.77
C ILE B 504 7.16 -8.39 60.81
N ALA B 505 6.91 -9.48 60.06
CA ALA B 505 7.90 -9.97 59.11
C ALA B 505 8.26 -8.95 58.03
N LEU B 506 7.36 -8.01 57.72
CA LEU B 506 7.72 -6.99 56.73
C LEU B 506 8.69 -5.95 57.30
N LEU B 507 8.66 -5.68 58.60
CA LEU B 507 9.62 -4.75 59.17
C LEU B 507 10.96 -5.42 59.48
N GLN B 508 10.91 -6.64 60.03
CA GLN B 508 12.13 -7.35 60.41
C GLN B 508 12.81 -8.00 59.21
N GLY B 509 12.07 -8.29 58.14
CA GLY B 509 12.65 -8.78 56.92
C GLY B 509 13.52 -7.76 56.21
N SER B 510 14.14 -8.23 55.13
CA SER B 510 14.94 -7.41 54.24
C SER B 510 14.90 -8.03 52.86
N LEU B 511 15.33 -7.26 51.86
CA LEU B 511 15.24 -7.69 50.47
C LEU B 511 15.83 -9.09 50.29
N LYS B 512 15.16 -9.91 49.47
CA LYS B 512 15.73 -11.18 49.07
C LYS B 512 16.97 -10.97 48.22
N PRO B 513 17.92 -11.91 48.26
CA PRO B 513 19.04 -11.89 47.31
C PRO B 513 18.55 -11.90 45.87
N VAL B 514 19.17 -11.06 45.03
CA VAL B 514 18.79 -11.00 43.63
C VAL B 514 19.27 -12.27 42.92
N ARG B 515 18.43 -12.81 42.04
CA ARG B 515 18.82 -13.95 41.22
C ARG B 515 18.32 -13.77 39.79
N SER B 516 19.18 -14.10 38.84
CA SER B 516 18.86 -13.93 37.42
C SER B 516 17.82 -14.95 36.97
N CYS B 517 16.82 -14.47 36.22
CA CYS B 517 15.73 -15.31 35.74
C CYS B 517 16.14 -16.24 34.61
N LEU B 518 17.36 -16.07 34.08
CA LEU B 518 17.90 -17.00 33.09
C LEU B 518 18.07 -18.41 33.63
N GLN B 519 18.10 -18.58 34.95
CA GLN B 519 18.33 -19.90 35.53
C GLN B 519 17.11 -20.79 35.36
N ARG B 520 17.34 -21.98 34.81
CA ARG B 520 16.32 -23.03 34.81
C ARG B 520 16.07 -23.56 36.21
N ARG B 521 14.80 -23.79 36.53
CA ARG B 521 14.49 -24.79 37.55
C ARG B 521 14.76 -26.18 36.98
N GLU B 522 15.28 -27.06 37.84
CA GLU B 522 15.86 -28.32 37.35
C GLU B 522 14.84 -29.14 36.58
N GLY B 523 13.57 -29.07 36.95
CA GLY B 523 12.49 -29.76 36.28
C GLY B 523 11.76 -28.98 35.21
N GLU B 524 12.14 -27.73 34.95
CA GLU B 524 11.41 -26.87 34.03
C GLU B 524 12.09 -26.79 32.67
N GLU B 525 11.29 -26.39 31.68
CA GLU B 525 11.80 -26.03 30.36
C GLU B 525 12.64 -24.76 30.45
N VAL B 526 13.57 -24.61 29.51
CA VAL B 526 14.46 -23.45 29.50
C VAL B 526 13.66 -22.16 29.41
N THR B 527 14.06 -21.17 30.20
CA THR B 527 13.23 -19.99 30.41
C THR B 527 13.31 -19.00 29.27
N GLY B 528 12.19 -18.33 29.02
CA GLY B 528 12.09 -17.38 27.93
C GLY B 528 13.07 -16.23 27.98
N SER B 529 13.56 -15.88 29.17
CA SER B 529 14.59 -14.87 29.30
C SER B 529 15.90 -15.28 28.64
N MET B 530 16.25 -16.56 28.70
CA MET B 530 17.44 -17.05 28.02
C MET B 530 17.24 -17.12 26.52
N ILE B 531 16.09 -17.60 26.06
CA ILE B 531 15.78 -17.66 24.64
C ILE B 531 15.88 -16.28 23.99
N ARG B 532 15.30 -15.26 24.63
CA ARG B 532 15.47 -13.91 24.10
C ARG B 532 16.91 -13.43 24.17
N ALA B 533 17.67 -13.88 25.16
CA ALA B 533 19.09 -13.54 25.23
C ALA B 533 19.87 -14.19 24.09
N ILE B 534 19.72 -15.51 23.95
CA ILE B 534 20.41 -16.26 22.90
C ILE B 534 19.96 -15.82 21.51
N LEU B 535 18.69 -15.46 21.36
CA LEU B 535 18.21 -14.92 20.09
C LEU B 535 18.98 -13.70 19.64
N GLU B 536 19.13 -12.70 20.52
CA GLU B 536 19.54 -11.38 20.05
C GLU B 536 20.97 -11.39 19.52
N ILE B 537 21.88 -12.12 20.16
CA ILE B 537 23.25 -12.18 19.69
C ILE B 537 23.31 -12.76 18.27
N ILE B 538 22.66 -13.90 18.04
CA ILE B 538 22.65 -14.51 16.71
C ILE B 538 22.15 -13.53 15.67
N VAL B 539 20.96 -12.96 15.90
CA VAL B 539 20.32 -12.15 14.86
C VAL B 539 21.07 -10.85 14.64
N GLY B 540 21.68 -10.29 15.68
CA GLY B 540 22.54 -9.13 15.53
C GLY B 540 23.86 -9.39 14.84
N GLY B 541 24.13 -10.63 14.45
CA GLY B 541 25.39 -10.95 13.80
C GLY B 541 26.55 -11.10 14.76
N VAL B 542 26.28 -11.50 15.99
CA VAL B 542 27.30 -11.69 17.01
C VAL B 542 27.21 -13.13 17.47
N ALA B 543 28.34 -13.71 17.87
CA ALA B 543 28.35 -15.01 18.52
C ALA B 543 27.55 -16.05 17.75
N SER B 544 27.74 -16.07 16.43
CA SER B 544 26.98 -16.96 15.56
C SER B 544 27.35 -18.44 15.70
N THR B 545 28.27 -18.78 16.59
CA THR B 545 28.68 -20.16 16.79
C THR B 545 28.56 -20.55 18.26
N SER B 546 28.23 -21.81 18.49
CA SER B 546 27.93 -22.29 19.84
C SER B 546 29.09 -22.09 20.81
N GLN B 547 30.33 -22.15 20.31
CA GLN B 547 31.49 -21.82 21.14
C GLN B 547 31.45 -20.37 21.60
N ASP B 548 30.97 -19.46 20.75
CA ASP B 548 30.77 -18.08 21.15
C ASP B 548 29.56 -17.89 22.06
N MET B 549 28.54 -18.75 21.93
CA MET B 549 27.43 -18.70 22.87
C MET B 549 27.85 -19.09 24.28
N HIS B 550 28.68 -20.11 24.43
CA HIS B 550 29.25 -20.42 25.74
C HIS B 550 30.14 -19.27 26.24
N THR B 551 30.89 -18.65 25.33
CA THR B 551 31.69 -17.48 25.71
C THR B 551 30.82 -16.29 26.09
N TYR B 552 29.64 -16.17 25.49
CA TYR B 552 28.66 -15.19 25.94
C TYR B 552 28.08 -15.56 27.30
N ALA B 553 27.65 -16.82 27.46
CA ALA B 553 26.98 -17.22 28.69
C ALA B 553 27.86 -16.97 29.92
N ALA B 554 29.17 -17.18 29.80
CA ALA B 554 30.09 -16.88 30.88
C ALA B 554 30.08 -15.41 31.30
N CYS B 555 29.52 -14.51 30.50
CA CYS B 555 29.43 -13.11 30.86
C CYS B 555 28.16 -12.75 31.62
N THR B 556 27.17 -13.65 31.67
CA THR B 556 25.92 -13.32 32.35
C THR B 556 26.13 -13.22 33.86
N PHE B 557 25.20 -12.54 34.52
CA PHE B 557 25.08 -12.58 35.97
C PHE B 557 24.60 -13.94 36.48
N LEU B 558 23.95 -14.74 35.63
CA LEU B 558 23.74 -16.15 35.94
C LEU B 558 25.06 -16.88 36.17
N ALA B 559 26.00 -16.74 35.23
CA ALA B 559 27.30 -17.38 35.40
C ALA B 559 28.05 -16.82 36.59
N ALA B 560 27.98 -15.51 36.82
CA ALA B 560 28.56 -14.93 38.02
C ALA B 560 27.89 -15.44 39.29
N SER B 561 26.58 -15.73 39.22
CA SER B 561 25.89 -16.35 40.36
C SER B 561 26.37 -17.78 40.59
N MET B 562 26.67 -18.52 39.50
CA MET B 562 27.05 -19.91 39.66
C MET B 562 28.52 -20.10 39.99
N LYS B 563 29.40 -19.25 39.49
CA LYS B 563 30.83 -19.42 39.78
C LYS B 563 31.15 -19.13 41.24
N GLU B 564 30.26 -18.48 41.97
CA GLU B 564 30.50 -18.21 43.39
C GLU B 564 30.47 -19.49 44.21
N GLY B 565 29.66 -20.46 43.82
CA GLY B 565 29.45 -21.66 44.61
C GLY B 565 30.70 -22.51 44.80
N VAL B 576 24.36 -26.76 35.18
CA VAL B 576 22.99 -26.98 34.75
C VAL B 576 22.71 -26.20 33.46
N GLN B 577 23.37 -25.05 33.31
CA GLN B 577 23.25 -24.26 32.11
C GLN B 577 23.76 -24.98 30.86
N LEU B 578 24.50 -26.08 31.02
CA LEU B 578 25.10 -26.76 29.87
C LEU B 578 24.04 -27.19 28.86
N GLY B 579 22.88 -27.65 29.35
CA GLY B 579 21.77 -28.00 28.48
C GLY B 579 20.92 -26.84 28.03
N ALA B 580 20.98 -25.72 28.75
CA ALA B 580 20.09 -24.59 28.45
C ALA B 580 20.48 -23.91 27.14
N ILE B 581 21.77 -23.72 26.90
CA ILE B 581 22.22 -23.06 25.67
C ILE B 581 21.83 -23.89 24.44
N GLU B 582 22.10 -25.19 24.46
CA GLU B 582 21.73 -26.05 23.35
C GLU B 582 20.22 -26.21 23.21
N ALA B 583 19.49 -26.26 24.32
CA ALA B 583 18.04 -26.33 24.24
C ALA B 583 17.41 -25.06 23.67
N CYS B 584 18.02 -23.89 23.90
CA CYS B 584 17.53 -22.66 23.30
C CYS B 584 17.63 -22.66 21.78
N VAL B 585 18.79 -23.04 21.25
CA VAL B 585 18.90 -23.13 19.79
C VAL B 585 18.03 -24.24 19.24
N MET B 586 17.84 -25.32 19.98
CA MET B 586 16.84 -26.32 19.58
C MET B 586 15.44 -25.71 19.53
N TRP B 587 15.13 -24.81 20.47
CA TRP B 587 13.85 -24.12 20.44
C TRP B 587 13.77 -23.11 19.29
N LEU B 588 14.80 -22.27 19.14
CA LEU B 588 14.84 -21.30 18.05
C LEU B 588 14.92 -21.94 16.67
N LEU B 589 15.38 -23.19 16.57
CA LEU B 589 15.27 -23.93 15.31
C LEU B 589 13.87 -24.49 15.11
N GLU B 590 13.32 -25.17 16.12
CA GLU B 590 11.98 -25.73 16.00
C GLU B 590 10.92 -24.66 15.80
N ASN B 591 11.19 -23.41 16.18
CA ASN B 591 10.26 -22.31 15.93
C ASN B 591 10.75 -21.38 14.84
N GLU B 592 11.76 -21.79 14.07
CA GLU B 592 12.18 -21.13 12.84
C GLU B 592 12.63 -19.68 13.04
N PHE B 593 13.17 -19.35 14.21
CA PHE B 593 13.74 -18.02 14.38
C PHE B 593 15.17 -17.90 13.85
N ILE B 594 15.89 -19.02 13.70
CA ILE B 594 17.27 -19.02 13.25
C ILE B 594 17.48 -20.18 12.29
N GLN B 595 18.54 -20.06 11.47
CA GLN B 595 18.85 -21.05 10.44
C GLN B 595 20.13 -21.80 10.82
N SER B 596 20.03 -23.12 10.87
CA SER B 596 21.19 -23.99 11.06
C SER B 596 21.97 -24.05 9.75
N THR B 597 23.17 -23.48 9.75
CA THR B 597 24.07 -23.55 8.60
C THR B 597 25.22 -24.48 8.93
N GLU B 598 25.36 -25.54 8.15
CA GLU B 598 26.50 -26.46 8.25
C GLU B 598 27.66 -25.94 7.39
N ALA B 599 28.30 -24.89 7.91
CA ALA B 599 29.34 -24.20 7.16
C ALA B 599 30.50 -25.14 6.86
N SER B 600 31.05 -25.00 5.66
CA SER B 600 32.11 -25.86 5.16
C SER B 600 33.50 -25.36 5.54
N ASP B 601 33.60 -24.33 6.38
CA ASP B 601 34.90 -23.80 6.76
C ASP B 601 35.68 -24.76 7.65
N GLY B 602 35.01 -25.75 8.23
CA GLY B 602 35.70 -26.75 9.02
C GLY B 602 34.72 -27.80 9.50
N THR B 603 35.28 -28.86 10.08
CA THR B 603 34.50 -29.94 10.67
C THR B 603 34.00 -29.62 12.06
N GLU B 604 34.32 -28.43 12.58
CA GLU B 604 34.10 -28.12 13.99
C GLU B 604 32.62 -28.05 14.36
N GLY B 605 31.74 -27.80 13.40
CA GLY B 605 30.32 -27.81 13.67
C GLY B 605 29.57 -26.77 12.87
N LYS B 606 28.30 -26.63 13.22
CA LYS B 606 27.35 -25.74 12.55
C LYS B 606 27.56 -24.28 12.90
N VAL B 607 26.99 -23.42 12.04
CA VAL B 607 26.85 -21.98 12.27
C VAL B 607 25.36 -21.69 12.22
N TYR B 608 24.93 -20.67 12.95
CA TYR B 608 23.53 -20.25 12.97
C TYR B 608 23.38 -18.84 12.43
N HIS B 609 22.31 -18.63 11.67
CA HIS B 609 22.00 -17.34 11.06
C HIS B 609 20.56 -16.96 11.37
N PRO B 610 20.25 -15.67 11.36
CA PRO B 610 18.84 -15.24 11.47
C PRO B 610 18.00 -15.68 10.28
N THR B 611 16.77 -16.08 10.55
CA THR B 611 15.70 -15.95 9.57
C THR B 611 15.21 -14.50 9.52
N HIS B 612 14.34 -14.22 8.55
CA HIS B 612 13.62 -12.95 8.56
C HIS B 612 12.75 -12.81 9.79
N LEU B 613 12.22 -13.93 10.29
CA LEU B 613 11.43 -13.91 11.52
C LEU B 613 12.28 -13.59 12.73
N GLY B 614 13.55 -13.99 12.73
CA GLY B 614 14.53 -13.47 13.66
C GLY B 614 14.72 -11.97 13.61
N SER B 615 15.11 -11.43 12.46
CA SER B 615 15.33 -9.98 12.34
C SER B 615 14.10 -9.19 12.72
N ALA B 616 12.91 -9.65 12.28
CA ALA B 616 11.68 -8.96 12.63
C ALA B 616 11.43 -8.96 14.13
N THR B 617 11.53 -10.14 14.76
CA THR B 617 11.39 -10.23 16.21
C THR B 617 12.32 -9.27 16.94
N LEU B 618 13.59 -9.23 16.52
CA LEU B 618 14.55 -8.34 17.17
C LEU B 618 14.21 -6.87 16.91
N SER B 619 14.08 -6.48 15.65
CA SER B 619 13.97 -5.07 15.32
C SER B 619 12.59 -4.49 15.61
N SER B 620 11.58 -5.34 15.81
CA SER B 620 10.31 -4.86 16.37
C SER B 620 10.39 -4.61 17.87
N SER B 621 11.40 -5.18 18.55
CA SER B 621 11.48 -5.24 20.02
C SER B 621 10.36 -6.07 20.62
N LEU B 622 9.92 -7.10 19.92
CA LEU B 622 8.96 -8.06 20.45
C LEU B 622 9.67 -9.20 21.17
N SER B 623 8.95 -9.82 22.10
CA SER B 623 9.36 -11.07 22.70
C SER B 623 9.08 -12.24 21.77
N PRO B 624 9.98 -13.23 21.72
CA PRO B 624 9.69 -14.47 20.99
C PRO B 624 8.40 -15.15 21.40
N ALA B 625 7.95 -14.96 22.63
CA ALA B 625 6.67 -15.50 23.08
C ALA B 625 5.48 -14.79 22.43
N ASP B 626 5.62 -13.50 22.11
CA ASP B 626 4.58 -12.80 21.39
C ASP B 626 4.59 -13.06 19.88
N THR B 627 5.77 -13.08 19.26
CA THR B 627 5.82 -13.23 17.81
C THR B 627 5.36 -14.60 17.32
N LEU B 628 5.24 -15.59 18.21
CA LEU B 628 4.53 -16.81 17.85
C LEU B 628 3.03 -16.62 17.68
N ASP B 629 2.44 -15.58 18.28
CA ASP B 629 1.06 -15.19 18.02
C ASP B 629 0.92 -14.08 16.97
N ILE B 630 1.69 -13.00 17.11
CA ILE B 630 1.65 -11.91 16.14
C ILE B 630 1.96 -12.39 14.73
N PHE B 631 2.80 -13.42 14.58
CA PHE B 631 2.96 -14.03 13.27
C PHE B 631 1.73 -14.83 12.85
N ALA B 632 1.21 -15.68 13.73
CA ALA B 632 0.08 -16.51 13.35
C ALA B 632 -1.18 -15.69 13.09
N ASP B 633 -1.34 -14.56 13.79
CA ASP B 633 -2.39 -13.61 13.44
C ASP B 633 -2.16 -12.98 12.07
N LEU B 634 -0.92 -12.55 11.81
CA LEU B 634 -0.59 -11.93 10.53
C LEU B 634 -0.55 -12.93 9.38
N GLN B 635 -0.04 -14.15 9.64
CA GLN B 635 -0.06 -15.19 8.61
C GLN B 635 -1.48 -15.55 8.19
N ARG B 636 -2.42 -15.64 9.13
CA ARG B 636 -3.81 -15.94 8.82
C ARG B 636 -4.56 -14.76 8.21
N ALA B 637 -4.00 -13.55 8.28
CA ALA B 637 -4.58 -12.42 7.54
C ALA B 637 -4.25 -12.48 6.06
N MET B 638 -3.06 -12.96 5.69
CA MET B 638 -2.70 -13.05 4.28
C MET B 638 -3.66 -13.92 3.50
N LYS B 639 -4.24 -14.93 4.13
CA LYS B 639 -5.17 -15.85 3.49
C LYS B 639 -6.50 -15.21 3.10
N GLY B 640 -6.71 -13.93 3.42
CA GLY B 640 -7.94 -13.24 3.09
C GLY B 640 -8.16 -12.04 3.98
N PHE B 641 -7.88 -10.86 3.43
CA PHE B 641 -7.87 -9.61 4.17
C PHE B 641 -9.09 -8.78 3.81
N VAL B 642 -9.85 -8.37 4.82
CA VAL B 642 -11.07 -7.57 4.62
C VAL B 642 -10.66 -6.11 4.51
N LEU B 643 -10.51 -5.63 3.27
CA LEU B 643 -10.25 -4.21 3.05
C LEU B 643 -11.51 -3.37 3.24
N GLU B 644 -12.68 -4.02 3.28
CA GLU B 644 -13.96 -3.32 3.38
C GLU B 644 -14.05 -2.46 4.64
N ASN B 645 -13.29 -2.78 5.69
CA ASN B 645 -13.41 -2.01 6.93
C ASN B 645 -12.10 -2.06 7.72
N ASP B 646 -12.03 -1.20 8.73
CA ASP B 646 -10.83 -1.03 9.54
C ASP B 646 -10.56 -2.21 10.46
N LEU B 647 -11.61 -2.97 10.83
CA LEU B 647 -11.49 -3.89 11.95
C LEU B 647 -10.43 -4.97 11.71
N HIS B 648 -10.26 -5.41 10.47
CA HIS B 648 -9.25 -6.43 10.20
C HIS B 648 -7.84 -5.86 10.23
N ILE B 649 -7.66 -4.58 9.92
CA ILE B 649 -6.35 -3.96 10.09
C ILE B 649 -6.07 -3.71 11.56
N LEU B 650 -7.08 -3.27 12.31
CA LEU B 650 -6.90 -3.08 13.75
C LEU B 650 -6.59 -4.38 14.49
N TYR B 651 -7.22 -5.49 14.12
CA TYR B 651 -6.89 -6.76 14.77
C TYR B 651 -5.43 -7.13 14.61
N LEU B 652 -4.75 -6.61 13.61
CA LEU B 652 -3.31 -6.80 13.50
C LEU B 652 -2.54 -5.76 14.29
N VAL B 653 -3.12 -4.59 14.51
CA VAL B 653 -2.45 -3.47 15.17
C VAL B 653 -2.77 -3.33 16.66
N THR B 654 -3.70 -4.12 17.21
CA THR B 654 -3.94 -4.00 18.64
C THR B 654 -2.73 -4.45 19.46
N PRO B 655 -2.49 -3.79 20.60
CA PRO B 655 -1.62 -4.36 21.64
C PRO B 655 -2.01 -5.77 22.06
N MET B 656 -1.01 -6.48 22.56
CA MET B 656 -1.20 -7.77 23.22
C MET B 656 -1.09 -7.58 24.73
N PHE B 657 -2.11 -8.05 25.45
CA PHE B 657 -2.16 -7.97 26.91
C PHE B 657 -2.72 -9.26 27.47
N GLU B 658 -2.33 -9.54 28.71
CA GLU B 658 -3.05 -10.48 29.57
C GLU B 658 -3.83 -9.71 30.62
N ASP B 659 -5.14 -10.00 30.69
CA ASP B 659 -6.06 -9.35 31.62
C ASP B 659 -5.92 -7.84 31.61
N TRP B 660 -5.97 -7.26 30.40
CA TRP B 660 -6.09 -5.80 30.30
C TRP B 660 -7.33 -5.30 31.02
N THR B 661 -8.45 -6.02 30.86
CA THR B 661 -9.61 -5.93 31.74
C THR B 661 -10.12 -7.35 31.99
N THR B 662 -10.97 -7.49 32.99
CA THR B 662 -11.91 -8.60 32.96
C THR B 662 -12.79 -8.49 31.72
N ILE B 663 -13.10 -9.64 31.11
CA ILE B 663 -14.06 -9.72 30.02
C ILE B 663 -15.32 -10.38 30.53
N ASP B 664 -16.45 -9.66 30.50
CA ASP B 664 -17.73 -10.30 30.73
C ASP B 664 -18.07 -11.06 29.45
N TRP B 665 -17.86 -12.37 29.48
CA TRP B 665 -18.07 -13.21 28.29
C TRP B 665 -19.50 -13.15 27.77
N TYR B 666 -20.48 -12.87 28.63
CA TYR B 666 -21.84 -12.69 28.15
C TYR B 666 -21.99 -11.37 27.38
N ARG B 667 -21.50 -10.28 27.94
CA ARG B 667 -21.53 -9.00 27.23
C ARG B 667 -20.50 -8.90 26.12
N PHE B 668 -19.64 -9.90 25.96
CA PHE B 668 -18.90 -10.06 24.71
C PHE B 668 -19.72 -10.87 23.69
N PHE B 669 -20.24 -12.02 24.12
CA PHE B 669 -21.09 -12.83 23.24
C PHE B 669 -22.28 -12.03 22.73
N CYS B 670 -22.98 -11.34 23.63
CA CYS B 670 -24.09 -10.49 23.21
C CYS B 670 -23.63 -9.31 22.34
N LEU B 671 -22.33 -9.02 22.32
CA LEU B 671 -21.79 -7.90 21.57
C LEU B 671 -21.06 -8.30 20.29
N TRP B 672 -20.56 -9.53 20.20
CA TRP B 672 -20.16 -10.09 18.91
C TRP B 672 -21.37 -10.37 18.03
N GLU B 673 -22.41 -10.97 18.61
CA GLU B 673 -23.63 -11.29 17.87
C GLU B 673 -24.29 -10.06 17.26
N LYS B 674 -24.02 -8.88 17.81
CA LYS B 674 -24.62 -7.63 17.36
C LYS B 674 -23.83 -6.95 16.23
N LEU B 675 -22.66 -7.48 15.86
CA LEU B 675 -21.87 -6.85 14.82
C LEU B 675 -22.50 -6.99 13.45
N PRO B 676 -22.30 -6.00 12.57
CA PRO B 676 -22.70 -6.15 11.16
C PRO B 676 -21.90 -7.23 10.46
N THR B 677 -22.50 -7.81 9.42
CA THR B 677 -21.84 -8.86 8.66
C THR B 677 -20.57 -8.39 7.96
N SER B 678 -20.45 -7.09 7.68
CA SER B 678 -19.15 -6.51 7.33
C SER B 678 -18.07 -6.89 8.34
N MET B 679 -18.44 -6.96 9.62
CA MET B 679 -17.51 -7.21 10.71
C MET B 679 -17.66 -8.57 11.34
N LYS B 680 -18.85 -9.17 11.27
CA LYS B 680 -19.00 -10.59 11.59
C LYS B 680 -18.30 -11.49 10.58
N ARG B 681 -18.07 -10.99 9.36
CA ARG B 681 -17.17 -11.67 8.44
C ARG B 681 -15.74 -11.69 8.99
N VAL B 682 -15.24 -10.52 9.38
CA VAL B 682 -13.90 -10.42 9.97
C VAL B 682 -13.73 -11.38 11.12
N ALA B 683 -14.72 -11.47 12.00
CA ALA B 683 -14.66 -12.42 13.11
C ALA B 683 -14.51 -13.87 12.63
N GLU B 684 -15.13 -14.22 11.50
CA GLU B 684 -14.91 -15.55 10.96
C GLU B 684 -13.45 -15.76 10.55
N LEU B 685 -12.87 -14.77 9.88
CA LEU B 685 -11.51 -14.90 9.35
C LEU B 685 -10.47 -14.78 10.45
N VAL B 686 -10.67 -13.83 11.37
CA VAL B 686 -9.87 -13.74 12.58
C VAL B 686 -9.92 -15.04 13.37
N GLY B 687 -11.07 -15.69 13.40
CA GLY B 687 -11.24 -16.96 14.06
C GLY B 687 -12.05 -16.95 15.34
N VAL B 688 -12.83 -15.89 15.58
CA VAL B 688 -13.74 -15.88 16.71
C VAL B 688 -14.88 -16.86 16.42
N GLU B 689 -15.38 -17.52 17.47
CA GLU B 689 -16.25 -18.66 17.24
C GLU B 689 -17.29 -18.78 18.35
N GLU B 690 -18.51 -19.14 17.95
CA GLU B 690 -19.59 -19.41 18.88
C GLU B 690 -19.26 -20.53 19.85
N GLY B 691 -18.64 -21.60 19.36
CA GLY B 691 -18.25 -22.71 20.21
C GLY B 691 -17.24 -22.37 21.27
N PHE B 692 -16.66 -21.17 21.23
CA PHE B 692 -15.78 -20.68 22.29
C PHE B 692 -16.45 -19.61 23.14
N LEU B 693 -17.01 -18.57 22.52
CA LEU B 693 -17.71 -17.53 23.26
C LEU B 693 -18.84 -18.11 24.12
N ALA B 694 -19.71 -18.92 23.52
CA ALA B 694 -20.79 -19.54 24.26
C ALA B 694 -20.34 -20.64 25.20
N ARG B 695 -19.05 -20.95 25.25
CA ARG B 695 -18.50 -21.84 26.27
C ARG B 695 -17.89 -21.10 27.45
N CYS B 696 -17.30 -19.92 27.23
CA CYS B 696 -16.74 -19.15 28.33
C CYS B 696 -17.82 -18.67 29.29
N VAL B 697 -19.03 -18.40 28.79
CA VAL B 697 -20.14 -18.09 29.67
C VAL B 697 -20.49 -19.27 30.58
N LYS B 698 -20.08 -20.48 30.21
CA LYS B 698 -20.58 -21.71 30.79
C LYS B 698 -19.45 -22.57 31.37
N GLY B 699 -18.33 -21.94 31.73
CA GLY B 699 -17.14 -22.68 32.11
C GLY B 699 -16.01 -21.78 32.57
N LYS B 700 -14.77 -22.12 32.23
CA LYS B 700 -13.62 -21.36 32.71
C LYS B 700 -12.60 -21.15 31.59
N VAL B 701 -11.79 -20.11 31.78
CA VAL B 701 -10.80 -19.63 30.81
C VAL B 701 -9.58 -20.54 30.69
N VAL B 702 -9.49 -21.59 31.51
CA VAL B 702 -8.29 -22.40 31.56
C VAL B 702 -8.16 -23.19 30.25
N ALA B 703 -7.15 -22.84 29.45
CA ALA B 703 -6.85 -23.53 28.20
C ALA B 703 -5.81 -24.62 28.46
N ARG B 704 -6.19 -25.88 28.19
CA ARG B 704 -5.33 -27.01 28.54
C ARG B 704 -4.27 -27.31 27.48
N THR B 705 -4.53 -27.00 26.21
CA THR B 705 -3.64 -27.40 25.13
C THR B 705 -3.41 -26.24 24.18
N GLU B 706 -2.32 -26.35 23.40
CA GLU B 706 -1.87 -25.27 22.53
C GLU B 706 -2.95 -24.82 21.55
N ARG B 707 -3.80 -25.73 21.08
CA ARG B 707 -4.94 -25.32 20.26
C ARG B 707 -5.84 -24.36 21.04
N GLN B 708 -6.25 -24.77 22.23
CA GLN B 708 -7.08 -23.91 23.08
C GLN B 708 -6.32 -22.68 23.54
N HIS B 709 -5.02 -22.83 23.82
CA HIS B 709 -4.24 -21.73 24.37
C HIS B 709 -4.07 -20.58 23.38
N ARG B 710 -3.92 -20.89 22.09
CA ARG B 710 -4.02 -19.83 21.08
C ARG B 710 -5.46 -19.39 20.84
N GLN B 711 -6.41 -20.32 20.84
CA GLN B 711 -7.81 -19.97 20.62
C GLN B 711 -8.28 -18.90 21.60
N MET B 712 -7.89 -19.03 22.88
CA MET B 712 -8.15 -17.96 23.84
C MET B 712 -7.49 -16.65 23.44
N ALA B 713 -6.23 -16.70 22.99
CA ALA B 713 -5.52 -15.48 22.61
C ALA B 713 -6.13 -14.79 21.40
N ILE B 714 -6.77 -15.55 20.50
CA ILE B 714 -7.52 -14.94 19.41
C ILE B 714 -8.65 -14.07 19.94
N HIS B 715 -9.40 -14.58 20.91
CA HIS B 715 -10.61 -13.89 21.39
C HIS B 715 -10.27 -12.69 22.26
N LYS B 716 -9.35 -12.85 23.20
CA LYS B 716 -8.93 -11.72 24.03
C LYS B 716 -8.37 -10.57 23.18
N ARG B 717 -7.67 -10.88 22.11
CA ARG B 717 -7.22 -9.84 21.20
C ARG B 717 -8.37 -9.23 20.40
N PHE B 718 -9.35 -10.03 20.00
CA PHE B 718 -10.51 -9.49 19.31
C PHE B 718 -11.33 -8.55 20.19
N PHE B 719 -11.56 -8.92 21.45
CA PHE B 719 -12.25 -8.02 22.36
C PHE B 719 -11.53 -6.68 22.48
N THR B 720 -10.20 -6.72 22.60
CA THR B 720 -9.42 -5.49 22.60
C THR B 720 -9.53 -4.73 21.28
N SER B 721 -9.77 -5.44 20.17
CA SER B 721 -9.94 -4.77 18.88
C SER B 721 -11.25 -4.00 18.81
N LEU B 722 -12.31 -4.54 19.38
CA LEU B 722 -13.59 -3.82 19.42
C LEU B 722 -13.47 -2.50 20.17
N VAL B 723 -12.86 -2.52 21.35
CA VAL B 723 -12.65 -1.28 22.11
C VAL B 723 -11.81 -0.29 21.32
N LEU B 724 -10.75 -0.77 20.67
CA LEU B 724 -9.86 0.12 19.93
C LEU B 724 -10.52 0.67 18.68
N LEU B 725 -11.38 -0.11 18.04
CA LEU B 725 -12.22 0.41 16.95
C LEU B 725 -13.13 1.53 17.44
N ASP B 726 -13.82 1.31 18.55
CA ASP B 726 -14.74 2.32 19.07
C ASP B 726 -14.04 3.64 19.41
N LEU B 727 -12.77 3.58 19.84
CA LEU B 727 -12.03 4.82 20.08
C LEU B 727 -11.78 5.60 18.79
N ILE B 728 -11.47 4.91 17.69
CA ILE B 728 -11.33 5.60 16.40
C ILE B 728 -12.68 5.84 15.73
N SER B 729 -13.73 5.10 16.13
CA SER B 729 -15.07 5.31 15.62
C SER B 729 -15.76 6.52 16.25
N GLU B 730 -15.03 7.30 17.04
CA GLU B 730 -15.57 8.48 17.75
C GLU B 730 -16.70 8.13 18.71
N VAL B 731 -16.71 6.92 19.25
CA VAL B 731 -17.68 6.60 20.30
C VAL B 731 -17.33 7.38 21.56
N PRO B 732 -18.27 8.08 22.18
CA PRO B 732 -17.95 8.82 23.41
C PRO B 732 -17.43 7.92 24.51
N LEU B 733 -16.36 8.37 25.17
CA LEU B 733 -15.67 7.52 26.14
C LEU B 733 -16.60 7.05 27.26
N ARG B 734 -17.56 7.89 27.65
CA ARG B 734 -18.52 7.49 28.68
C ARG B 734 -19.37 6.31 28.25
N GLU B 735 -19.64 6.18 26.94
CA GLU B 735 -20.31 4.99 26.43
C GLU B 735 -19.41 3.76 26.46
N ILE B 736 -18.18 3.92 25.98
CA ILE B 736 -17.22 2.81 25.93
C ILE B 736 -17.04 2.17 27.31
N ASN B 737 -16.96 3.01 28.35
CA ASN B 737 -16.85 2.47 29.71
C ASN B 737 -18.08 1.66 30.10
N GLN B 738 -19.27 2.05 29.64
CA GLN B 738 -20.44 1.21 29.87
C GLN B 738 -20.42 -0.03 28.99
N LYS B 739 -20.02 0.12 27.72
CA LYS B 739 -20.17 -0.97 26.76
C LYS B 739 -19.23 -2.12 27.05
N TYR B 740 -17.97 -1.82 27.41
CA TYR B 740 -16.99 -2.86 27.64
C TYR B 740 -16.56 -3.02 29.09
N GLY B 741 -16.75 -2.00 29.93
CA GLY B 741 -16.42 -2.08 31.33
C GLY B 741 -14.99 -1.68 31.69
N CYS B 742 -14.22 -1.20 30.73
CA CYS B 742 -12.91 -0.63 31.01
C CYS B 742 -13.08 0.77 31.63
N ASN B 743 -11.96 1.45 31.88
CA ASN B 743 -12.01 2.76 32.49
C ASN B 743 -11.06 3.71 31.78
N ARG B 744 -11.21 5.00 32.07
CA ARG B 744 -10.53 6.09 31.38
C ARG B 744 -9.02 6.10 31.58
N GLY B 745 -8.48 5.26 32.46
CA GLY B 745 -7.04 5.05 32.48
C GLY B 745 -6.56 3.97 31.54
N GLN B 746 -7.25 2.83 31.55
CA GLN B 746 -6.95 1.75 30.61
C GLN B 746 -7.07 2.21 29.16
N ILE B 747 -8.06 3.05 28.86
CA ILE B 747 -8.22 3.60 27.52
C ILE B 747 -6.99 4.36 27.06
N GLN B 748 -6.41 5.20 27.92
CA GLN B 748 -5.15 5.85 27.53
C GLN B 748 -3.99 4.85 27.44
N SER B 749 -3.98 3.82 28.28
CA SER B 749 -2.96 2.78 28.13
C SER B 749 -3.11 2.02 26.83
N LEU B 750 -4.34 1.93 26.31
CA LEU B 750 -4.60 1.31 25.01
C LEU B 750 -4.29 2.24 23.85
N GLN B 751 -4.66 3.51 23.96
CA GLN B 751 -4.32 4.49 22.93
C GLN B 751 -2.82 4.67 22.77
N GLN B 752 -2.08 4.78 23.86
CA GLN B 752 -0.62 4.91 23.77
C GLN B 752 0.05 3.65 23.24
N SER B 753 -0.43 2.47 23.63
CA SER B 753 0.16 1.22 23.17
C SER B 753 -0.21 0.88 21.73
N ALA B 754 -1.44 1.16 21.29
CA ALA B 754 -1.84 0.81 19.94
C ALA B 754 -1.14 1.66 18.88
N ALA B 755 -0.95 2.95 19.15
CA ALA B 755 -0.20 3.79 18.22
C ALA B 755 1.23 3.30 18.01
N VAL B 756 1.85 2.73 19.05
CA VAL B 756 3.17 2.14 18.93
C VAL B 756 3.14 0.78 18.22
N TYR B 757 2.14 -0.05 18.51
CA TYR B 757 2.02 -1.32 17.80
C TYR B 757 1.81 -1.14 16.30
N ALA B 758 1.24 -0.03 15.86
CA ALA B 758 1.18 0.23 14.42
C ALA B 758 2.56 0.41 13.82
N GLY B 759 3.51 0.92 14.58
CA GLY B 759 4.90 1.01 14.17
C GLY B 759 5.67 -0.29 14.21
N MET B 760 5.54 -1.02 15.33
CA MET B 760 6.27 -2.27 15.51
C MET B 760 5.90 -3.31 14.47
N ILE B 761 4.62 -3.43 14.14
CA ILE B 761 4.18 -4.49 13.24
C ILE B 761 4.28 -4.09 11.76
N THR B 762 4.44 -2.81 11.47
CA THR B 762 5.00 -2.40 10.18
C THR B 762 6.39 -2.98 10.00
N VAL B 763 7.30 -2.65 10.93
CA VAL B 763 8.68 -3.13 10.88
C VAL B 763 8.74 -4.66 10.94
N PHE B 764 7.83 -5.28 11.69
CA PHE B 764 7.76 -6.74 11.68
C PHE B 764 7.45 -7.29 10.30
N SER B 765 6.50 -6.69 9.59
CA SER B 765 6.18 -7.13 8.24
C SER B 765 7.26 -6.70 7.24
N ASN B 766 7.83 -5.52 7.43
CA ASN B 766 8.90 -5.03 6.57
C ASN B 766 10.08 -6.01 6.53
N ARG B 767 10.50 -6.52 7.68
CA ARG B 767 11.60 -7.49 7.72
C ARG B 767 11.19 -8.86 7.19
N LEU B 768 9.94 -9.27 7.41
CA LEU B 768 9.45 -10.50 6.79
C LEU B 768 9.41 -10.44 5.27
N GLY B 769 9.63 -9.27 4.67
CA GLY B 769 9.50 -9.10 3.24
C GLY B 769 8.08 -9.02 2.74
N TRP B 770 7.10 -8.94 3.63
CA TRP B 770 5.69 -8.82 3.29
C TRP B 770 5.39 -7.34 3.02
N HIS B 771 5.93 -6.86 1.90
CA HIS B 771 5.89 -5.44 1.56
C HIS B 771 4.50 -4.95 1.16
N ASN B 772 3.58 -5.84 0.80
CA ASN B 772 2.20 -5.40 0.59
C ASN B 772 1.48 -5.13 1.91
N MET B 773 1.50 -6.12 2.81
CA MET B 773 0.93 -5.94 4.15
C MET B 773 1.60 -4.80 4.91
N GLU B 774 2.92 -4.64 4.76
CA GLU B 774 3.59 -3.46 5.30
C GLU B 774 2.96 -2.16 4.82
N LEU B 775 2.57 -2.08 3.55
CA LEU B 775 2.08 -0.81 3.03
C LEU B 775 0.67 -0.51 3.49
N LEU B 776 -0.17 -1.54 3.67
CA LEU B 776 -1.46 -1.35 4.32
C LEU B 776 -1.31 -0.90 5.77
N LEU B 777 -0.43 -1.57 6.52
CA LEU B 777 -0.17 -1.20 7.91
C LEU B 777 0.46 0.19 8.02
N SER B 778 1.40 0.52 7.14
CA SER B 778 2.04 1.83 7.19
C SER B 778 1.10 2.96 6.81
N GLN B 779 0.18 2.74 5.88
CA GLN B 779 -0.86 3.72 5.61
C GLN B 779 -1.82 3.86 6.79
N PHE B 780 -2.25 2.75 7.37
CA PHE B 780 -3.19 2.80 8.48
C PHE B 780 -2.60 3.47 9.71
N GLN B 781 -1.29 3.32 9.92
CA GLN B 781 -0.60 4.04 11.00
C GLN B 781 -0.77 5.56 10.90
N LYS B 782 -1.07 6.10 9.72
CA LYS B 782 -1.35 7.53 9.60
C LYS B 782 -2.65 7.95 10.28
N ARG B 783 -3.57 7.01 10.48
CA ARG B 783 -4.87 7.32 11.10
C ARG B 783 -4.86 7.22 12.62
N LEU B 784 -3.96 6.43 13.21
CA LEU B 784 -3.86 6.30 14.66
C LEU B 784 -3.13 7.51 15.26
N THR B 785 -3.78 8.66 15.15
CA THR B 785 -3.49 9.81 16.00
C THR B 785 -4.81 10.40 16.47
N PHE B 786 -4.86 10.77 17.75
CA PHE B 786 -6.12 11.03 18.42
C PHE B 786 -6.33 12.48 18.82
N GLY B 787 -5.34 13.35 18.63
CA GLY B 787 -5.50 14.75 18.99
C GLY B 787 -6.03 15.62 17.87
N ILE B 788 -7.21 16.17 18.06
CA ILE B 788 -7.80 17.09 17.09
C ILE B 788 -7.16 18.46 17.24
N GLN B 789 -6.81 19.08 16.12
CA GLN B 789 -6.20 20.40 16.17
C GLN B 789 -7.19 21.47 16.57
N ARG B 790 -6.75 22.37 17.45
CA ARG B 790 -7.59 23.46 17.94
C ARG B 790 -8.05 24.39 16.82
N GLU B 791 -7.32 24.44 15.71
CA GLU B 791 -7.77 25.18 14.54
C GLU B 791 -9.03 24.55 13.92
N LEU B 792 -9.13 23.22 13.97
CA LEU B 792 -10.38 22.57 13.56
C LEU B 792 -11.45 22.63 14.63
N CYS B 793 -11.04 22.74 15.91
CA CYS B 793 -11.98 22.62 17.02
C CYS B 793 -13.08 23.67 17.00
N ASP B 794 -12.87 24.80 16.32
CA ASP B 794 -13.97 25.74 16.09
C ASP B 794 -15.14 25.06 15.37
N LEU B 795 -14.86 24.36 14.26
CA LEU B 795 -15.92 23.66 13.55
C LEU B 795 -16.54 22.55 14.40
N VAL B 796 -15.74 21.94 15.28
CA VAL B 796 -16.22 20.86 16.14
C VAL B 796 -17.31 21.32 17.11
N ARG B 797 -17.50 22.63 17.27
CA ARG B 797 -18.65 23.12 18.02
C ARG B 797 -19.96 22.69 17.40
N VAL B 798 -20.01 22.54 16.08
CA VAL B 798 -21.27 22.21 15.41
C VAL B 798 -21.66 20.77 15.72
N SER B 799 -22.90 20.60 16.20
CA SER B 799 -23.38 19.30 16.66
C SER B 799 -23.23 18.22 15.60
N LEU B 800 -23.49 18.56 14.33
CA LEU B 800 -23.42 17.58 13.25
C LEU B 800 -22.01 17.32 12.75
N LEU B 801 -21.01 18.10 13.18
CA LEU B 801 -19.66 17.97 12.63
C LEU B 801 -18.87 17.01 13.49
N ASN B 802 -18.94 15.73 13.12
CA ASN B 802 -17.86 14.80 13.41
C ASN B 802 -16.54 15.36 12.89
N ALA B 803 -15.44 14.92 13.51
CA ALA B 803 -14.13 15.48 13.19
C ALA B 803 -13.81 15.28 11.70
N GLN B 804 -14.25 14.16 11.13
CA GLN B 804 -14.15 13.96 9.68
C GLN B 804 -14.89 15.06 8.93
N ARG B 805 -16.17 15.26 9.25
CA ARG B 805 -16.99 16.25 8.56
C ARG B 805 -16.48 17.66 8.77
N ALA B 806 -16.03 17.99 9.98
CA ALA B 806 -15.35 19.26 10.20
C ALA B 806 -14.10 19.39 9.34
N ARG B 807 -13.26 18.35 9.34
CA ARG B 807 -12.00 18.40 8.59
C ARG B 807 -12.23 18.53 7.09
N VAL B 808 -13.17 17.77 6.53
CA VAL B 808 -13.43 17.88 5.09
C VAL B 808 -14.06 19.21 4.73
N LEU B 809 -14.90 19.79 5.60
CA LEU B 809 -15.35 21.16 5.38
C LEU B 809 -14.16 22.13 5.41
N TYR B 810 -13.29 21.99 6.40
CA TYR B 810 -12.13 22.85 6.49
C TYR B 810 -11.16 22.62 5.33
N ALA B 811 -11.05 21.37 4.87
CA ALA B 811 -10.28 21.10 3.66
C ALA B 811 -10.96 21.66 2.42
N SER B 812 -12.28 21.60 2.36
CA SER B 812 -13.00 22.08 1.18
C SER B 812 -13.06 23.61 1.12
N GLY B 813 -13.22 24.27 2.27
CA GLY B 813 -13.43 25.70 2.23
C GLY B 813 -12.89 26.50 3.39
N PHE B 814 -12.08 25.89 4.25
CA PHE B 814 -11.39 26.60 5.34
C PHE B 814 -12.40 27.31 6.23
N HIS B 815 -13.59 26.73 6.34
CA HIS B 815 -14.75 27.44 6.87
C HIS B 815 -14.60 27.74 8.36
N THR B 816 -14.89 28.98 8.73
CA THR B 816 -15.39 29.29 10.06
C THR B 816 -16.88 28.93 10.10
N VAL B 817 -17.39 28.68 11.31
CA VAL B 817 -18.82 28.37 11.45
C VAL B 817 -19.67 29.51 10.90
N ALA B 818 -19.16 30.75 10.93
CA ALA B 818 -19.82 31.84 10.21
C ALA B 818 -19.95 31.54 8.73
N ASP B 819 -18.91 30.94 8.13
CA ASP B 819 -18.95 30.59 6.71
C ASP B 819 -19.84 29.39 6.44
N LEU B 820 -19.93 28.45 7.38
CA LEU B 820 -20.92 27.39 7.27
C LEU B 820 -22.35 27.92 7.34
N ALA B 821 -22.58 28.99 8.11
CA ALA B 821 -23.88 29.65 8.07
C ALA B 821 -24.07 30.41 6.77
N ARG B 822 -23.00 30.95 6.21
CA ARG B 822 -23.06 31.61 4.92
C ARG B 822 -23.24 30.64 3.77
N ALA B 823 -22.83 29.38 3.95
CA ALA B 823 -22.84 28.40 2.88
C ALA B 823 -24.25 28.07 2.43
N ASN B 824 -24.38 27.74 1.15
CA ASN B 824 -25.64 27.23 0.59
C ASN B 824 -25.82 25.76 0.97
N ILE B 825 -27.04 25.42 1.38
CA ILE B 825 -27.34 24.07 1.85
C ILE B 825 -27.06 23.02 0.77
N VAL B 826 -27.18 23.39 -0.49
CA VAL B 826 -26.90 22.45 -1.57
C VAL B 826 -25.40 22.27 -1.75
N GLU B 827 -24.64 23.36 -1.63
CA GLU B 827 -23.19 23.27 -1.60
C GLU B 827 -22.70 22.43 -0.43
N VAL B 828 -23.29 22.60 0.75
CA VAL B 828 -22.98 21.75 1.89
C VAL B 828 -23.31 20.29 1.59
N GLU B 829 -24.50 20.04 1.04
CA GLU B 829 -24.89 18.69 0.67
C GLU B 829 -23.93 18.07 -0.34
N VAL B 830 -23.49 18.84 -1.32
CA VAL B 830 -22.48 18.35 -2.27
C VAL B 830 -21.16 18.03 -1.56
N ILE B 831 -20.73 18.90 -0.65
CA ILE B 831 -19.53 18.64 0.14
C ILE B 831 -19.70 17.37 0.99
N LEU B 832 -20.82 17.24 1.68
CA LEU B 832 -21.05 16.04 2.50
C LEU B 832 -21.06 14.75 1.68
N LYS B 833 -21.55 14.79 0.44
CA LYS B 833 -21.52 13.61 -0.41
C LYS B 833 -20.18 13.38 -1.10
N ASN B 834 -19.47 14.46 -1.46
CA ASN B 834 -18.15 14.29 -2.06
C ASN B 834 -17.11 13.79 -1.07
N ALA B 835 -17.30 14.04 0.22
CA ALA B 835 -16.28 13.71 1.20
C ALA B 835 -16.09 12.20 1.38
N VAL B 836 -17.17 11.43 1.29
CA VAL B 836 -17.10 10.01 1.61
C VAL B 836 -16.52 9.18 0.47
N PRO B 837 -15.91 8.03 0.76
CA PRO B 837 -15.72 7.00 -0.27
C PRO B 837 -17.04 6.46 -0.81
N PHE B 838 -17.01 6.06 -2.08
CA PHE B 838 -18.19 5.47 -2.71
C PHE B 838 -18.53 4.11 -2.11
N LYS B 839 -19.80 3.92 -1.76
CA LYS B 839 -20.38 2.61 -1.50
C LYS B 839 -21.74 2.52 -2.19
N SER B 840 -21.99 1.40 -2.86
CA SER B 840 -23.19 1.28 -3.68
C SER B 840 -24.43 1.10 -2.81
N ALA B 841 -25.47 1.86 -3.12
CA ALA B 841 -26.82 1.59 -2.63
C ALA B 841 -27.45 0.37 -3.29
N ARG B 842 -27.03 0.03 -4.52
CA ARG B 842 -27.49 -1.19 -5.16
C ARG B 842 -27.00 -2.44 -4.44
N LYS B 843 -27.85 -3.47 -4.49
CA LYS B 843 -27.44 -4.83 -4.24
C LYS B 843 -26.79 -5.41 -5.49
N ALA B 844 -25.76 -6.23 -5.31
CA ALA B 844 -25.19 -7.00 -6.40
C ALA B 844 -25.69 -8.44 -6.35
N VAL B 845 -25.53 -9.12 -7.48
CA VAL B 845 -25.85 -10.54 -7.56
C VAL B 845 -25.03 -11.33 -6.56
N ASP B 846 -25.64 -12.35 -5.97
CA ASP B 846 -25.05 -13.21 -4.95
C ASP B 846 -24.56 -12.45 -3.71
N GLU B 847 -25.01 -11.20 -3.51
CA GLU B 847 -25.04 -10.67 -2.16
C GLU B 847 -26.22 -11.23 -1.39
N GLU B 848 -26.21 -10.99 -0.09
CA GLU B 848 -27.41 -11.09 0.73
C GLU B 848 -27.74 -9.72 1.31
N GLU B 849 -29.04 -9.48 1.55
CA GLU B 849 -29.54 -8.13 1.76
C GLU B 849 -28.85 -7.44 2.93
N GLU B 850 -28.46 -8.19 3.96
CA GLU B 850 -27.73 -7.58 5.08
C GLU B 850 -26.46 -6.89 4.60
N ALA B 851 -25.78 -7.46 3.60
CA ALA B 851 -24.53 -6.90 3.12
C ALA B 851 -24.70 -5.54 2.44
N VAL B 852 -25.85 -5.30 1.82
CA VAL B 852 -26.12 -4.00 1.22
C VAL B 852 -26.77 -3.03 2.20
N GLU B 853 -27.58 -3.53 3.14
CA GLU B 853 -28.07 -2.68 4.22
C GLU B 853 -26.93 -2.01 4.98
N GLU B 854 -25.81 -2.71 5.15
CA GLU B 854 -24.67 -2.12 5.83
C GLU B 854 -23.97 -1.04 5.00
N ARG B 855 -23.96 -1.16 3.67
CA ARG B 855 -23.48 -0.05 2.85
C ARG B 855 -24.39 1.17 2.93
N ARG B 856 -25.71 0.95 2.86
CA ARG B 856 -26.66 2.05 2.98
C ARG B 856 -26.61 2.70 4.36
N ASN B 857 -26.68 1.88 5.42
CA ASN B 857 -26.59 2.43 6.77
C ASN B 857 -25.24 3.06 7.08
N MET B 858 -24.17 2.70 6.36
CA MET B 858 -22.91 3.39 6.52
C MET B 858 -22.84 4.71 5.77
N ARG B 859 -23.65 4.87 4.72
CA ARG B 859 -23.64 6.10 3.94
C ARG B 859 -24.38 7.23 4.64
N THR B 860 -25.50 6.91 5.30
CA THR B 860 -26.24 7.87 6.08
C THR B 860 -25.48 8.25 7.35
N ILE B 861 -25.97 9.30 8.01
CA ILE B 861 -25.42 9.78 9.27
C ILE B 861 -26.49 9.62 10.36
N TRP B 862 -26.02 9.32 11.57
CA TRP B 862 -26.85 9.08 12.75
C TRP B 862 -28.04 10.03 12.86
N LEU B 869 -30.11 10.43 9.29
CA LEU B 869 -30.24 11.55 8.36
C LEU B 869 -29.58 11.23 7.02
N THR B 870 -30.29 11.49 5.94
CA THR B 870 -29.68 11.58 4.63
C THR B 870 -28.91 12.90 4.50
N GLU B 871 -27.89 12.90 3.64
CA GLU B 871 -26.98 14.05 3.53
C GLU B 871 -27.75 15.34 3.25
N ARG B 872 -28.78 15.26 2.41
CA ARG B 872 -29.63 16.42 2.16
C ARG B 872 -30.28 16.92 3.46
N GLU B 873 -30.72 16.00 4.31
CA GLU B 873 -31.38 16.38 5.56
C GLU B 873 -30.38 17.04 6.51
N ALA B 874 -29.24 16.39 6.72
CA ALA B 874 -28.17 16.94 7.54
C ALA B 874 -27.69 18.29 7.00
N ALA B 875 -27.60 18.42 5.67
CA ALA B 875 -27.15 19.67 5.06
C ALA B 875 -28.09 20.84 5.30
N ALA B 876 -29.36 20.60 5.61
CA ALA B 876 -30.19 21.70 6.10
C ALA B 876 -29.94 21.98 7.57
N LEU B 877 -30.04 20.95 8.41
CA LEU B 877 -29.89 21.14 9.85
C LEU B 877 -28.55 21.76 10.22
N ILE B 878 -27.49 21.41 9.48
CA ILE B 878 -26.16 21.97 9.76
C ILE B 878 -26.12 23.47 9.52
N VAL B 879 -26.84 23.96 8.51
CA VAL B 879 -26.86 25.41 8.29
C VAL B 879 -27.74 26.10 9.33
N GLU B 880 -28.86 25.47 9.68
CA GLU B 880 -29.70 26.00 10.75
C GLU B 880 -28.97 26.00 12.09
N GLU B 881 -28.18 24.96 12.36
CA GLU B 881 -27.30 24.95 13.53
C GLU B 881 -26.21 26.02 13.46
N ALA B 882 -25.50 26.10 12.34
CA ALA B 882 -24.42 27.09 12.22
C ALA B 882 -24.90 28.52 12.39
N ARG B 883 -26.05 28.86 11.81
CA ARG B 883 -26.60 30.21 11.95
C ARG B 883 -27.32 30.44 13.28
N MET B 884 -27.71 29.38 13.99
CA MET B 884 -28.06 29.54 15.40
C MET B 884 -26.84 29.80 16.28
N ILE B 885 -25.71 29.16 15.97
CA ILE B 885 -24.47 29.44 16.70
C ILE B 885 -24.02 30.88 16.46
N LEU B 886 -23.99 31.30 15.19
CA LEU B 886 -23.36 32.57 14.84
C LEU B 886 -23.96 33.75 15.62
N GLN B 887 -25.30 33.81 15.69
CA GLN B 887 -25.93 34.89 16.46
C GLN B 887 -25.63 34.81 17.94
N GLN B 888 -25.23 33.64 18.44
CA GLN B 888 -24.76 33.50 19.82
C GLN B 888 -23.25 33.63 19.94
N ASP B 889 -22.51 33.37 18.86
CA ASP B 889 -21.05 33.44 18.88
C ASP B 889 -20.53 34.86 18.71
N LEU B 890 -21.31 35.75 18.09
CA LEU B 890 -20.87 37.12 17.88
C LEU B 890 -20.89 37.96 19.15
N VAL B 891 -21.28 37.41 20.29
CA VAL B 891 -21.46 38.20 21.50
C VAL B 891 -20.68 37.57 22.66
#